data_7RHL
#
_entry.id   7RHL
#
_cell.length_a   1.00
_cell.length_b   1.00
_cell.length_c   1.00
_cell.angle_alpha   90.00
_cell.angle_beta   90.00
_cell.angle_gamma   90.00
#
_symmetry.space_group_name_H-M   'P 1'
#
loop_
_entity.id
_entity.type
_entity.pdbx_description
1 polymer 'cGMP-gated cation channel alpha-1'
2 polymer 'Cyclic nucleotide-gated cation channel beta-1'
#
loop_
_entity_poly.entity_id
_entity_poly.type
_entity_poly.pdbx_seq_one_letter_code
_entity_poly.pdbx_strand_id
1 'polypeptide(L)'
;MDYKDDDDKGGSASKDKKEEEKKEVVVIDPSGNTYYNWLFCITLPVMYNWTMVIARACFDELQSDYLEYWLILDYVSDIV
YLIDMFVRTRTGYLEQGLLVKEELKLINKYKSNLQFKLDVLSLIPTDLLYFKLGWNYPEIRLNRLLRFSRMFEFFQRTET
RTNYPNIFRISNLVMYIVIIIHWNACVFYSISKAIGFGNDTWVYPDINDPEFGRLARKYVYSLYWSTLTLTTIGETPPPV
RDSEYVFVVVDFLIGVLIFATIVGNIGSMISNMNAARAEFQARIDAIKQYMHFRNVSKDMEKRVIKWFDYLWTNKKTVDE
KEVLKYLPDKLRAEIAINVHLDTLKKVRIFADCEAGLLVELVLKLQPQVYSPGDYICKKGDIGREMYIIKEGKLAVVADD
GVTQFVVLSDGSYFGEISILNIKGSKAGNRRTANIKSIGYSDLFCLSKDDLMEALTEYPDAKTMLEEKGKQILMKDGLLD
LNIANAGSDPKDLEEKVTRMEGSVDLLQTRFARILAEYESMQQKLKQRLTKVEKFLKPLIDTEFSSIEGPGAESGPIDST
;
C,A,D
2 'polypeptide(L)'
;MDYKDDDDKGGSASSGVPATKQHPEVQVEDTDADSCPLMAEENPPSTVLPPPSPAKSDTLIVPSSASGTHRKKLPSEDDE
AEELKALSPAESPVVAWSDPTTPKDTDGQDRAASTASTNSAIINDRLQELVKLFKERTEKVKEKLIDPDVTSDEESPKPS
PAKKAPEPAPDTKPAEAEPVEEEHYCDMLCCKFKHRPWKKYQFPQSIDPLTNLMYVLWLFFVVMAWNWNCWLIPVRWAFP
YQTPDNIHHWLLMDYLCDLIYFLDITVFQTRLQFVRGGDIITDKKDMRNNYLKSRRFKMDLLSLLPLDFLYLKVGVNPLL
RLPRCLKYMAFFEFNSRLESILSKAYVYRVIRTTAYLLYSLHLNSCLYYWASAYQGLGSTHWVYDGVGNSYIRCYYFAVK
TLITIGGLPDPKTLFEIVFQLLNYFTGVFAFSVMIGQMRDVVGAATAGQTYYRSCMDSTVKYMNFYKIPKSVQNRVKTWY
EYTWHSQGMLDESELMVQLPDKMRLDLAIDVNYNIVSKVALFQGCDRQMIFDMLKRLRSVVYLPNDYVCKKGEIGREMYI
IQAGQVQVLGGPDGKSVLVTLKAGSVFGEISLLAVGGGNRRTANVVAHGFTNLFILDKKDLNEILVHYPESQKLLRKKAR
RMLRSNNKPKEEKSVLILPPRAGTPKLFNAALAMTGKMGGKGAKGGKLAHLRARLKELAALEAAAKQQELVEQAKSSQDV
KGEEGSAAPDQHTHPKEAATDPPAPRTPPEPPGSPPSSPPPASLGRPEGEEEGPAEPEEHSVRICMSPGPEPGEQILSVK
MPEEREEKAE
;
B
#
# COMPACT_ATOMS: atom_id res chain seq x y z
N VAL A 26 9.22 41.76 21.53
CA VAL A 26 9.40 40.84 20.41
C VAL A 26 9.00 39.43 20.85
N VAL A 27 8.45 38.66 19.91
CA VAL A 27 8.01 37.29 20.16
C VAL A 27 8.66 36.39 19.11
N ILE A 28 9.24 35.28 19.57
CA ILE A 28 9.92 34.35 18.67
C ILE A 28 8.88 33.42 18.05
N ASP A 29 8.85 33.40 16.72
CA ASP A 29 8.01 32.45 16.00
C ASP A 29 8.62 31.05 16.10
N PRO A 30 7.88 30.06 16.60
CA PRO A 30 8.45 28.69 16.69
C PRO A 30 8.83 28.10 15.35
N SER A 31 8.14 28.46 14.27
CA SER A 31 8.46 27.94 12.96
C SER A 31 9.59 28.71 12.28
N GLY A 32 10.08 29.78 12.88
CA GLY A 32 11.12 30.58 12.27
C GLY A 32 12.51 29.98 12.41
N ASN A 33 13.46 30.63 11.73
CA ASN A 33 14.85 30.19 11.79
C ASN A 33 15.51 30.56 13.10
N THR A 34 15.09 31.66 13.73
CA THR A 34 15.66 32.06 15.01
C THR A 34 15.35 31.04 16.10
N TYR A 35 14.15 30.47 16.07
CA TYR A 35 13.80 29.44 17.04
C TYR A 35 14.66 28.20 16.85
N TYR A 36 14.93 27.83 15.60
CA TYR A 36 15.85 26.72 15.32
C TYR A 36 17.26 27.01 15.81
N ASN A 37 17.75 28.23 15.58
CA ASN A 37 19.09 28.59 16.04
C ASN A 37 19.17 28.52 17.57
N TRP A 38 18.13 29.00 18.25
CA TRP A 38 18.14 28.89 19.70
C TRP A 38 17.98 27.43 20.15
N LEU A 39 17.25 26.62 19.39
CA LEU A 39 17.16 25.20 19.69
C LEU A 39 18.52 24.53 19.68
N PHE A 40 19.34 24.86 18.68
CA PHE A 40 20.72 24.37 18.67
C PHE A 40 21.52 24.90 19.85
N CYS A 41 21.38 26.21 20.13
CA CYS A 41 22.16 26.86 21.17
C CYS A 41 21.79 26.39 22.57
N ILE A 42 20.60 25.84 22.75
CA ILE A 42 20.23 25.23 24.03
C ILE A 42 20.46 23.72 24.03
N THR A 43 20.47 23.08 22.86
CA THR A 43 20.75 21.64 22.82
C THR A 43 22.20 21.35 23.14
N LEU A 44 23.12 22.26 22.80
CA LEU A 44 24.51 22.03 23.18
C LEU A 44 24.72 21.91 24.68
N PRO A 45 24.21 22.80 25.55
CA PRO A 45 24.30 22.55 26.99
C PRO A 45 23.56 21.30 27.45
N VAL A 46 22.45 20.95 26.81
CA VAL A 46 21.70 19.76 27.22
C VAL A 46 22.50 18.50 26.92
N MET A 47 23.08 18.41 25.73
CA MET A 47 23.94 17.29 25.39
C MET A 47 25.15 17.23 26.31
N TYR A 48 25.74 18.40 26.58
CA TYR A 48 26.89 18.49 27.49
C TYR A 48 26.53 17.95 28.87
N ASN A 49 25.38 18.34 29.40
CA ASN A 49 24.95 17.84 30.71
C ASN A 49 24.71 16.34 30.65
N TRP A 50 23.90 15.89 29.69
CA TRP A 50 23.47 14.49 29.60
C TRP A 50 24.64 13.53 29.42
N THR A 51 25.76 13.99 28.87
CA THR A 51 26.93 13.14 28.83
C THR A 51 27.86 13.38 30.03
N MET A 52 28.35 14.60 30.17
CA MET A 52 29.48 14.83 31.05
C MET A 52 29.10 14.88 32.52
N VAL A 53 27.82 15.08 32.87
CA VAL A 53 27.45 15.05 34.28
C VAL A 53 27.64 13.64 34.85
N ILE A 54 27.12 12.63 34.15
CA ILE A 54 27.34 11.25 34.58
C ILE A 54 28.79 10.85 34.37
N ALA A 55 29.46 11.43 33.36
CA ALA A 55 30.88 11.15 33.17
C ALA A 55 31.72 11.60 34.37
N ARG A 56 31.43 12.79 34.90
CA ARG A 56 32.16 13.27 36.07
C ARG A 56 31.70 12.59 37.36
N ALA A 57 30.41 12.25 37.44
CA ALA A 57 29.91 11.55 38.63
C ALA A 57 30.57 10.18 38.77
N CYS A 58 30.75 9.47 37.66
CA CYS A 58 31.31 8.13 37.73
C CYS A 58 32.84 8.11 37.69
N PHE A 59 33.46 9.03 36.96
CA PHE A 59 34.91 9.12 36.89
C PHE A 59 35.35 10.30 37.76
N ASP A 60 35.81 10.00 38.97
CA ASP A 60 36.22 11.05 39.90
C ASP A 60 37.45 11.80 39.40
N GLU A 61 38.34 11.11 38.67
CA GLU A 61 39.51 11.78 38.12
C GLU A 61 39.11 12.83 37.09
N LEU A 62 38.08 12.56 36.29
CA LEU A 62 37.63 13.52 35.29
C LEU A 62 37.10 14.79 35.93
N GLN A 63 36.36 14.67 37.03
CA GLN A 63 35.86 15.85 37.73
C GLN A 63 36.95 16.56 38.50
N SER A 64 37.90 15.82 39.08
CA SER A 64 38.92 16.45 39.91
C SER A 64 39.99 17.15 39.08
N ASP A 65 40.32 16.61 37.90
CA ASP A 65 41.45 17.14 37.14
C ASP A 65 41.14 18.49 36.52
N TYR A 66 39.92 18.70 36.02
CA TYR A 66 39.58 19.89 35.25
C TYR A 66 38.47 20.69 35.89
N LEU A 67 38.48 20.76 37.23
CA LEU A 67 37.37 21.33 38.00
C LEU A 67 37.04 22.76 37.59
N GLU A 68 38.07 23.56 37.31
CA GLU A 68 37.85 24.93 36.85
C GLU A 68 37.07 24.95 35.55
N TYR A 69 37.48 24.12 34.59
CA TYR A 69 36.78 24.01 33.31
C TYR A 69 35.34 23.56 33.50
N TRP A 70 35.14 22.55 34.34
CA TRP A 70 33.80 22.02 34.58
C TRP A 70 32.90 23.10 35.16
N LEU A 71 33.41 23.82 36.16
CA LEU A 71 32.64 24.89 36.78
C LEU A 71 32.27 25.97 35.78
N ILE A 72 33.21 26.35 34.90
CA ILE A 72 32.92 27.36 33.88
C ILE A 72 31.82 26.87 32.95
N LEU A 73 31.95 25.63 32.48
CA LEU A 73 30.96 25.07 31.55
C LEU A 73 29.60 24.89 32.21
N ASP A 74 29.58 24.54 33.50
CA ASP A 74 28.32 24.38 34.20
C ASP A 74 27.63 25.72 34.43
N TYR A 75 28.39 26.76 34.77
CA TYR A 75 27.80 28.09 34.90
C TYR A 75 27.26 28.59 33.56
N VAL A 76 28.01 28.32 32.48
CA VAL A 76 27.54 28.70 31.15
C VAL A 76 26.26 27.96 30.80
N SER A 77 26.20 26.66 31.12
CA SER A 77 25.01 25.87 30.84
C SER A 77 23.81 26.37 31.63
N ASP A 78 24.02 26.76 32.89
CA ASP A 78 22.93 27.31 33.69
C ASP A 78 22.45 28.65 33.15
N ILE A 79 23.38 29.49 32.68
CA ILE A 79 22.99 30.76 32.07
C ILE A 79 22.17 30.52 30.81
N VAL A 80 22.60 29.58 29.98
CA VAL A 80 21.85 29.27 28.76
C VAL A 80 20.49 28.65 29.10
N TYR A 81 20.41 27.91 30.21
CA TYR A 81 19.10 27.41 30.68
C TYR A 81 18.18 28.56 31.07
N LEU A 82 18.73 29.58 31.75
CA LEU A 82 17.93 30.75 32.10
C LEU A 82 17.45 31.48 30.85
N ILE A 83 18.33 31.64 29.86
CA ILE A 83 17.92 32.28 28.61
C ILE A 83 16.90 31.42 27.88
N ASP A 84 16.97 30.10 28.02
CA ASP A 84 15.96 29.22 27.44
C ASP A 84 14.61 29.42 28.10
N MET A 85 14.59 29.61 29.42
CA MET A 85 13.35 29.95 30.10
C MET A 85 12.80 31.29 29.62
N PHE A 86 13.68 32.27 29.42
CA PHE A 86 13.25 33.56 28.87
C PHE A 86 12.68 33.40 27.46
N VAL A 87 13.31 32.56 26.64
CA VAL A 87 12.83 32.32 25.28
C VAL A 87 11.47 31.65 25.31
N ARG A 88 11.28 30.69 26.22
CA ARG A 88 9.98 30.03 26.34
C ARG A 88 8.90 30.98 26.84
N THR A 89 9.28 31.98 27.65
CA THR A 89 8.33 33.06 27.93
C THR A 89 8.06 33.90 26.69
N ARG A 90 9.06 34.06 25.83
CA ARG A 90 8.94 34.87 24.63
C ARG A 90 8.54 34.08 23.40
N THR A 91 8.28 32.79 23.53
CA THR A 91 7.94 31.94 22.38
C THR A 91 6.43 31.96 22.16
N GLY A 92 6.01 32.38 20.96
CA GLY A 92 4.60 32.43 20.65
C GLY A 92 4.04 31.09 20.25
N TYR A 93 2.71 31.04 20.20
CA TYR A 93 1.98 29.87 19.76
C TYR A 93 0.82 30.32 18.89
N LEU A 94 0.29 29.39 18.11
CA LEU A 94 -0.78 29.70 17.16
C LEU A 94 -2.12 29.55 17.88
N GLU A 95 -2.83 30.65 18.02
CA GLU A 95 -4.21 30.66 18.49
C GLU A 95 -5.07 31.37 17.45
N GLN A 96 -6.15 30.71 17.03
CA GLN A 96 -7.00 31.18 15.94
C GLN A 96 -6.18 31.43 14.68
N GLY A 97 -5.22 30.55 14.42
CA GLY A 97 -4.36 30.67 13.25
C GLY A 97 -3.37 31.80 13.29
N LEU A 98 -3.26 32.51 14.41
CA LEU A 98 -2.38 33.66 14.53
C LEU A 98 -1.44 33.49 15.72
N LEU A 99 -0.24 34.04 15.58
CA LEU A 99 0.76 33.96 16.63
C LEU A 99 0.39 34.89 17.78
N VAL A 100 0.41 34.37 19.00
CA VAL A 100 0.07 35.17 20.17
C VAL A 100 1.27 36.03 20.53
N LYS A 101 1.08 37.35 20.52
CA LYS A 101 2.14 38.30 20.84
C LYS A 101 1.92 38.99 22.18
N GLU A 102 0.99 38.49 23.00
CA GLU A 102 0.70 39.10 24.28
C GLU A 102 1.54 38.43 25.36
N GLU A 103 2.30 39.22 26.11
CA GLU A 103 3.25 38.69 27.07
C GLU A 103 2.56 37.88 28.16
N LEU A 104 1.40 38.37 28.64
CA LEU A 104 0.70 37.68 29.73
C LEU A 104 0.22 36.30 29.31
N LYS A 105 -0.35 36.19 28.09
CA LYS A 105 -0.82 34.89 27.62
C LYS A 105 0.34 33.93 27.39
N LEU A 106 1.46 34.43 26.87
CA LEU A 106 2.63 33.59 26.68
C LEU A 106 3.18 33.08 28.02
N ILE A 107 3.24 33.96 29.02
CA ILE A 107 3.73 33.57 30.34
C ILE A 107 2.79 32.54 30.97
N ASN A 108 1.48 32.76 30.86
CA ASN A 108 0.52 31.82 31.43
C ASN A 108 0.56 30.47 30.72
N LYS A 109 0.72 30.48 29.39
CA LYS A 109 0.81 29.24 28.64
C LYS A 109 2.09 28.48 29.00
N TYR A 110 3.20 29.19 29.19
CA TYR A 110 4.42 28.53 29.61
C TYR A 110 4.27 27.93 31.00
N LYS A 111 3.76 28.72 31.96
CA LYS A 111 3.67 28.26 33.34
C LYS A 111 2.63 27.16 33.51
N SER A 112 1.61 27.13 32.66
CA SER A 112 0.59 26.09 32.77
C SER A 112 1.10 24.73 32.31
N ASN A 113 2.07 24.73 31.40
CA ASN A 113 2.61 23.48 30.87
C ASN A 113 3.52 22.81 31.89
N LEU A 114 3.68 21.50 31.72
CA LEU A 114 4.61 20.73 32.54
C LEU A 114 6.05 21.16 32.32
N GLN A 115 6.36 21.71 31.15
CA GLN A 115 7.74 22.07 30.82
C GLN A 115 8.27 23.17 31.73
N PHE A 116 7.40 24.08 32.20
CA PHE A 116 7.87 25.09 33.15
C PHE A 116 8.29 24.46 34.46
N LYS A 117 7.52 23.48 34.94
CA LYS A 117 7.91 22.74 36.14
C LYS A 117 9.20 21.99 35.92
N LEU A 118 9.37 21.36 34.75
CA LEU A 118 10.60 20.64 34.45
C LEU A 118 11.80 21.59 34.41
N ASP A 119 11.62 22.78 33.83
CA ASP A 119 12.70 23.77 33.81
C ASP A 119 13.05 24.25 35.20
N VAL A 120 12.03 24.47 36.05
CA VAL A 120 12.29 24.91 37.42
C VAL A 120 13.04 23.84 38.20
N LEU A 121 12.63 22.57 38.07
CA LEU A 121 13.36 21.49 38.74
C LEU A 121 14.75 21.29 38.13
N SER A 122 14.92 21.65 36.85
CA SER A 122 16.23 21.57 36.23
C SER A 122 17.15 22.71 36.66
N LEU A 123 16.59 23.82 37.14
CA LEU A 123 17.41 24.97 37.54
C LEU A 123 17.39 25.23 39.05
N ILE A 124 17.10 24.22 39.86
CA ILE A 124 17.29 24.37 41.31
C ILE A 124 18.79 24.51 41.58
N PRO A 125 19.22 25.47 42.39
CA PRO A 125 20.64 25.57 42.71
C PRO A 125 21.10 24.45 43.62
N THR A 126 21.23 23.24 43.06
CA THR A 126 21.76 22.10 43.80
C THR A 126 23.28 22.13 43.90
N ASP A 127 23.92 23.10 43.25
CA ASP A 127 25.36 23.28 43.37
C ASP A 127 25.78 23.74 44.76
N LEU A 128 24.83 24.15 45.61
CA LEU A 128 25.15 24.43 47.01
C LEU A 128 25.57 23.18 47.75
N LEU A 129 25.20 22.00 47.27
CA LEU A 129 25.65 20.75 47.86
C LEU A 129 27.11 20.45 47.57
N TYR A 130 27.76 21.23 46.70
CA TYR A 130 29.20 21.11 46.53
C TYR A 130 29.94 21.51 47.81
N PHE A 131 29.40 22.48 48.55
CA PHE A 131 30.03 22.90 49.80
C PHE A 131 29.84 21.88 50.92
N LYS A 132 28.81 21.04 50.82
CA LYS A 132 28.53 20.04 51.85
C LYS A 132 29.18 18.69 51.53
N LEU A 133 28.83 18.11 50.38
CA LEU A 133 29.29 16.79 49.99
C LEU A 133 30.67 16.80 49.35
N GLY A 134 31.24 17.97 49.10
CA GLY A 134 32.53 18.06 48.44
C GLY A 134 32.40 18.32 46.95
N TRP A 135 33.56 18.45 46.31
CA TRP A 135 33.63 18.72 44.88
C TRP A 135 33.62 17.47 44.03
N ASN A 136 33.61 16.29 44.64
CA ASN A 136 33.63 15.03 43.92
C ASN A 136 32.26 14.37 43.86
N TYR A 137 31.19 15.17 43.91
CA TYR A 137 29.82 14.68 43.76
C TYR A 137 29.10 15.52 42.71
N PRO A 138 29.42 15.34 41.43
CA PRO A 138 28.74 16.11 40.38
C PRO A 138 27.36 15.58 40.01
N GLU A 139 26.90 14.52 40.67
CA GLU A 139 25.55 14.00 40.43
C GLU A 139 24.48 14.92 40.98
N ILE A 140 24.84 15.94 41.76
CA ILE A 140 23.88 16.95 42.19
C ILE A 140 23.35 17.74 41.00
N ARG A 141 24.09 17.79 39.89
CA ARG A 141 23.67 18.47 38.68
C ARG A 141 22.87 17.55 37.75
N LEU A 142 22.48 16.36 38.21
CA LEU A 142 21.70 15.46 37.38
C LEU A 142 20.29 15.99 37.13
N ASN A 143 19.84 16.98 37.90
CA ASN A 143 18.56 17.62 37.62
C ASN A 143 18.59 18.43 36.33
N ARG A 144 19.78 18.83 35.87
CA ARG A 144 19.91 19.56 34.61
C ARG A 144 19.56 18.71 33.40
N LEU A 145 19.42 17.40 33.57
CA LEU A 145 19.06 16.49 32.50
C LEU A 145 17.60 16.63 32.07
N LEU A 146 16.80 17.42 32.79
CA LEU A 146 15.36 17.51 32.54
C LEU A 146 15.01 18.30 31.29
N ARG A 147 16.00 18.88 30.60
CA ARG A 147 15.77 19.54 29.32
C ARG A 147 15.88 18.57 28.12
N PHE A 148 15.68 17.28 28.41
CA PHE A 148 15.68 16.26 27.38
C PHE A 148 14.59 16.53 26.34
N SER A 149 13.44 17.04 26.78
CA SER A 149 12.36 17.36 25.85
C SER A 149 12.76 18.47 24.89
N ARG A 150 13.52 19.45 25.39
CA ARG A 150 14.03 20.51 24.53
C ARG A 150 15.01 19.95 23.50
N MET A 151 15.90 19.06 23.93
CA MET A 151 16.83 18.44 22.98
C MET A 151 16.11 17.59 21.94
N PHE A 152 15.10 16.83 22.37
CA PHE A 152 14.33 16.02 21.45
C PHE A 152 13.55 16.89 20.47
N GLU A 153 13.05 18.03 20.95
CA GLU A 153 12.35 18.97 20.06
C GLU A 153 13.29 19.54 19.01
N PHE A 154 14.54 19.84 19.40
CA PHE A 154 15.50 20.32 18.42
C PHE A 154 15.78 19.25 17.37
N PHE A 155 15.91 17.99 17.80
CA PHE A 155 16.15 16.91 16.82
C PHE A 155 14.93 16.69 15.92
N GLN A 156 13.72 16.84 16.46
CA GLN A 156 12.52 16.76 15.63
C GLN A 156 12.49 17.88 14.59
N ARG A 157 12.84 19.10 15.00
CA ARG A 157 12.88 20.21 14.06
C ARG A 157 13.96 20.00 13.02
N THR A 158 15.07 19.38 13.40
CA THR A 158 16.12 19.06 12.44
C THR A 158 15.65 18.04 11.42
N GLU A 159 14.98 16.97 11.87
CA GLU A 159 14.53 15.96 10.91
C GLU A 159 13.36 16.45 10.06
N THR A 160 12.62 17.45 10.51
CA THR A 160 11.58 18.03 9.65
C THR A 160 12.10 19.20 8.81
N ARG A 161 13.31 19.68 9.05
CA ARG A 161 13.87 20.80 8.30
C ARG A 161 14.98 20.44 7.34
N THR A 162 15.76 19.39 7.61
CA THR A 162 16.95 19.12 6.85
C THR A 162 16.62 18.60 5.45
N ASN A 163 17.56 18.78 4.53
CA ASN A 163 17.45 18.26 3.17
C ASN A 163 18.00 16.84 3.04
N TYR A 164 18.54 16.28 4.11
CA TYR A 164 19.03 14.91 4.14
C TYR A 164 18.38 14.21 5.33
N PRO A 165 17.11 13.82 5.19
CA PRO A 165 16.42 13.19 6.33
C PRO A 165 17.04 11.87 6.76
N ASN A 166 17.55 11.08 5.81
CA ASN A 166 18.15 9.79 6.14
C ASN A 166 19.51 9.96 6.80
N ILE A 167 20.32 10.90 6.31
CA ILE A 167 21.62 11.15 6.90
C ILE A 167 21.45 11.66 8.34
N PHE A 168 20.53 12.60 8.55
CA PHE A 168 20.32 13.07 9.91
C PHE A 168 19.70 11.99 10.78
N ARG A 169 18.83 11.15 10.20
CA ARG A 169 18.22 10.07 10.98
C ARG A 169 19.28 9.08 11.46
N ILE A 170 20.20 8.68 10.59
CA ILE A 170 21.24 7.75 11.00
C ILE A 170 22.22 8.42 11.97
N SER A 171 22.52 9.70 11.79
CA SER A 171 23.42 10.36 12.74
C SER A 171 22.76 10.56 14.09
N ASN A 172 21.45 10.83 14.11
CA ASN A 172 20.72 10.95 15.37
C ASN A 172 20.65 9.60 16.09
N LEU A 173 20.44 8.53 15.34
CA LEU A 173 20.49 7.19 15.93
C LEU A 173 21.87 6.90 16.49
N VAL A 174 22.92 7.27 15.75
CA VAL A 174 24.30 7.09 16.22
C VAL A 174 24.52 7.86 17.51
N MET A 175 24.05 9.11 17.56
CA MET A 175 24.24 9.94 18.75
C MET A 175 23.50 9.37 19.96
N TYR A 176 22.27 8.90 19.77
CA TYR A 176 21.53 8.28 20.87
C TYR A 176 22.22 7.02 21.35
N ILE A 177 22.72 6.20 20.42
CA ILE A 177 23.38 4.95 20.80
C ILE A 177 24.67 5.25 21.55
N VAL A 178 25.43 6.25 21.10
CA VAL A 178 26.66 6.65 21.78
C VAL A 178 26.35 7.20 23.17
N ILE A 179 25.25 7.94 23.31
CA ILE A 179 24.88 8.47 24.63
C ILE A 179 24.52 7.33 25.58
N ILE A 180 23.75 6.36 25.11
CA ILE A 180 23.38 5.22 25.95
C ILE A 180 24.61 4.38 26.29
N ILE A 181 25.50 4.19 25.32
CA ILE A 181 26.73 3.44 25.54
C ILE A 181 27.62 4.15 26.55
N HIS A 182 27.71 5.48 26.46
CA HIS A 182 28.48 6.27 27.41
C HIS A 182 27.90 6.16 28.81
N TRP A 183 26.57 6.21 28.92
CA TRP A 183 25.94 6.06 30.23
C TRP A 183 26.20 4.68 30.82
N ASN A 184 26.13 3.64 29.99
CA ASN A 184 26.41 2.29 30.48
C ASN A 184 27.88 2.11 30.82
N ALA A 185 28.77 2.79 30.11
CA ALA A 185 30.19 2.77 30.45
C ALA A 185 30.45 3.40 31.81
N CYS A 186 29.80 4.54 32.07
CA CYS A 186 29.89 5.17 33.38
C CYS A 186 29.30 4.27 34.46
N VAL A 187 28.19 3.59 34.15
CA VAL A 187 27.57 2.67 35.11
C VAL A 187 28.51 1.51 35.41
N PHE A 188 29.16 0.96 34.38
CA PHE A 188 30.10 -0.14 34.57
C PHE A 188 31.29 0.30 35.41
N TYR A 189 31.82 1.50 35.15
CA TYR A 189 32.93 2.00 35.95
C TYR A 189 32.50 2.23 37.39
N SER A 190 31.29 2.74 37.62
CA SER A 190 30.79 2.93 38.97
C SER A 190 30.60 1.61 39.69
N ILE A 191 30.12 0.59 38.98
CA ILE A 191 29.95 -0.74 39.58
C ILE A 191 31.29 -1.34 39.93
N SER A 192 32.29 -1.16 39.06
CA SER A 192 33.64 -1.61 39.35
C SER A 192 34.22 -0.87 40.57
N LYS A 193 33.94 0.43 40.67
CA LYS A 193 34.40 1.20 41.83
C LYS A 193 33.75 0.73 43.11
N ALA A 194 32.44 0.45 43.07
CA ALA A 194 31.73 -0.02 44.25
C ALA A 194 32.21 -1.40 44.68
N ILE A 195 32.41 -2.31 43.72
CA ILE A 195 32.96 -3.62 44.04
C ILE A 195 34.42 -3.50 44.45
N GLY A 196 35.19 -2.70 43.71
CA GLY A 196 36.60 -2.55 43.97
C GLY A 196 37.41 -2.77 42.70
N PHE A 197 38.30 -1.85 42.38
CA PHE A 197 39.09 -1.96 41.15
C PHE A 197 40.09 -3.09 41.28
N GLY A 198 39.96 -4.10 40.41
CA GLY A 198 40.87 -5.22 40.40
C GLY A 198 40.61 -6.30 41.42
N ASN A 199 39.47 -6.24 42.12
CA ASN A 199 39.13 -7.29 43.07
C ASN A 199 38.89 -8.62 42.38
N ASP A 200 38.39 -8.59 41.15
CA ASP A 200 38.24 -9.80 40.35
C ASP A 200 38.41 -9.41 38.87
N THR A 201 38.31 -10.42 38.00
CA THR A 201 38.64 -10.23 36.59
C THR A 201 37.58 -9.44 35.83
N TRP A 202 36.33 -9.42 36.29
CA TRP A 202 35.28 -8.76 35.52
C TRP A 202 35.35 -7.24 35.63
N VAL A 203 35.64 -6.72 36.82
CA VAL A 203 35.61 -5.28 37.06
C VAL A 203 36.75 -4.61 36.33
N TYR A 204 36.71 -3.28 36.27
CA TYR A 204 37.85 -2.54 35.77
C TYR A 204 39.06 -2.81 36.66
N PRO A 205 40.25 -3.01 36.10
CA PRO A 205 41.40 -3.40 36.91
C PRO A 205 41.86 -2.32 37.88
N ASP A 206 42.92 -2.61 38.64
CA ASP A 206 43.36 -1.73 39.71
C ASP A 206 43.84 -0.40 39.14
N ILE A 207 43.22 0.70 39.60
CA ILE A 207 43.57 2.03 39.10
C ILE A 207 44.87 2.55 39.70
N ASN A 208 45.46 1.84 40.66
CA ASN A 208 46.78 2.19 41.14
C ASN A 208 47.87 1.81 40.15
N ASP A 209 47.58 0.90 39.23
CA ASP A 209 48.51 0.57 38.16
C ASP A 209 48.65 1.78 37.23
N PRO A 210 49.87 2.12 36.80
CA PRO A 210 50.05 3.28 35.92
C PRO A 210 49.32 3.17 34.59
N GLU A 211 49.25 1.99 34.00
CA GLU A 211 48.58 1.83 32.72
C GLU A 211 47.07 1.94 32.87
N PHE A 212 46.50 1.27 33.87
CA PHE A 212 45.06 1.30 34.09
C PHE A 212 44.60 2.55 34.82
N GLY A 213 45.51 3.31 35.43
CA GLY A 213 45.17 4.52 36.13
C GLY A 213 45.03 5.76 35.29
N ARG A 214 45.30 5.66 33.99
CA ARG A 214 45.14 6.80 33.11
C ARG A 214 43.65 7.07 32.86
N LEU A 215 43.26 8.33 33.00
CA LEU A 215 41.85 8.71 32.84
C LEU A 215 41.35 8.41 31.44
N ALA A 216 42.17 8.73 30.43
CA ALA A 216 41.81 8.38 29.06
C ALA A 216 41.67 6.88 28.90
N ARG A 217 42.60 6.11 29.49
CA ARG A 217 42.50 4.66 29.45
C ARG A 217 41.25 4.17 30.18
N LYS A 218 40.94 4.77 31.34
CA LYS A 218 39.75 4.38 32.09
C LYS A 218 38.48 4.56 31.26
N TYR A 219 38.29 5.77 30.73
CA TYR A 219 37.07 6.04 29.97
C TYR A 219 37.02 5.24 28.68
N VAL A 220 38.16 5.09 27.99
CA VAL A 220 38.15 4.38 26.72
C VAL A 220 37.86 2.90 26.93
N TYR A 221 38.45 2.28 27.96
CA TYR A 221 38.13 0.88 28.22
C TYR A 221 36.70 0.71 28.71
N SER A 222 36.19 1.66 29.50
CA SER A 222 34.80 1.57 29.93
C SER A 222 33.85 1.68 28.75
N LEU A 223 34.14 2.61 27.83
CA LEU A 223 33.33 2.75 26.61
C LEU A 223 33.43 1.50 25.74
N TYR A 224 34.63 0.91 25.66
CA TYR A 224 34.83 -0.32 24.92
C TYR A 224 34.00 -1.46 25.51
N TRP A 225 34.03 -1.60 26.84
CA TRP A 225 33.23 -2.62 27.50
C TRP A 225 31.74 -2.39 27.27
N SER A 226 31.30 -1.14 27.36
CA SER A 226 29.89 -0.82 27.18
C SER A 226 29.43 -1.10 25.76
N THR A 227 30.24 -0.73 24.76
CA THR A 227 29.88 -1.00 23.37
C THR A 227 29.86 -2.50 23.10
N LEU A 228 30.82 -3.24 23.65
CA LEU A 228 30.84 -4.68 23.48
C LEU A 228 29.61 -5.32 24.09
N THR A 229 29.22 -4.86 25.27
CA THR A 229 28.16 -5.51 26.01
C THR A 229 26.78 -5.09 25.50
N LEU A 230 26.68 -3.87 24.96
CA LEU A 230 25.42 -3.29 24.50
C LEU A 230 25.14 -3.53 23.03
N THR A 231 25.95 -4.33 22.34
CA THR A 231 25.72 -4.62 20.93
C THR A 231 25.81 -6.11 20.62
N THR A 232 25.57 -6.96 21.63
CA THR A 232 25.59 -8.42 21.50
C THR A 232 26.92 -8.93 20.94
N ILE A 233 28.02 -8.27 21.33
CA ILE A 233 29.34 -8.70 20.88
C ILE A 233 29.97 -9.61 21.92
N GLY A 234 29.84 -9.28 23.19
CA GLY A 234 30.54 -10.02 24.23
C GLY A 234 31.99 -9.60 24.31
N GLU A 235 32.91 -10.56 24.17
CA GLU A 235 34.35 -10.30 24.13
C GLU A 235 34.84 -9.55 25.37
N THR A 236 34.19 -9.80 26.50
CA THR A 236 34.52 -9.19 27.78
C THR A 236 34.84 -10.27 28.79
N PRO A 237 35.63 -9.96 29.82
CA PRO A 237 35.86 -10.93 30.89
C PRO A 237 34.55 -11.34 31.55
N PRO A 238 34.37 -12.64 31.81
CA PRO A 238 33.09 -13.10 32.34
C PRO A 238 32.88 -12.58 33.75
N PRO A 239 31.63 -12.37 34.16
CA PRO A 239 31.36 -11.93 35.53
C PRO A 239 31.71 -13.00 36.54
N VAL A 240 32.09 -12.55 37.74
CA VAL A 240 32.52 -13.41 38.82
C VAL A 240 31.51 -13.42 39.97
N ARG A 241 31.11 -12.25 40.45
CA ARG A 241 30.16 -12.15 41.55
C ARG A 241 28.73 -12.23 41.02
N ASP A 242 27.80 -12.53 41.94
CA ASP A 242 26.40 -12.66 41.58
C ASP A 242 25.83 -11.35 41.05
N SER A 243 26.18 -10.23 41.70
CA SER A 243 25.73 -8.93 41.23
C SER A 243 26.28 -8.63 39.85
N GLU A 244 27.53 -9.03 39.60
CA GLU A 244 28.10 -8.89 38.27
C GLU A 244 27.33 -9.73 37.24
N TYR A 245 26.95 -10.96 37.62
CA TYR A 245 26.17 -11.80 36.72
C TYR A 245 24.83 -11.15 36.39
N VAL A 246 24.16 -10.60 37.41
CA VAL A 246 22.87 -9.96 37.19
C VAL A 246 23.02 -8.74 36.28
N PHE A 247 24.02 -7.90 36.56
CA PHE A 247 24.22 -6.70 35.74
C PHE A 247 24.56 -7.05 34.31
N VAL A 248 25.41 -8.06 34.10
CA VAL A 248 25.77 -8.47 32.76
C VAL A 248 24.57 -9.03 32.00
N VAL A 249 23.74 -9.82 32.68
CA VAL A 249 22.55 -10.38 32.03
C VAL A 249 21.59 -9.27 31.61
N VAL A 250 21.31 -8.35 32.52
CA VAL A 250 20.39 -7.25 32.21
C VAL A 250 20.96 -6.38 31.10
N ASP A 251 22.27 -6.16 31.16
CA ASP A 251 22.98 -5.34 30.18
C ASP A 251 22.97 -6.00 28.82
N PHE A 252 23.00 -7.33 28.81
CA PHE A 252 22.96 -8.07 27.56
C PHE A 252 21.56 -7.97 26.98
N LEU A 253 20.56 -7.90 27.85
CA LEU A 253 19.18 -7.77 27.36
C LEU A 253 18.94 -6.38 26.78
N ILE A 254 19.45 -5.36 27.47
CA ILE A 254 19.37 -4.00 26.97
C ILE A 254 20.12 -3.87 25.65
N GLY A 255 21.28 -4.52 25.53
CA GLY A 255 22.05 -4.46 24.30
C GLY A 255 21.39 -5.17 23.14
N VAL A 256 20.68 -6.27 23.42
CA VAL A 256 19.88 -6.91 22.39
C VAL A 256 18.82 -5.95 21.89
N LEU A 257 18.16 -5.25 22.82
CA LEU A 257 17.18 -4.24 22.43
C LEU A 257 17.82 -3.14 21.59
N ILE A 258 19.01 -2.68 21.99
CA ILE A 258 19.70 -1.58 21.30
C ILE A 258 20.11 -2.00 19.90
N PHE A 259 20.70 -3.19 19.76
CA PHE A 259 21.19 -3.61 18.45
C PHE A 259 20.03 -3.90 17.52
N ALA A 260 18.96 -4.50 18.06
CA ALA A 260 17.74 -4.70 17.27
C ALA A 260 17.13 -3.38 16.85
N THR A 261 17.20 -2.37 17.73
CA THR A 261 16.73 -1.04 17.38
C THR A 261 17.55 -0.44 16.25
N ILE A 262 18.88 -0.60 16.31
CA ILE A 262 19.75 -0.11 15.25
C ILE A 262 19.41 -0.79 13.93
N VAL A 263 19.23 -2.11 13.95
CA VAL A 263 18.91 -2.84 12.73
C VAL A 263 17.55 -2.43 12.19
N GLY A 264 16.56 -2.25 13.08
CA GLY A 264 15.25 -1.82 12.65
C GLY A 264 15.24 -0.41 12.08
N ASN A 265 16.00 0.49 12.70
CA ASN A 265 16.10 1.86 12.19
C ASN A 265 16.76 1.88 10.82
N ILE A 266 17.83 1.12 10.64
CA ILE A 266 18.52 1.11 9.35
C ILE A 266 17.66 0.42 8.29
N GLY A 267 16.94 -0.63 8.66
CA GLY A 267 16.04 -1.27 7.72
C GLY A 267 14.88 -0.38 7.31
N SER A 268 14.32 0.36 8.27
CA SER A 268 13.27 1.32 7.94
C SER A 268 13.80 2.43 7.05
N MET A 269 15.02 2.91 7.32
CA MET A 269 15.63 3.92 6.47
C MET A 269 15.85 3.40 5.05
N ILE A 270 16.32 2.15 4.93
CA ILE A 270 16.57 1.55 3.62
C ILE A 270 15.26 1.37 2.86
N SER A 271 14.20 0.97 3.56
CA SER A 271 12.89 0.88 2.92
C SER A 271 12.38 2.26 2.50
N ASN A 272 12.67 3.28 3.30
CA ASN A 272 12.18 4.63 2.99
C ASN A 272 12.89 5.21 1.77
N MET A 273 14.21 5.01 1.66
CA MET A 273 14.92 5.48 0.47
C MET A 273 14.44 4.78 -0.79
N ASN A 274 14.19 3.47 -0.71
CA ASN A 274 13.88 2.66 -1.86
C ASN A 274 12.37 2.51 -2.10
N ALA A 275 11.54 3.20 -1.32
CA ALA A 275 10.09 3.03 -1.43
C ALA A 275 9.57 3.48 -2.78
N ALA A 276 10.03 4.65 -3.24
CA ALA A 276 9.62 5.13 -4.56
C ALA A 276 10.14 4.21 -5.67
N ARG A 277 11.40 3.79 -5.56
CA ARG A 277 11.96 2.87 -6.54
C ARG A 277 11.26 1.52 -6.49
N ALA A 278 10.91 1.04 -5.29
CA ALA A 278 10.18 -0.21 -5.18
C ALA A 278 8.80 -0.11 -5.80
N GLU A 279 8.11 1.01 -5.60
CA GLU A 279 6.80 1.21 -6.21
C GLU A 279 6.90 1.26 -7.72
N PHE A 280 7.89 1.98 -8.25
CA PHE A 280 8.07 2.03 -9.70
C PHE A 280 8.42 0.66 -10.27
N GLN A 281 9.29 -0.09 -9.58
CA GLN A 281 9.66 -1.41 -10.05
C GLN A 281 8.50 -2.39 -9.98
N ALA A 282 7.65 -2.25 -8.97
CA ALA A 282 6.42 -3.05 -8.91
C ALA A 282 5.50 -2.71 -10.07
N ARG A 283 5.41 -1.43 -10.43
CA ARG A 283 4.63 -1.04 -11.62
C ARG A 283 5.23 -1.63 -12.89
N ILE A 284 6.56 -1.65 -12.99
CA ILE A 284 7.23 -2.25 -14.14
C ILE A 284 6.90 -3.74 -14.24
N ASP A 285 7.01 -4.44 -13.11
CA ASP A 285 6.71 -5.87 -13.10
C ASP A 285 5.26 -6.13 -13.44
N ALA A 286 4.36 -5.30 -12.93
CA ALA A 286 2.93 -5.47 -13.20
C ALA A 286 2.61 -5.24 -14.67
N ILE A 287 3.15 -4.18 -15.27
CA ILE A 287 2.85 -3.91 -16.67
C ILE A 287 3.53 -4.95 -17.57
N LYS A 288 4.71 -5.44 -17.20
CA LYS A 288 5.35 -6.49 -17.96
C LYS A 288 4.55 -7.78 -17.90
N GLN A 289 4.06 -8.14 -16.71
CA GLN A 289 3.23 -9.34 -16.56
C GLN A 289 1.93 -9.21 -17.33
N TYR A 290 1.34 -8.01 -17.33
CA TYR A 290 0.13 -7.77 -18.10
C TYR A 290 0.39 -7.93 -19.59
N MET A 291 1.53 -7.43 -20.08
CA MET A 291 1.80 -7.53 -21.51
C MET A 291 2.18 -8.95 -21.94
N HIS A 292 2.83 -9.72 -21.06
CA HIS A 292 3.05 -11.13 -21.40
C HIS A 292 1.77 -11.94 -21.33
N PHE A 293 0.88 -11.61 -20.38
CA PHE A 293 -0.37 -12.35 -20.28
C PHE A 293 -1.31 -12.04 -21.43
N ARG A 294 -1.32 -10.80 -21.91
CA ARG A 294 -2.24 -10.37 -22.96
C ARG A 294 -1.72 -10.62 -24.36
N ASN A 295 -0.52 -11.20 -24.49
CA ASN A 295 0.14 -11.40 -25.79
C ASN A 295 0.28 -10.08 -26.54
N VAL A 296 0.66 -9.03 -25.80
CA VAL A 296 0.90 -7.73 -26.40
C VAL A 296 2.09 -7.82 -27.35
N SER A 297 1.98 -7.15 -28.50
CA SER A 297 3.03 -7.21 -29.51
C SER A 297 4.35 -6.64 -28.97
N LYS A 298 5.45 -7.15 -29.52
CA LYS A 298 6.77 -6.81 -29.01
C LYS A 298 7.11 -5.34 -29.20
N ASP A 299 6.65 -4.74 -30.30
CA ASP A 299 6.88 -3.31 -30.51
C ASP A 299 6.18 -2.47 -29.44
N MET A 300 4.93 -2.82 -29.12
CA MET A 300 4.21 -2.11 -28.06
C MET A 300 4.84 -2.34 -26.70
N GLU A 301 5.32 -3.57 -26.44
CA GLU A 301 6.01 -3.85 -25.18
C GLU A 301 7.27 -3.01 -25.04
N LYS A 302 8.06 -2.94 -26.12
CA LYS A 302 9.28 -2.13 -26.09
C LYS A 302 8.95 -0.65 -25.93
N ARG A 303 7.88 -0.18 -26.57
CA ARG A 303 7.47 1.21 -26.42
C ARG A 303 7.05 1.52 -24.99
N VAL A 304 6.32 0.60 -24.36
CA VAL A 304 5.89 0.80 -22.98
C VAL A 304 7.10 0.82 -22.05
N ILE A 305 8.04 -0.10 -22.25
CA ILE A 305 9.23 -0.15 -21.38
C ILE A 305 10.08 1.10 -21.55
N LYS A 306 10.26 1.55 -22.79
CA LYS A 306 11.02 2.79 -23.02
C LYS A 306 10.30 3.99 -22.42
N TRP A 307 8.97 4.03 -22.52
CA TRP A 307 8.20 5.12 -21.94
C TRP A 307 8.38 5.16 -20.43
N PHE A 308 8.29 4.00 -19.77
CA PHE A 308 8.45 3.96 -18.33
C PHE A 308 9.87 4.34 -17.91
N ASP A 309 10.87 3.88 -18.64
CA ASP A 309 12.25 4.24 -18.33
C ASP A 309 12.48 5.74 -18.51
N TYR A 310 11.90 6.32 -19.56
CA TYR A 310 12.00 7.76 -19.77
C TYR A 310 11.32 8.53 -18.64
N LEU A 311 10.16 8.04 -18.19
CA LEU A 311 9.45 8.70 -17.10
C LEU A 311 10.25 8.64 -15.81
N TRP A 312 10.91 7.51 -15.54
CA TRP A 312 11.67 7.38 -14.30
C TRP A 312 12.94 8.21 -14.34
N THR A 313 13.71 8.12 -15.43
CA THR A 313 15.00 8.79 -15.47
C THR A 313 14.88 10.31 -15.47
N ASN A 314 13.79 10.84 -16.03
CA ASN A 314 13.56 12.27 -16.06
C ASN A 314 12.61 12.73 -14.96
N LYS A 315 12.30 11.86 -13.99
CA LYS A 315 11.48 12.19 -12.82
C LYS A 315 10.09 12.68 -13.23
N LYS A 316 9.39 11.84 -13.99
CA LYS A 316 8.05 12.17 -14.47
C LYS A 316 7.03 11.07 -14.20
N THR A 317 7.43 9.95 -13.61
CA THR A 317 6.58 8.76 -13.57
C THR A 317 5.36 8.92 -12.68
N VAL A 318 5.37 9.89 -11.79
CA VAL A 318 4.25 10.08 -10.87
C VAL A 318 3.10 10.75 -11.60
N ASP A 319 1.88 10.36 -11.25
CA ASP A 319 0.69 11.00 -11.81
C ASP A 319 0.53 12.38 -11.20
N GLU A 320 0.25 13.38 -12.05
CA GLU A 320 0.17 14.75 -11.59
C GLU A 320 -1.05 14.97 -10.69
N LYS A 321 -2.17 14.31 -11.01
CA LYS A 321 -3.35 14.44 -10.16
C LYS A 321 -3.11 13.86 -8.78
N GLU A 322 -2.48 12.69 -8.70
CA GLU A 322 -2.23 12.05 -7.41
C GLU A 322 -1.22 12.84 -6.59
N VAL A 323 -0.23 13.44 -7.25
CA VAL A 323 0.75 14.26 -6.55
C VAL A 323 0.10 15.54 -6.03
N LEU A 324 -0.65 16.23 -6.89
CA LEU A 324 -1.18 17.54 -6.54
C LEU A 324 -2.42 17.48 -5.66
N LYS A 325 -3.08 16.31 -5.56
CA LYS A 325 -4.29 16.23 -4.75
C LYS A 325 -4.01 16.39 -3.27
N TYR A 326 -2.77 16.17 -2.83
CA TYR A 326 -2.42 16.32 -1.43
C TYR A 326 -2.26 17.78 -1.02
N LEU A 327 -2.01 18.66 -1.98
CA LEU A 327 -1.98 20.08 -1.70
C LEU A 327 -3.40 20.60 -1.48
N PRO A 328 -3.56 21.69 -0.72
CA PRO A 328 -4.89 22.31 -0.58
C PRO A 328 -5.31 22.95 -1.90
N ASP A 329 -6.61 23.27 -1.96
CA ASP A 329 -7.17 23.83 -3.19
C ASP A 329 -6.56 25.17 -3.54
N LYS A 330 -6.26 25.99 -2.52
CA LYS A 330 -5.67 27.30 -2.77
C LYS A 330 -4.24 27.18 -3.30
N LEU A 331 -3.42 26.35 -2.66
CA LEU A 331 -2.05 26.16 -3.12
C LEU A 331 -2.00 25.48 -4.48
N ARG A 332 -2.87 24.50 -4.71
CA ARG A 332 -2.94 23.86 -6.01
C ARG A 332 -3.35 24.86 -7.08
N ALA A 333 -4.31 25.74 -6.77
CA ALA A 333 -4.72 26.77 -7.72
C ALA A 333 -3.57 27.73 -8.03
N GLU A 334 -2.84 28.15 -7.00
CA GLU A 334 -1.72 29.06 -7.23
C GLU A 334 -0.61 28.41 -8.05
N ILE A 335 -0.30 27.14 -7.78
CA ILE A 335 0.72 26.44 -8.54
C ILE A 335 0.29 26.25 -9.99
N ALA A 336 -0.98 25.87 -10.20
CA ALA A 336 -1.49 25.72 -11.55
C ALA A 336 -1.48 27.04 -12.30
N ILE A 337 -1.82 28.14 -11.62
CA ILE A 337 -1.75 29.46 -12.23
C ILE A 337 -0.32 29.77 -12.65
N ASN A 338 0.63 29.57 -11.73
CA ASN A 338 2.04 29.85 -12.01
C ASN A 338 2.57 29.02 -13.18
N VAL A 339 2.04 27.81 -13.35
CA VAL A 339 2.53 26.96 -14.43
C VAL A 339 1.87 27.31 -15.76
N HIS A 340 0.56 27.56 -15.76
CA HIS A 340 -0.21 27.55 -17.01
C HIS A 340 -0.80 28.89 -17.42
N LEU A 341 -0.72 29.94 -16.60
CA LEU A 341 -1.48 31.15 -16.89
C LEU A 341 -0.91 31.88 -18.10
N ASP A 342 0.42 31.99 -18.20
CA ASP A 342 1.02 32.67 -19.35
C ASP A 342 0.77 31.92 -20.65
N THR A 343 0.92 30.60 -20.64
CA THR A 343 0.72 29.82 -21.85
C THR A 343 -0.74 29.69 -22.23
N LEU A 344 -1.67 29.91 -21.28
CA LEU A 344 -3.08 29.99 -21.65
C LEU A 344 -3.47 31.39 -22.11
N LYS A 345 -2.79 32.42 -21.61
CA LYS A 345 -3.02 33.76 -22.09
C LYS A 345 -2.43 33.98 -23.48
N LYS A 346 -1.43 33.20 -23.87
CA LYS A 346 -0.90 33.27 -25.23
C LYS A 346 -1.87 32.75 -26.28
N VAL A 347 -2.96 32.09 -25.87
CA VAL A 347 -3.95 31.61 -26.81
C VAL A 347 -4.72 32.79 -27.40
N ARG A 348 -4.94 32.73 -28.72
CA ARG A 348 -5.63 33.82 -29.41
C ARG A 348 -7.10 33.93 -29.00
N ILE A 349 -7.74 32.81 -28.65
CA ILE A 349 -9.13 32.88 -28.21
C ILE A 349 -9.22 33.26 -26.73
N PHE A 350 -8.11 33.15 -25.99
CA PHE A 350 -8.07 33.54 -24.59
C PHE A 350 -7.17 34.75 -24.35
N ALA A 351 -6.82 35.48 -25.42
CA ALA A 351 -5.95 36.64 -25.29
C ALA A 351 -6.64 37.77 -24.52
N ASP A 352 -7.94 37.96 -24.76
CA ASP A 352 -8.73 38.99 -24.10
C ASP A 352 -9.87 38.30 -23.35
N CYS A 353 -9.59 37.90 -22.12
CA CYS A 353 -10.58 37.22 -21.28
C CYS A 353 -10.40 37.67 -19.84
N GLU A 354 -11.43 37.43 -19.03
CA GLU A 354 -11.38 37.77 -17.62
C GLU A 354 -10.40 36.87 -16.89
N ALA A 355 -9.85 37.39 -15.78
CA ALA A 355 -8.85 36.65 -15.02
C ALA A 355 -9.44 35.38 -14.41
N GLY A 356 -10.66 35.47 -13.88
CA GLY A 356 -11.26 34.31 -13.24
C GLY A 356 -11.55 33.17 -14.20
N LEU A 357 -12.00 33.50 -15.41
CA LEU A 357 -12.22 32.47 -16.42
C LEU A 357 -10.93 31.77 -16.80
N LEU A 358 -9.85 32.53 -16.94
CA LEU A 358 -8.55 31.94 -17.26
C LEU A 358 -8.05 31.06 -16.11
N VAL A 359 -8.27 31.51 -14.86
CA VAL A 359 -7.87 30.71 -13.71
C VAL A 359 -8.64 29.39 -13.67
N GLU A 360 -9.95 29.45 -13.90
CA GLU A 360 -10.76 28.23 -13.93
C GLU A 360 -10.33 27.30 -15.06
N LEU A 361 -10.06 27.85 -16.25
CA LEU A 361 -9.64 27.03 -17.38
C LEU A 361 -8.26 26.42 -17.14
N VAL A 362 -7.40 27.12 -16.41
CA VAL A 362 -6.14 26.53 -15.95
C VAL A 362 -6.43 25.35 -15.02
N LEU A 363 -7.38 25.53 -14.11
CA LEU A 363 -7.72 24.46 -13.16
C LEU A 363 -8.32 23.24 -13.86
N LYS A 364 -8.98 23.44 -15.01
CA LYS A 364 -9.56 22.32 -15.75
C LYS A 364 -8.58 21.65 -16.72
N LEU A 365 -7.34 22.13 -16.81
CA LEU A 365 -6.37 21.52 -17.70
C LEU A 365 -5.94 20.16 -17.17
N GLN A 366 -5.89 19.17 -18.05
CA GLN A 366 -5.51 17.81 -17.70
C GLN A 366 -4.23 17.44 -18.44
N PRO A 367 -3.17 17.03 -17.75
CA PRO A 367 -1.93 16.68 -18.45
C PRO A 367 -2.08 15.39 -19.25
N GLN A 368 -1.39 15.37 -20.40
CA GLN A 368 -1.25 14.17 -21.21
C GLN A 368 0.19 14.03 -21.65
N VAL A 369 0.65 12.79 -21.76
CA VAL A 369 2.01 12.50 -22.21
C VAL A 369 1.92 11.51 -23.36
N TYR A 370 2.86 11.65 -24.31
CA TYR A 370 2.83 10.84 -25.52
C TYR A 370 4.24 10.34 -25.84
N SER A 371 4.32 9.12 -26.34
CA SER A 371 5.57 8.54 -26.83
C SER A 371 5.93 9.13 -28.18
N PRO A 372 7.18 8.97 -28.63
CA PRO A 372 7.51 9.27 -30.02
C PRO A 372 6.69 8.42 -30.97
N GLY A 373 6.13 9.07 -32.00
CA GLY A 373 5.29 8.41 -32.96
C GLY A 373 3.83 8.29 -32.57
N ASP A 374 3.48 8.69 -31.35
CA ASP A 374 2.09 8.59 -30.92
C ASP A 374 1.25 9.64 -31.62
N TYR A 375 0.03 9.26 -31.98
CA TYR A 375 -0.90 10.14 -32.68
C TYR A 375 -1.84 10.77 -31.65
N ILE A 376 -1.67 12.06 -31.41
CA ILE A 376 -2.57 12.79 -30.53
C ILE A 376 -3.97 12.83 -31.12
N CYS A 377 -4.08 13.15 -32.40
CA CYS A 377 -5.35 13.11 -33.11
C CYS A 377 -5.08 12.83 -34.58
N LYS A 378 -6.09 12.29 -35.25
CA LYS A 378 -6.01 11.96 -36.66
C LYS A 378 -7.11 12.70 -37.42
N LYS A 379 -6.97 12.75 -38.74
CA LYS A 379 -7.99 13.34 -39.58
C LYS A 379 -9.27 12.53 -39.51
N GLY A 380 -10.39 13.22 -39.36
CA GLY A 380 -11.68 12.58 -39.21
C GLY A 380 -12.05 12.23 -37.78
N ASP A 381 -11.15 12.44 -36.83
CA ASP A 381 -11.45 12.22 -35.43
C ASP A 381 -12.30 13.36 -34.89
N ILE A 382 -13.13 13.06 -33.91
CA ILE A 382 -13.96 14.08 -33.27
C ILE A 382 -13.08 14.92 -32.35
N GLY A 383 -13.10 16.23 -32.57
CA GLY A 383 -12.29 17.13 -31.77
C GLY A 383 -13.06 17.74 -30.61
N ARG A 384 -12.75 17.29 -29.40
CA ARG A 384 -13.38 17.81 -28.20
C ARG A 384 -12.39 18.35 -27.18
N GLU A 385 -11.09 18.26 -27.46
CA GLU A 385 -10.06 18.68 -26.51
C GLU A 385 -9.11 19.67 -27.16
N MET A 386 -8.70 20.68 -26.38
CA MET A 386 -7.67 21.61 -26.78
C MET A 386 -6.35 21.22 -26.14
N TYR A 387 -5.35 20.93 -26.96
CA TYR A 387 -4.05 20.50 -26.48
C TYR A 387 -3.07 21.66 -26.52
N ILE A 388 -2.36 21.86 -25.41
CA ILE A 388 -1.31 22.87 -25.31
C ILE A 388 0.00 22.15 -25.01
N ILE A 389 1.00 22.37 -25.84
CA ILE A 389 2.30 21.70 -25.68
C ILE A 389 3.09 22.40 -24.59
N LYS A 390 3.58 21.61 -23.63
CA LYS A 390 4.34 22.15 -22.51
C LYS A 390 5.83 21.85 -22.62
N GLU A 391 6.22 20.58 -22.74
CA GLU A 391 7.62 20.19 -22.80
C GLU A 391 7.83 19.14 -23.88
N GLY A 392 7.25 19.36 -25.06
CA GLY A 392 7.36 18.39 -26.14
C GLY A 392 7.42 19.08 -27.48
N LYS A 393 7.43 18.26 -28.53
CA LYS A 393 7.44 18.74 -29.91
C LYS A 393 6.49 17.91 -30.75
N LEU A 394 5.63 18.58 -31.50
CA LEU A 394 4.59 17.93 -32.29
C LEU A 394 4.74 18.29 -33.76
N ALA A 395 4.17 17.46 -34.62
CA ALA A 395 4.23 17.65 -36.06
C ALA A 395 2.88 17.32 -36.69
N VAL A 396 2.66 17.86 -37.88
CA VAL A 396 1.47 17.59 -38.67
C VAL A 396 1.87 16.76 -39.89
N VAL A 397 1.37 15.54 -39.97
CA VAL A 397 1.76 14.62 -41.02
C VAL A 397 0.65 14.47 -42.05
N ALA A 398 0.95 13.77 -43.14
CA ALA A 398 0.09 13.71 -44.33
C ALA A 398 -0.54 12.34 -44.52
N ASP A 399 -1.10 11.77 -43.46
CA ASP A 399 -1.77 10.47 -43.40
C ASP A 399 -0.82 9.30 -43.63
N ASP A 400 0.49 9.54 -43.74
CA ASP A 400 1.47 8.50 -43.95
C ASP A 400 2.62 8.51 -42.95
N GLY A 401 2.86 9.63 -42.27
CA GLY A 401 3.86 9.68 -41.22
C GLY A 401 5.29 9.88 -41.68
N VAL A 402 5.53 10.05 -42.98
CA VAL A 402 6.88 10.23 -43.48
C VAL A 402 7.23 11.69 -43.78
N THR A 403 6.23 12.55 -43.94
CA THR A 403 6.46 13.96 -44.20
C THR A 403 5.67 14.81 -43.21
N GLN A 404 6.21 15.99 -42.91
CA GLN A 404 5.63 16.88 -41.91
C GLN A 404 5.42 18.26 -42.52
N PHE A 405 4.19 18.76 -42.44
CA PHE A 405 3.90 20.10 -42.94
C PHE A 405 4.55 21.17 -42.06
N VAL A 406 4.36 21.06 -40.75
CA VAL A 406 4.86 22.06 -39.81
C VAL A 406 5.15 21.36 -38.49
N VAL A 407 6.15 21.87 -37.78
CA VAL A 407 6.56 21.32 -36.49
C VAL A 407 6.08 22.27 -35.40
N LEU A 408 5.27 21.75 -34.48
CA LEU A 408 4.72 22.56 -33.39
C LEU A 408 5.64 22.45 -32.19
N SER A 409 6.26 23.57 -31.82
CA SER A 409 7.24 23.60 -30.75
C SER A 409 6.54 23.85 -29.40
N ASP A 410 7.33 24.15 -28.38
CA ASP A 410 6.79 24.35 -27.04
C ASP A 410 5.95 25.63 -26.97
N GLY A 411 4.83 25.54 -26.26
CA GLY A 411 3.93 26.66 -26.12
C GLY A 411 2.87 26.77 -27.20
N SER A 412 2.96 25.97 -28.26
CA SER A 412 1.97 25.99 -29.31
C SER A 412 0.69 25.28 -28.86
N TYR A 413 -0.37 25.46 -29.63
CA TYR A 413 -1.65 24.87 -29.29
C TYR A 413 -2.43 24.58 -30.56
N PHE A 414 -3.41 23.69 -30.45
CA PHE A 414 -4.32 23.39 -31.53
C PHE A 414 -5.63 22.91 -30.95
N GLY A 415 -6.68 22.98 -31.77
CA GLY A 415 -8.01 22.60 -31.34
C GLY A 415 -8.77 23.66 -30.59
N GLU A 416 -8.31 24.92 -30.61
CA GLU A 416 -9.01 26.00 -29.92
C GLU A 416 -10.34 26.35 -30.58
N ILE A 417 -10.53 25.99 -31.84
CA ILE A 417 -11.79 26.25 -32.53
C ILE A 417 -12.80 25.13 -32.29
N SER A 418 -12.33 23.88 -32.34
CA SER A 418 -13.23 22.74 -32.20
C SER A 418 -13.86 22.67 -30.81
N ILE A 419 -13.21 23.23 -29.80
CA ILE A 419 -13.81 23.26 -28.47
C ILE A 419 -14.90 24.31 -28.35
N LEU A 420 -14.99 25.24 -29.30
CA LEU A 420 -16.04 26.24 -29.33
C LEU A 420 -17.17 25.77 -30.24
N ASN A 421 -18.40 25.93 -29.78
CA ASN A 421 -19.57 25.56 -30.58
C ASN A 421 -19.94 26.75 -31.47
N ILE A 422 -19.34 26.78 -32.65
CA ILE A 422 -19.57 27.84 -33.62
C ILE A 422 -20.52 27.33 -34.69
N LYS A 423 -21.61 28.07 -34.93
CA LYS A 423 -22.57 27.68 -35.94
C LYS A 423 -22.02 27.98 -37.33
N GLY A 424 -22.38 27.11 -38.27
CA GLY A 424 -21.96 27.28 -39.65
C GLY A 424 -20.55 26.82 -39.96
N SER A 425 -19.89 26.14 -39.03
CA SER A 425 -18.52 25.68 -39.26
C SER A 425 -18.54 24.43 -40.12
N LYS A 426 -17.95 24.54 -41.33
CA LYS A 426 -17.97 23.42 -42.27
C LYS A 426 -17.11 22.26 -41.79
N ALA A 427 -15.96 22.57 -41.17
CA ALA A 427 -15.06 21.55 -40.65
C ALA A 427 -15.17 21.38 -39.15
N GLY A 428 -16.29 21.79 -38.55
CA GLY A 428 -16.44 21.70 -37.12
C GLY A 428 -16.63 20.28 -36.63
N ASN A 429 -16.30 20.10 -35.35
CA ASN A 429 -16.44 18.84 -34.61
C ASN A 429 -15.59 17.72 -35.19
N ARG A 430 -14.65 18.04 -36.08
CA ARG A 430 -13.75 17.04 -36.64
C ARG A 430 -12.35 17.63 -36.77
N ARG A 431 -11.35 16.75 -36.70
CA ARG A 431 -9.96 17.15 -36.84
C ARG A 431 -9.57 17.14 -38.31
N THR A 432 -9.03 18.28 -38.78
CA THR A 432 -8.59 18.40 -40.16
C THR A 432 -7.11 18.09 -40.35
N ALA A 433 -6.36 17.86 -39.26
CA ALA A 433 -4.93 17.65 -39.34
C ALA A 433 -4.55 16.42 -38.52
N ASN A 434 -3.47 15.76 -38.94
CA ASN A 434 -2.95 14.58 -38.26
C ASN A 434 -1.80 15.02 -37.37
N ILE A 435 -2.00 15.00 -36.06
CA ILE A 435 -1.01 15.47 -35.10
C ILE A 435 -0.25 14.29 -34.55
N LYS A 436 1.05 14.24 -34.84
CA LYS A 436 1.92 13.16 -34.43
C LYS A 436 3.00 13.69 -33.49
N SER A 437 3.25 12.95 -32.41
CA SER A 437 4.30 13.30 -31.47
C SER A 437 5.64 12.81 -32.01
N ILE A 438 6.54 13.76 -32.31
CA ILE A 438 7.86 13.40 -32.81
C ILE A 438 8.65 12.65 -31.75
N GLY A 439 8.67 13.17 -30.54
CA GLY A 439 9.32 12.54 -29.42
C GLY A 439 8.37 12.43 -28.24
N TYR A 440 8.96 12.43 -27.05
CA TYR A 440 8.18 12.37 -25.81
C TYR A 440 7.60 13.75 -25.54
N SER A 441 6.30 13.91 -25.76
CA SER A 441 5.63 15.19 -25.63
C SER A 441 4.71 15.18 -24.42
N ASP A 442 4.77 16.24 -23.63
CA ASP A 442 3.88 16.44 -22.49
C ASP A 442 2.90 17.56 -22.85
N LEU A 443 1.64 17.21 -23.04
CA LEU A 443 0.60 18.17 -23.39
C LEU A 443 -0.38 18.32 -22.24
N PHE A 444 -1.14 19.40 -22.29
CA PHE A 444 -2.25 19.63 -21.37
C PHE A 444 -3.52 19.79 -22.20
N CYS A 445 -4.51 18.97 -21.93
CA CYS A 445 -5.74 18.95 -22.72
C CYS A 445 -6.84 19.70 -21.99
N LEU A 446 -7.54 20.56 -22.72
CA LEU A 446 -8.71 21.26 -22.21
C LEU A 446 -9.92 20.77 -23.00
N SER A 447 -10.75 19.95 -22.35
CA SER A 447 -11.88 19.36 -23.03
C SER A 447 -12.96 20.41 -23.29
N LYS A 448 -13.81 20.12 -24.27
CA LYS A 448 -14.95 21.00 -24.56
C LYS A 448 -15.91 21.06 -23.38
N ASP A 449 -16.12 19.92 -22.71
CA ASP A 449 -17.02 19.89 -21.55
C ASP A 449 -16.49 20.77 -20.42
N ASP A 450 -15.17 20.73 -20.17
CA ASP A 450 -14.59 21.58 -19.13
C ASP A 450 -14.70 23.05 -19.49
N LEU A 451 -14.48 23.39 -20.77
CA LEU A 451 -14.63 24.77 -21.21
C LEU A 451 -16.06 25.26 -21.03
N MET A 452 -17.05 24.43 -21.40
CA MET A 452 -18.44 24.82 -21.23
C MET A 452 -18.81 24.93 -19.76
N GLU A 453 -18.29 24.03 -18.92
CA GLU A 453 -18.55 24.09 -17.49
C GLU A 453 -17.99 25.38 -16.89
N ALA A 454 -16.79 25.78 -17.32
CA ALA A 454 -16.25 27.06 -16.89
C ALA A 454 -17.06 28.23 -17.43
N LEU A 455 -17.61 28.09 -18.63
CA LEU A 455 -18.36 29.16 -19.27
C LEU A 455 -19.80 29.29 -18.77
N THR A 456 -20.29 28.32 -17.98
CA THR A 456 -21.61 28.50 -17.37
C THR A 456 -21.67 29.77 -16.51
N GLU A 457 -20.62 30.01 -15.71
CA GLU A 457 -20.58 31.17 -14.85
C GLU A 457 -20.09 32.43 -15.55
N TYR A 458 -19.72 32.33 -16.83
CA TYR A 458 -19.24 33.47 -17.61
C TYR A 458 -20.02 33.53 -18.92
N PRO A 459 -21.23 34.09 -18.90
CA PRO A 459 -22.01 34.15 -20.14
C PRO A 459 -21.46 35.13 -21.15
N ASP A 460 -21.06 36.33 -20.72
CA ASP A 460 -20.50 37.31 -21.63
C ASP A 460 -19.18 36.84 -22.22
N ALA A 461 -18.35 36.18 -21.41
CA ALA A 461 -17.12 35.59 -21.93
C ALA A 461 -17.41 34.48 -22.92
N LYS A 462 -18.49 33.72 -22.69
CA LYS A 462 -18.89 32.69 -23.65
C LYS A 462 -19.30 33.32 -24.98
N THR A 463 -20.07 34.40 -24.94
CA THR A 463 -20.47 35.07 -26.17
C THR A 463 -19.27 35.67 -26.89
N MET A 464 -18.33 36.24 -26.13
CA MET A 464 -17.11 36.77 -26.74
C MET A 464 -16.28 35.67 -27.38
N LEU A 465 -16.20 34.50 -26.72
CA LEU A 465 -15.48 33.38 -27.29
C LEU A 465 -16.12 32.88 -28.57
N GLU A 466 -17.46 32.81 -28.59
CA GLU A 466 -18.16 32.39 -29.80
C GLU A 466 -17.95 33.38 -30.94
N GLU A 467 -18.02 34.68 -30.63
CA GLU A 467 -17.79 35.70 -31.65
C GLU A 467 -16.36 35.66 -32.17
N LYS A 468 -15.39 35.44 -31.28
CA LYS A 468 -14.00 35.34 -31.70
C LYS A 468 -13.76 34.11 -32.57
N GLY A 469 -14.37 32.99 -32.21
CA GLY A 469 -14.25 31.79 -33.03
C GLY A 469 -14.89 31.95 -34.39
N LYS A 470 -16.03 32.65 -34.43
CA LYS A 470 -16.67 32.96 -35.71
C LYS A 470 -15.77 33.84 -36.59
N GLN A 471 -15.14 34.86 -35.99
CA GLN A 471 -14.24 35.72 -36.75
C GLN A 471 -13.01 34.97 -37.24
N ILE A 472 -12.49 34.05 -36.42
CA ILE A 472 -11.36 33.22 -36.84
C ILE A 472 -11.78 32.29 -37.98
N LEU A 473 -12.99 31.73 -37.90
CA LEU A 473 -13.44 30.80 -38.92
C LEU A 473 -13.72 31.47 -40.26
N MET A 474 -14.19 32.73 -40.25
CA MET A 474 -14.32 33.44 -41.51
C MET A 474 -12.96 33.68 -42.17
N LYS A 475 -11.93 33.96 -41.39
CA LYS A 475 -10.60 34.15 -41.95
C LYS A 475 -9.69 32.97 -41.62
N GLU A 495 -37.75 32.35 -22.26
CA GLU A 495 -38.00 32.93 -23.58
C GLU A 495 -37.83 31.89 -24.68
N LYS A 496 -37.01 30.88 -24.41
CA LYS A 496 -36.77 29.83 -25.39
C LYS A 496 -38.02 28.97 -25.62
N VAL A 497 -38.78 28.71 -24.55
CA VAL A 497 -40.01 27.95 -24.69
C VAL A 497 -41.04 28.71 -25.52
N THR A 498 -41.15 30.02 -25.29
CA THR A 498 -42.07 30.84 -26.08
C THR A 498 -41.59 30.96 -27.52
N ARG A 499 -40.28 31.11 -27.73
CA ARG A 499 -39.74 31.23 -29.08
C ARG A 499 -39.93 29.93 -29.88
N MET A 500 -39.70 28.79 -29.24
CA MET A 500 -39.89 27.51 -29.92
C MET A 500 -41.36 27.26 -30.25
N GLU A 501 -42.26 27.64 -29.34
CA GLU A 501 -43.68 27.49 -29.60
C GLU A 501 -44.15 28.40 -30.73
N GLY A 502 -43.65 29.64 -30.77
CA GLY A 502 -44.00 30.56 -31.85
C GLY A 502 -43.36 30.14 -33.17
N SER A 503 -42.21 29.45 -33.12
CA SER A 503 -41.58 28.98 -34.34
C SER A 503 -42.41 27.89 -35.01
N VAL A 504 -43.05 27.03 -34.22
CA VAL A 504 -43.91 25.99 -34.78
C VAL A 504 -45.18 26.59 -35.37
N ASP A 505 -45.61 27.75 -34.87
CA ASP A 505 -46.79 28.42 -35.43
C ASP A 505 -46.55 28.86 -36.87
N LEU A 506 -45.36 29.36 -37.15
CA LEU A 506 -45.02 29.74 -38.53
C LEU A 506 -44.95 28.51 -39.44
N LEU A 507 -44.43 27.41 -38.93
CA LEU A 507 -44.38 26.17 -39.71
C LEU A 507 -45.78 25.64 -40.00
N GLN A 508 -46.69 25.73 -39.02
CA GLN A 508 -48.06 25.29 -39.22
C GLN A 508 -48.76 26.14 -40.28
N THR A 509 -48.54 27.46 -40.25
CA THR A 509 -49.11 28.33 -41.27
C THR A 509 -48.52 28.04 -42.64
N ARG A 510 -47.22 27.76 -42.70
CA ARG A 510 -46.58 27.41 -43.97
C ARG A 510 -47.07 26.06 -44.47
N PHE A 511 -47.32 25.12 -43.55
CA PHE A 511 -47.89 23.83 -43.94
C PHE A 511 -49.31 23.98 -44.46
N ALA A 512 -50.08 24.91 -43.87
CA ALA A 512 -51.44 25.17 -44.34
C ALA A 512 -51.42 25.75 -45.75
N ARG A 513 -50.46 26.63 -46.05
CA ARG A 513 -50.34 27.19 -47.39
C ARG A 513 -50.00 26.11 -48.42
N ILE A 514 -49.08 25.21 -48.07
CA ILE A 514 -48.73 24.12 -48.97
C ILE A 514 -49.89 23.14 -49.13
N LEU A 515 -50.64 22.89 -48.04
CA LEU A 515 -51.81 22.02 -48.14
C LEU A 515 -52.90 22.67 -48.97
N ALA A 516 -53.09 23.99 -48.85
CA ALA A 516 -54.09 24.68 -49.66
C ALA A 516 -53.70 24.68 -51.12
N GLU A 517 -52.41 24.84 -51.43
CA GLU A 517 -51.96 24.75 -52.81
C GLU A 517 -52.11 23.33 -53.36
N TYR A 518 -51.83 22.33 -52.53
CA TYR A 518 -51.97 20.95 -52.96
C TYR A 518 -53.43 20.58 -53.21
N GLU A 519 -54.35 21.14 -52.42
CA GLU A 519 -55.77 20.92 -52.66
C GLU A 519 -56.20 21.53 -53.99
N SER A 520 -55.70 22.73 -54.30
CA SER A 520 -56.00 23.34 -55.59
C SER A 520 -55.35 22.58 -56.73
N MET A 521 -54.14 22.06 -56.51
CA MET A 521 -53.45 21.29 -57.54
C MET A 521 -54.14 19.96 -57.78
N GLN A 522 -54.72 19.35 -56.74
CA GLN A 522 -55.43 18.09 -56.91
C GLN A 522 -56.67 18.26 -57.77
N GLN A 523 -57.42 19.35 -57.57
CA GLN A 523 -58.62 19.59 -58.38
C GLN A 523 -58.25 19.87 -59.83
N LYS A 524 -57.17 20.61 -60.06
CA LYS A 524 -56.72 20.87 -61.42
C LYS A 524 -56.25 19.60 -62.10
N LEU A 525 -55.58 18.72 -61.34
CA LEU A 525 -55.14 17.44 -61.89
C LEU A 525 -56.33 16.57 -62.27
N LYS A 526 -57.36 16.53 -61.43
CA LYS A 526 -58.58 15.81 -61.76
C LYS A 526 -59.29 16.46 -62.95
N GLN A 527 -59.31 17.79 -63.01
CA GLN A 527 -59.92 18.48 -64.14
C GLN A 527 -59.09 18.30 -65.41
N ARG A 528 -57.77 18.11 -65.27
CA ARG A 528 -56.94 17.81 -66.43
C ARG A 528 -57.31 16.48 -67.06
N LEU A 529 -57.57 15.46 -66.23
CA LEU A 529 -58.00 14.17 -66.74
C LEU A 529 -59.42 14.24 -67.29
N THR A 530 -60.24 15.18 -66.81
CA THR A 530 -61.58 15.35 -67.33
C THR A 530 -61.56 15.86 -68.76
N LYS A 531 -60.62 16.77 -69.07
CA LYS A 531 -60.50 17.28 -70.43
C LYS A 531 -60.08 16.19 -71.41
N VAL A 532 -59.16 15.31 -70.99
CA VAL A 532 -58.76 14.19 -71.83
C VAL A 532 -59.89 13.18 -71.97
N GLU A 533 -60.63 12.95 -70.90
CA GLU A 533 -61.75 12.01 -70.91
C GLU A 533 -63.04 12.71 -71.30
N PRO B 204 28.36 2.21 -35.03
CA PRO B 204 27.38 3.20 -34.56
C PRO B 204 28.02 4.57 -34.33
N GLN B 205 27.64 5.55 -35.15
CA GLN B 205 28.16 6.91 -35.00
C GLN B 205 27.68 7.53 -33.68
N SER B 206 26.42 7.29 -33.33
CA SER B 206 25.86 7.71 -32.06
C SER B 206 25.36 6.48 -31.31
N ILE B 207 25.65 6.42 -30.01
CA ILE B 207 25.33 5.25 -29.20
C ILE B 207 24.27 5.63 -28.17
N ASP B 208 23.24 4.80 -28.06
CA ASP B 208 22.20 5.01 -27.08
C ASP B 208 22.71 4.60 -25.70
N PRO B 209 22.70 5.49 -24.71
CA PRO B 209 23.18 5.10 -23.37
C PRO B 209 22.27 4.11 -22.65
N LEU B 210 21.05 3.88 -23.16
CA LEU B 210 20.06 3.05 -22.49
C LEU B 210 20.01 1.62 -23.03
N THR B 211 19.97 1.45 -24.35
CA THR B 211 19.69 0.16 -24.95
C THR B 211 20.83 -0.39 -25.81
N ASN B 212 22.05 0.10 -25.61
CA ASN B 212 23.20 -0.41 -26.35
C ASN B 212 23.96 -1.38 -25.46
N LEU B 213 24.05 -2.64 -25.90
CA LEU B 213 24.78 -3.64 -25.13
C LEU B 213 26.29 -3.39 -25.15
N MET B 214 26.81 -2.85 -26.25
CA MET B 214 28.24 -2.52 -26.30
C MET B 214 28.57 -1.39 -25.33
N TYR B 215 27.67 -0.42 -25.18
CA TYR B 215 27.88 0.62 -24.17
C TYR B 215 27.82 0.04 -22.77
N VAL B 216 26.96 -0.96 -22.54
CA VAL B 216 26.94 -1.64 -21.24
C VAL B 216 28.25 -2.36 -20.99
N LEU B 217 28.82 -2.96 -22.04
CA LEU B 217 30.12 -3.61 -21.89
C LEU B 217 31.23 -2.60 -21.58
N TRP B 218 31.20 -1.44 -22.25
CA TRP B 218 32.20 -0.40 -21.94
C TRP B 218 32.00 0.13 -20.52
N LEU B 219 30.75 0.28 -20.09
CA LEU B 219 30.49 0.68 -18.71
C LEU B 219 31.00 -0.37 -17.73
N PHE B 220 30.88 -1.65 -18.08
CA PHE B 220 31.42 -2.71 -17.24
C PHE B 220 32.94 -2.61 -17.17
N PHE B 221 33.58 -2.29 -18.28
CA PHE B 221 35.04 -2.09 -18.28
C PHE B 221 35.44 -0.92 -17.38
N VAL B 222 34.69 0.19 -17.46
CA VAL B 222 34.99 1.34 -16.60
C VAL B 222 34.74 1.01 -15.14
N VAL B 223 33.70 0.23 -14.86
CA VAL B 223 33.42 -0.20 -13.49
C VAL B 223 34.54 -1.10 -12.98
N MET B 224 35.06 -1.98 -13.84
CA MET B 224 36.18 -2.82 -13.43
C MET B 224 37.44 -2.00 -13.15
N ALA B 225 37.69 -0.97 -13.96
CA ALA B 225 38.82 -0.09 -13.69
C ALA B 225 38.66 0.67 -12.37
N TRP B 226 37.45 1.19 -12.13
CA TRP B 226 37.17 1.90 -10.88
C TRP B 226 37.26 0.96 -9.69
N ASN B 227 36.78 -0.28 -9.85
CA ASN B 227 36.88 -1.29 -8.79
C ASN B 227 38.34 -1.64 -8.52
N TRP B 228 39.16 -1.76 -9.57
CA TRP B 228 40.58 -2.02 -9.36
C TRP B 228 41.23 -0.91 -8.57
N ASN B 229 40.93 0.34 -8.93
CA ASN B 229 41.46 1.48 -8.19
C ASN B 229 41.01 1.46 -6.73
N CYS B 230 39.70 1.29 -6.50
CA CYS B 230 39.15 1.34 -5.16
C CYS B 230 39.66 0.20 -4.29
N TRP B 231 39.81 -1.00 -4.86
CA TRP B 231 40.22 -2.16 -4.09
C TRP B 231 41.73 -2.27 -3.94
N LEU B 232 42.52 -1.57 -4.76
CA LEU B 232 43.96 -1.73 -4.71
C LEU B 232 44.71 -0.51 -4.20
N ILE B 233 44.07 0.67 -4.11
CA ILE B 233 44.73 1.80 -3.48
C ILE B 233 45.01 1.56 -2.00
N PRO B 234 44.06 1.12 -1.17
CA PRO B 234 44.42 0.85 0.24
C PRO B 234 45.34 -0.34 0.41
N VAL B 235 45.30 -1.31 -0.51
CA VAL B 235 46.24 -2.44 -0.45
C VAL B 235 47.67 -1.95 -0.63
N ARG B 236 47.89 -1.13 -1.66
CA ARG B 236 49.24 -0.63 -1.91
C ARG B 236 49.65 0.42 -0.89
N TRP B 237 48.69 1.10 -0.28
CA TRP B 237 49.02 2.08 0.76
C TRP B 237 49.41 1.39 2.06
N ALA B 238 48.68 0.35 2.46
CA ALA B 238 48.90 -0.30 3.75
C ALA B 238 49.90 -1.45 3.64
N PHE B 239 49.59 -2.43 2.79
CA PHE B 239 50.44 -3.60 2.67
C PHE B 239 51.73 -3.25 1.92
N PRO B 240 52.82 -3.97 2.18
CA PRO B 240 54.08 -3.71 1.47
C PRO B 240 54.15 -4.39 0.11
N TYR B 241 52.99 -4.79 -0.43
CA TYR B 241 52.93 -5.52 -1.70
C TYR B 241 53.49 -4.72 -2.87
N GLN B 242 53.52 -3.39 -2.76
CA GLN B 242 54.06 -2.54 -3.83
C GLN B 242 55.58 -2.42 -3.64
N THR B 243 56.27 -3.50 -3.99
CA THR B 243 57.72 -3.52 -3.95
C THR B 243 58.29 -2.97 -5.25
N PRO B 244 59.53 -2.45 -5.22
CA PRO B 244 60.17 -2.02 -6.47
C PRO B 244 60.42 -3.15 -7.45
N ASP B 245 60.43 -4.41 -7.00
CA ASP B 245 60.60 -5.53 -7.92
C ASP B 245 59.37 -5.72 -8.80
N ASN B 246 58.17 -5.60 -8.22
CA ASN B 246 56.93 -5.81 -8.95
C ASN B 246 56.14 -4.52 -9.15
N ILE B 247 56.81 -3.37 -9.09
CA ILE B 247 56.12 -2.10 -9.27
C ILE B 247 55.62 -1.92 -10.69
N HIS B 248 56.22 -2.61 -11.66
CA HIS B 248 55.84 -2.39 -13.06
C HIS B 248 54.46 -2.98 -13.38
N HIS B 249 54.05 -4.05 -12.68
CA HIS B 249 52.67 -4.53 -12.83
C HIS B 249 51.67 -3.47 -12.38
N TRP B 250 51.94 -2.85 -11.23
CA TRP B 250 51.07 -1.80 -10.72
C TRP B 250 51.03 -0.60 -11.67
N LEU B 251 52.20 -0.20 -12.17
CA LEU B 251 52.26 0.94 -13.09
C LEU B 251 51.52 0.64 -14.40
N LEU B 252 51.71 -0.56 -14.95
CA LEU B 252 51.05 -0.93 -16.20
C LEU B 252 49.54 -0.99 -16.03
N MET B 253 49.06 -1.58 -14.92
CA MET B 253 47.62 -1.68 -14.74
C MET B 253 47.00 -0.32 -14.40
N ASP B 254 47.74 0.53 -13.67
CA ASP B 254 47.27 1.90 -13.44
C ASP B 254 47.20 2.68 -14.74
N TYR B 255 48.18 2.50 -15.63
CA TYR B 255 48.15 3.15 -16.94
C TYR B 255 46.98 2.63 -17.77
N LEU B 256 46.69 1.33 -17.68
CA LEU B 256 45.53 0.78 -18.38
C LEU B 256 44.23 1.38 -17.85
N CYS B 257 44.11 1.51 -16.52
CA CYS B 257 42.92 2.11 -15.93
C CYS B 257 42.79 3.58 -16.32
N ASP B 258 43.90 4.31 -16.35
CA ASP B 258 43.86 5.71 -16.78
C ASP B 258 43.52 5.84 -18.26
N LEU B 259 43.99 4.89 -19.08
CA LEU B 259 43.60 4.87 -20.48
C LEU B 259 42.11 4.59 -20.65
N ILE B 260 41.57 3.69 -19.83
CA ILE B 260 40.12 3.44 -19.85
C ILE B 260 39.36 4.69 -19.44
N TYR B 261 39.85 5.39 -18.41
CA TYR B 261 39.23 6.64 -17.99
C TYR B 261 39.29 7.69 -19.10
N PHE B 262 40.41 7.75 -19.81
CA PHE B 262 40.59 8.74 -20.87
C PHE B 262 39.66 8.46 -22.05
N LEU B 263 39.63 7.22 -22.53
CA LEU B 263 38.70 6.85 -23.59
C LEU B 263 37.25 6.83 -23.13
N ASP B 264 37.00 6.89 -21.81
CA ASP B 264 35.64 7.14 -21.36
C ASP B 264 35.28 8.61 -21.47
N ILE B 265 36.10 9.49 -20.88
CA ILE B 265 35.78 10.91 -20.83
C ILE B 265 35.80 11.54 -22.22
N THR B 266 36.68 11.08 -23.11
CA THR B 266 36.87 11.72 -24.41
C THR B 266 36.09 11.04 -25.53
N VAL B 267 36.00 9.71 -25.55
CA VAL B 267 35.43 9.02 -26.69
C VAL B 267 33.98 8.61 -26.43
N PHE B 268 33.77 7.74 -25.45
CA PHE B 268 32.45 7.12 -25.29
C PHE B 268 31.42 8.10 -24.76
N GLN B 269 31.80 8.94 -23.79
CA GLN B 269 30.83 9.81 -23.15
C GLN B 269 30.34 10.93 -24.07
N THR B 270 31.18 11.38 -24.99
CA THR B 270 30.78 12.46 -25.88
C THR B 270 29.81 12.00 -26.97
N ARG B 271 29.72 10.70 -27.22
CA ARG B 271 28.82 10.15 -28.23
C ARG B 271 27.50 9.67 -27.65
N LEU B 272 27.25 9.92 -26.36
CA LEU B 272 26.01 9.51 -25.73
C LEU B 272 24.89 10.46 -26.11
N GLN B 273 23.82 9.93 -26.68
CA GLN B 273 22.67 10.75 -27.02
C GLN B 273 21.82 11.01 -25.78
N PHE B 274 21.23 12.20 -25.72
CA PHE B 274 20.49 12.64 -24.55
C PHE B 274 19.14 13.17 -24.99
N VAL B 275 18.37 13.66 -24.02
CA VAL B 275 17.01 14.14 -24.24
C VAL B 275 16.92 15.61 -23.81
N ARG B 276 16.26 16.41 -24.64
CA ARG B 276 16.01 17.81 -24.33
C ARG B 276 14.60 18.13 -24.81
N GLY B 277 13.67 18.29 -23.88
CA GLY B 277 12.28 18.46 -24.23
C GLY B 277 11.66 17.21 -24.85
N GLY B 278 12.08 16.04 -24.39
CA GLY B 278 11.51 14.78 -24.85
C GLY B 278 11.97 14.29 -26.19
N ASP B 279 12.88 15.00 -26.85
CA ASP B 279 13.39 14.61 -28.17
C ASP B 279 14.82 14.11 -28.03
N ILE B 280 15.12 13.00 -28.71
CA ILE B 280 16.49 12.49 -28.76
C ILE B 280 17.35 13.45 -29.58
N ILE B 281 18.58 13.67 -29.14
CA ILE B 281 19.56 14.47 -29.87
C ILE B 281 20.67 13.57 -30.35
N THR B 282 20.89 13.54 -31.67
CA THR B 282 21.96 12.77 -32.28
C THR B 282 23.13 13.68 -32.70
N ASP B 283 22.97 14.99 -32.55
CA ASP B 283 23.99 15.94 -33.00
C ASP B 283 25.26 15.83 -32.16
N LYS B 284 26.41 15.86 -32.83
CA LYS B 284 27.70 15.67 -32.17
C LYS B 284 28.00 16.83 -31.22
N LYS B 285 27.86 18.06 -31.70
CA LYS B 285 28.17 19.23 -30.88
C LYS B 285 27.22 19.35 -29.70
N ASP B 286 25.94 19.04 -29.92
CA ASP B 286 24.97 19.13 -28.84
C ASP B 286 25.22 18.08 -27.76
N MET B 287 25.57 16.85 -28.15
CA MET B 287 25.92 15.84 -27.16
C MET B 287 27.17 16.24 -26.39
N ARG B 288 28.18 16.78 -27.09
CA ARG B 288 29.39 17.22 -26.41
C ARG B 288 29.11 18.35 -25.43
N ASN B 289 28.27 19.31 -25.82
CA ASN B 289 27.92 20.40 -24.92
C ASN B 289 27.11 19.90 -23.73
N ASN B 290 26.21 18.94 -23.96
CA ASN B 290 25.42 18.39 -22.86
C ASN B 290 26.32 17.65 -21.86
N TYR B 291 27.29 16.89 -22.36
CA TYR B 291 28.17 16.17 -21.46
C TYR B 291 29.11 17.11 -20.71
N LEU B 292 29.63 18.14 -21.40
CA LEU B 292 30.50 19.11 -20.73
C LEU B 292 29.73 19.91 -19.69
N LYS B 293 28.45 20.20 -19.94
CA LYS B 293 27.64 20.90 -18.96
C LYS B 293 27.35 20.01 -17.75
N SER B 294 27.22 18.70 -17.96
CA SER B 294 26.84 17.79 -16.90
C SER B 294 27.95 17.65 -15.86
N ARG B 295 27.54 17.22 -14.66
CA ARG B 295 28.48 17.04 -13.55
C ARG B 295 29.33 15.79 -13.69
N ARG B 296 28.95 14.87 -14.58
CA ARG B 296 29.79 13.70 -14.83
C ARG B 296 31.12 14.09 -15.45
N PHE B 297 31.12 15.10 -16.32
CA PHE B 297 32.38 15.63 -16.83
C PHE B 297 33.22 16.24 -15.72
N LYS B 298 32.57 16.91 -14.77
CA LYS B 298 33.30 17.48 -13.64
C LYS B 298 33.98 16.40 -12.81
N MET B 299 33.25 15.32 -12.51
CA MET B 299 33.83 14.23 -11.73
C MET B 299 34.90 13.49 -12.51
N ASP B 300 34.71 13.31 -13.82
CA ASP B 300 35.72 12.65 -14.63
C ASP B 300 36.99 13.48 -14.73
N LEU B 301 36.85 14.80 -14.83
CA LEU B 301 38.01 15.69 -14.82
C LEU B 301 38.70 15.66 -13.46
N LEU B 302 37.93 15.61 -12.37
CA LEU B 302 38.52 15.53 -11.05
C LEU B 302 39.27 14.21 -10.85
N SER B 303 38.73 13.12 -11.39
CA SER B 303 39.37 11.82 -11.26
C SER B 303 40.61 11.68 -12.16
N LEU B 304 40.58 12.28 -13.35
CA LEU B 304 41.68 12.13 -14.29
C LEU B 304 42.93 12.88 -13.84
N LEU B 305 42.79 13.81 -12.91
CA LEU B 305 43.93 14.57 -12.39
C LEU B 305 44.90 13.64 -11.67
N PRO B 306 46.18 13.59 -12.08
CA PRO B 306 47.12 12.70 -11.39
C PRO B 306 47.35 13.04 -9.92
N LEU B 307 47.31 14.33 -9.57
CA LEU B 307 47.53 14.81 -8.20
C LEU B 307 48.87 14.33 -7.63
N VAL B 316 54.19 8.04 -7.07
CA VAL B 316 54.48 6.65 -6.70
C VAL B 316 53.70 6.30 -5.42
N ASN B 317 53.26 7.33 -4.70
CA ASN B 317 52.46 7.10 -3.51
C ASN B 317 51.07 6.62 -3.90
N PRO B 318 50.60 5.50 -3.35
CA PRO B 318 49.26 5.01 -3.71
C PRO B 318 48.14 5.97 -3.34
N LEU B 319 48.32 6.79 -2.31
CA LEU B 319 47.32 7.78 -1.95
C LEU B 319 47.25 8.93 -2.94
N LEU B 320 48.23 9.06 -3.83
CA LEU B 320 48.12 10.00 -4.93
C LEU B 320 47.19 9.51 -6.04
N ARG B 321 46.85 8.22 -6.03
CA ARG B 321 45.85 7.65 -6.92
C ARG B 321 44.43 7.80 -6.39
N LEU B 322 44.27 8.45 -5.23
CA LEU B 322 42.99 8.50 -4.54
C LEU B 322 41.81 9.04 -5.35
N PRO B 323 41.89 10.20 -6.04
CA PRO B 323 40.67 10.72 -6.65
C PRO B 323 40.21 9.97 -7.88
N ARG B 324 40.92 8.92 -8.31
CA ARG B 324 40.38 8.00 -9.30
C ARG B 324 39.15 7.25 -8.79
N CYS B 325 38.97 7.21 -7.46
CA CYS B 325 37.75 6.65 -6.88
C CYS B 325 36.54 7.56 -7.02
N LEU B 326 36.75 8.80 -7.48
CA LEU B 326 35.65 9.75 -7.67
C LEU B 326 34.88 9.50 -8.96
N LYS B 327 35.29 8.54 -9.78
CA LYS B 327 34.51 8.13 -10.94
C LYS B 327 33.48 7.07 -10.58
N TYR B 328 32.69 7.35 -9.55
CA TYR B 328 31.68 6.42 -9.07
C TYR B 328 30.38 6.49 -9.84
N MET B 329 30.18 7.54 -10.65
CA MET B 329 28.92 7.70 -11.37
C MET B 329 28.74 6.60 -12.42
N ALA B 330 29.83 6.20 -13.08
CA ALA B 330 29.76 5.13 -14.07
C ALA B 330 29.26 3.84 -13.43
N PHE B 331 29.66 3.59 -12.19
CA PHE B 331 29.15 2.42 -11.46
C PHE B 331 27.65 2.50 -11.26
N PHE B 332 27.13 3.70 -10.93
CA PHE B 332 25.70 3.86 -10.74
C PHE B 332 24.93 3.67 -12.04
N GLU B 333 25.44 4.20 -13.16
CA GLU B 333 24.77 3.96 -14.43
C GLU B 333 24.83 2.49 -14.84
N PHE B 334 25.93 1.82 -14.55
CA PHE B 334 26.01 0.38 -14.81
C PHE B 334 25.00 -0.39 -13.98
N ASN B 335 24.82 0.01 -12.71
CA ASN B 335 23.81 -0.61 -11.86
C ASN B 335 22.41 -0.39 -12.42
N SER B 336 22.13 0.83 -12.90
CA SER B 336 20.83 1.13 -13.47
C SER B 336 20.58 0.29 -14.73
N ARG B 337 21.60 0.17 -15.59
CA ARG B 337 21.44 -0.64 -16.79
C ARG B 337 21.23 -2.12 -16.45
N LEU B 338 21.94 -2.64 -15.46
CA LEU B 338 21.74 -4.03 -15.07
C LEU B 338 20.37 -4.26 -14.46
N GLU B 339 19.88 -3.32 -13.64
CA GLU B 339 18.55 -3.45 -13.10
C GLU B 339 17.47 -3.28 -14.16
N SER B 340 17.79 -2.59 -15.27
CA SER B 340 16.80 -2.43 -16.33
C SER B 340 16.75 -3.65 -17.25
N ILE B 341 17.91 -4.19 -17.65
CA ILE B 341 17.92 -5.20 -18.71
C ILE B 341 17.34 -6.53 -18.21
N LEU B 342 17.62 -6.92 -16.98
CA LEU B 342 17.22 -8.22 -16.47
C LEU B 342 16.12 -8.06 -15.44
N SER B 343 15.11 -8.94 -15.53
CA SER B 343 14.08 -9.02 -14.52
C SER B 343 14.61 -9.78 -13.30
N LYS B 344 13.84 -9.72 -12.21
CA LYS B 344 14.22 -10.30 -10.92
C LYS B 344 15.57 -9.72 -10.47
N ALA B 345 15.57 -8.41 -10.24
CA ALA B 345 16.79 -7.66 -9.98
C ALA B 345 17.19 -7.63 -8.51
N TYR B 346 16.36 -8.18 -7.62
CA TYR B 346 16.73 -8.16 -6.21
C TYR B 346 17.86 -9.13 -5.90
N VAL B 347 18.06 -10.17 -6.72
CA VAL B 347 19.24 -11.01 -6.55
C VAL B 347 20.51 -10.23 -6.90
N TYR B 348 20.44 -9.35 -7.91
CA TYR B 348 21.58 -8.49 -8.19
C TYR B 348 21.76 -7.44 -7.10
N ARG B 349 20.66 -6.98 -6.51
CA ARG B 349 20.77 -6.06 -5.38
C ARG B 349 21.46 -6.73 -4.19
N VAL B 350 21.14 -8.00 -3.95
CA VAL B 350 21.81 -8.77 -2.91
C VAL B 350 23.29 -8.92 -3.22
N ILE B 351 23.62 -9.22 -4.48
CA ILE B 351 25.02 -9.36 -4.88
C ILE B 351 25.76 -8.03 -4.70
N ARG B 352 25.11 -6.92 -5.05
CA ARG B 352 25.74 -5.62 -4.93
C ARG B 352 25.95 -5.23 -3.47
N THR B 353 24.98 -5.53 -2.60
CA THR B 353 25.15 -5.25 -1.18
C THR B 353 26.23 -6.14 -0.57
N THR B 354 26.32 -7.39 -1.02
CA THR B 354 27.41 -8.26 -0.57
C THR B 354 28.76 -7.73 -1.05
N ALA B 355 28.80 -7.17 -2.26
CA ALA B 355 30.03 -6.55 -2.74
C ALA B 355 30.39 -5.32 -1.92
N TYR B 356 29.40 -4.53 -1.51
CA TYR B 356 29.65 -3.41 -0.61
C TYR B 356 30.22 -3.89 0.71
N LEU B 357 29.66 -4.97 1.26
CA LEU B 357 30.18 -5.54 2.50
C LEU B 357 31.60 -6.04 2.31
N LEU B 358 31.88 -6.68 1.18
CA LEU B 358 33.23 -7.17 0.88
C LEU B 358 34.22 -6.01 0.79
N TYR B 359 33.81 -4.90 0.17
CA TYR B 359 34.71 -3.75 0.09
C TYR B 359 34.91 -3.11 1.46
N SER B 360 33.87 -3.10 2.30
CA SER B 360 34.03 -2.58 3.66
C SER B 360 35.00 -3.44 4.46
N LEU B 361 34.89 -4.76 4.32
CA LEU B 361 35.84 -5.66 4.98
C LEU B 361 37.23 -5.52 4.40
N HIS B 362 37.34 -5.22 3.10
CA HIS B 362 38.62 -4.94 2.47
C HIS B 362 39.28 -3.72 3.07
N LEU B 363 38.51 -2.63 3.22
CA LEU B 363 39.01 -1.41 3.83
C LEU B 363 39.39 -1.66 5.30
N ASN B 364 38.58 -2.45 6.00
CA ASN B 364 38.87 -2.77 7.39
C ASN B 364 40.16 -3.59 7.51
N SER B 365 40.37 -4.52 6.57
CA SER B 365 41.61 -5.29 6.55
C SER B 365 42.82 -4.40 6.30
N CYS B 366 42.69 -3.46 5.36
CA CYS B 366 43.79 -2.54 5.09
C CYS B 366 44.08 -1.65 6.30
N LEU B 367 43.02 -1.17 6.96
CA LEU B 367 43.21 -0.34 8.15
C LEU B 367 43.84 -1.13 9.29
N TYR B 368 43.45 -2.40 9.44
CA TYR B 368 44.04 -3.24 10.48
C TYR B 368 45.52 -3.49 10.21
N TYR B 369 45.89 -3.73 8.95
CA TYR B 369 47.30 -3.91 8.65
C TYR B 369 48.07 -2.61 8.85
N TRP B 370 47.47 -1.47 8.52
CA TRP B 370 48.13 -0.19 8.78
C TRP B 370 48.35 0.03 10.27
N ALA B 371 47.35 -0.30 11.09
CA ALA B 371 47.49 -0.15 12.54
C ALA B 371 48.55 -1.10 13.09
N SER B 372 48.60 -2.33 12.56
CA SER B 372 49.61 -3.29 12.99
C SER B 372 51.01 -2.82 12.64
N ALA B 373 51.18 -2.28 11.42
CA ALA B 373 52.49 -1.75 11.03
C ALA B 373 52.86 -0.51 11.83
N TYR B 374 51.86 0.32 12.14
CA TYR B 374 52.10 1.52 12.96
C TYR B 374 52.54 1.15 14.36
N GLN B 375 51.97 0.09 14.93
CA GLN B 375 52.34 -0.36 16.25
C GLN B 375 53.41 -1.45 16.22
N GLY B 376 53.89 -1.83 15.05
CA GLY B 376 54.89 -2.87 14.93
C GLY B 376 54.27 -4.25 14.85
N LEU B 377 54.68 -5.05 13.87
CA LEU B 377 54.12 -6.38 13.70
C LEU B 377 54.60 -7.31 14.81
N GLY B 378 53.66 -7.96 15.48
CA GLY B 378 53.98 -8.89 16.54
C GLY B 378 54.38 -8.25 17.86
N SER B 379 54.30 -6.93 17.97
CA SER B 379 54.63 -6.26 19.22
C SER B 379 53.64 -6.64 20.32
N THR B 380 52.36 -6.69 19.98
CA THR B 380 51.32 -7.10 20.90
C THR B 380 50.54 -8.25 20.28
N HIS B 381 49.62 -8.82 21.07
CA HIS B 381 48.78 -9.89 20.56
C HIS B 381 47.69 -9.36 19.63
N TRP B 382 47.29 -8.09 19.79
CA TRP B 382 46.19 -7.55 19.00
C TRP B 382 46.61 -7.31 17.55
N VAL B 383 47.83 -6.79 17.35
CA VAL B 383 48.28 -6.48 16.00
C VAL B 383 48.54 -7.77 15.22
N TYR B 384 48.61 -7.62 13.90
CA TYR B 384 48.95 -8.76 13.04
C TYR B 384 50.38 -9.20 13.32
N ASP B 385 50.56 -10.50 13.55
CA ASP B 385 51.84 -11.00 14.05
C ASP B 385 52.92 -10.99 12.97
N GLY B 386 52.56 -11.32 11.73
CA GLY B 386 53.53 -11.24 10.66
C GLY B 386 53.77 -12.54 9.93
N VAL B 387 52.91 -13.53 10.14
CA VAL B 387 53.02 -14.84 9.52
C VAL B 387 51.80 -15.08 8.65
N GLY B 388 52.01 -15.69 7.49
CA GLY B 388 50.95 -16.07 6.59
C GLY B 388 50.86 -15.19 5.36
N ASN B 389 49.70 -15.22 4.73
CA ASN B 389 49.45 -14.46 3.51
C ASN B 389 49.48 -12.95 3.75
N SER B 390 49.23 -12.53 5.00
CA SER B 390 49.30 -11.15 5.49
C SER B 390 48.16 -10.28 5.00
N TYR B 391 47.35 -10.81 4.09
CA TYR B 391 46.09 -10.18 3.69
C TYR B 391 44.88 -10.95 4.20
N ILE B 392 44.96 -12.28 4.20
CA ILE B 392 43.84 -13.07 4.70
C ILE B 392 43.80 -13.10 6.23
N ARG B 393 44.92 -12.83 6.90
CA ARG B 393 44.89 -12.69 8.35
C ARG B 393 44.21 -11.40 8.76
N CYS B 394 44.56 -10.30 8.10
CA CYS B 394 43.89 -9.03 8.36
C CYS B 394 42.45 -9.06 7.87
N TYR B 395 42.17 -9.78 6.78
CA TYR B 395 40.78 -9.94 6.35
C TYR B 395 39.99 -10.80 7.33
N TYR B 396 40.63 -11.80 7.94
CA TYR B 396 39.99 -12.58 8.99
C TYR B 396 39.68 -11.71 10.20
N PHE B 397 40.61 -10.83 10.55
CA PHE B 397 40.34 -9.85 11.60
C PHE B 397 39.16 -8.96 11.24
N ALA B 398 39.12 -8.50 10.00
CA ALA B 398 38.02 -7.65 9.54
C ALA B 398 36.69 -8.40 9.57
N VAL B 399 36.71 -9.69 9.25
CA VAL B 399 35.48 -10.48 9.28
C VAL B 399 35.00 -10.67 10.71
N LYS B 400 35.92 -11.05 11.62
CA LYS B 400 35.53 -11.24 13.01
C LYS B 400 35.17 -9.93 13.69
N THR B 401 35.59 -8.80 13.13
CA THR B 401 35.37 -7.49 13.76
C THR B 401 34.15 -6.78 13.19
N LEU B 402 34.10 -6.57 11.88
CA LEU B 402 33.05 -5.86 11.19
C LEU B 402 31.73 -6.63 11.13
N ILE B 403 31.74 -7.93 11.47
CA ILE B 403 30.51 -8.66 11.71
C ILE B 403 30.26 -8.85 13.20
N THR B 404 31.18 -8.36 14.04
CA THR B 404 31.09 -8.45 15.50
C THR B 404 30.97 -9.90 15.96
N ILE B 405 31.64 -10.81 15.24
CA ILE B 405 31.71 -12.20 15.68
C ILE B 405 32.60 -12.32 16.90
N GLY B 406 33.70 -11.58 16.94
CA GLY B 406 34.60 -11.61 18.07
C GLY B 406 35.64 -12.71 17.97
N GLY B 407 36.05 -13.25 19.12
CA GLY B 407 37.00 -14.34 19.15
C GLY B 407 38.44 -13.95 18.91
N LEU B 408 38.72 -12.67 18.80
CA LEU B 408 40.06 -12.16 18.54
C LEU B 408 40.80 -11.90 19.84
N PRO B 409 42.13 -11.82 19.80
CA PRO B 409 42.87 -11.37 20.98
C PRO B 409 42.44 -9.98 21.41
N ASP B 410 42.34 -9.79 22.72
CA ASP B 410 41.83 -8.53 23.25
C ASP B 410 42.84 -7.40 23.01
N PRO B 411 42.38 -6.19 22.73
CA PRO B 411 43.31 -5.06 22.64
C PRO B 411 43.88 -4.70 24.00
N LYS B 412 45.15 -4.33 24.01
CA LYS B 412 45.86 -3.97 25.25
C LYS B 412 46.09 -2.47 25.36
N THR B 413 46.75 -1.86 24.38
CA THR B 413 47.10 -0.45 24.48
C THR B 413 45.90 0.43 24.14
N LEU B 414 46.05 1.72 24.44
CA LEU B 414 44.97 2.67 24.21
C LEU B 414 44.63 2.79 22.73
N PHE B 415 45.64 2.81 21.87
CA PHE B 415 45.41 2.88 20.43
C PHE B 415 44.66 1.65 19.93
N GLU B 416 45.05 0.47 20.42
CA GLU B 416 44.37 -0.76 20.01
C GLU B 416 42.93 -0.79 20.49
N ILE B 417 42.67 -0.33 21.72
CA ILE B 417 41.30 -0.32 22.23
C ILE B 417 40.44 0.68 21.47
N VAL B 418 41.01 1.84 21.12
CA VAL B 418 40.25 2.83 20.35
C VAL B 418 39.94 2.30 18.96
N PHE B 419 40.93 1.69 18.30
CA PHE B 419 40.72 1.11 16.99
C PHE B 419 39.67 0.01 17.05
N GLN B 420 39.81 -0.89 18.01
CA GLN B 420 38.87 -2.00 18.15
C GLN B 420 37.45 -1.48 18.39
N LEU B 421 37.34 -0.51 19.28
CA LEU B 421 36.05 0.09 19.62
C LEU B 421 35.39 0.68 18.37
N LEU B 422 36.11 1.53 17.64
CA LEU B 422 35.54 2.13 16.45
C LEU B 422 35.20 1.09 15.40
N ASN B 423 35.98 0.00 15.34
CA ASN B 423 35.76 -0.96 14.28
C ASN B 423 34.60 -1.90 14.61
N TYR B 424 34.31 -2.04 15.90
CA TYR B 424 33.15 -2.78 16.35
C TYR B 424 31.92 -1.89 16.15
N PHE B 425 32.05 -0.56 16.34
CA PHE B 425 30.91 0.32 16.11
C PHE B 425 30.53 0.36 14.62
N THR B 426 31.53 0.54 13.76
CA THR B 426 31.30 0.49 12.32
C THR B 426 30.79 -0.88 11.89
N GLY B 427 31.25 -1.95 12.56
CA GLY B 427 30.80 -3.28 12.20
C GLY B 427 29.36 -3.54 12.61
N VAL B 428 28.94 -3.04 13.76
CA VAL B 428 27.54 -3.13 14.17
C VAL B 428 26.67 -2.43 13.15
N PHE B 429 27.07 -1.23 12.73
CA PHE B 429 26.24 -0.51 11.77
C PHE B 429 26.30 -1.14 10.37
N ALA B 430 27.43 -1.73 10.00
CA ALA B 430 27.53 -2.40 8.70
C ALA B 430 26.73 -3.69 8.66
N PHE B 431 26.75 -4.45 9.75
CA PHE B 431 25.90 -5.64 9.84
C PHE B 431 24.43 -5.27 9.85
N SER B 432 24.08 -4.16 10.51
CA SER B 432 22.71 -3.67 10.46
C SER B 432 22.32 -3.26 9.04
N VAL B 433 23.24 -2.65 8.30
CA VAL B 433 22.98 -2.31 6.90
C VAL B 433 22.76 -3.56 6.08
N MET B 434 23.58 -4.59 6.29
CA MET B 434 23.43 -5.86 5.58
C MET B 434 22.07 -6.49 5.87
N ILE B 435 21.68 -6.55 7.14
CA ILE B 435 20.43 -7.18 7.52
C ILE B 435 19.24 -6.37 7.01
N GLY B 436 19.32 -5.04 7.08
CA GLY B 436 18.24 -4.22 6.58
C GLY B 436 18.09 -4.31 5.07
N GLN B 437 19.21 -4.37 4.34
CA GLN B 437 19.14 -4.55 2.89
C GLN B 437 18.51 -5.90 2.54
N MET B 438 18.89 -6.96 3.25
CA MET B 438 18.30 -8.27 2.98
C MET B 438 16.82 -8.29 3.36
N ARG B 439 16.45 -7.62 4.44
CA ARG B 439 15.05 -7.53 4.84
C ARG B 439 14.22 -6.80 3.80
N ASP B 440 14.75 -5.69 3.27
CA ASP B 440 14.05 -4.96 2.22
C ASP B 440 13.93 -5.80 0.95
N VAL B 441 14.98 -6.56 0.63
CA VAL B 441 14.93 -7.45 -0.54
C VAL B 441 13.86 -8.51 -0.36
N VAL B 442 13.80 -9.13 0.82
CA VAL B 442 12.81 -10.17 1.09
C VAL B 442 11.40 -9.59 1.05
N GLY B 443 11.22 -8.41 1.64
CA GLY B 443 9.89 -7.80 1.64
C GLY B 443 9.44 -7.38 0.26
N ALA B 444 10.34 -6.85 -0.56
CA ALA B 444 9.97 -6.43 -1.91
C ALA B 444 9.76 -7.61 -2.84
N ALA B 445 10.53 -8.69 -2.64
CA ALA B 445 10.41 -9.86 -3.50
C ALA B 445 9.08 -10.58 -3.27
N THR B 446 8.62 -10.63 -2.02
CA THR B 446 7.41 -11.35 -1.65
C THR B 446 6.21 -10.43 -1.42
N ALA B 447 6.32 -9.16 -1.83
CA ALA B 447 5.23 -8.21 -1.57
C ALA B 447 3.95 -8.58 -2.33
N GLY B 448 4.09 -8.98 -3.59
CA GLY B 448 2.91 -9.37 -4.36
C GLY B 448 2.26 -10.63 -3.84
N GLN B 449 3.07 -11.63 -3.49
CA GLN B 449 2.53 -12.86 -2.90
C GLN B 449 1.87 -12.58 -1.57
N THR B 450 2.45 -11.70 -0.76
CA THR B 450 1.85 -11.32 0.51
C THR B 450 0.51 -10.62 0.30
N TYR B 451 0.43 -9.71 -0.68
CA TYR B 451 -0.82 -9.02 -0.95
C TYR B 451 -1.88 -9.99 -1.45
N TYR B 452 -1.51 -10.91 -2.34
CA TYR B 452 -2.46 -11.91 -2.83
C TYR B 452 -2.96 -12.80 -1.69
N ARG B 453 -2.05 -13.24 -0.81
CA ARG B 453 -2.45 -14.07 0.31
C ARG B 453 -3.34 -13.30 1.28
N SER B 454 -3.05 -12.02 1.51
CA SER B 454 -3.89 -11.22 2.40
C SER B 454 -5.29 -11.02 1.82
N CYS B 455 -5.38 -10.74 0.52
CA CYS B 455 -6.69 -10.60 -0.10
C CYS B 455 -7.47 -11.90 -0.09
N MET B 456 -6.80 -13.02 -0.38
CA MET B 456 -7.45 -14.32 -0.33
C MET B 456 -7.92 -14.66 1.07
N ASP B 457 -7.09 -14.38 2.08
CA ASP B 457 -7.45 -14.68 3.46
C ASP B 457 -8.58 -13.78 3.94
N SER B 458 -8.60 -12.52 3.50
CA SER B 458 -9.72 -11.63 3.84
C SER B 458 -11.02 -12.13 3.23
N THR B 459 -10.97 -12.59 1.97
CA THR B 459 -12.17 -13.15 1.35
C THR B 459 -12.63 -14.42 2.07
N VAL B 460 -11.68 -15.29 2.44
CA VAL B 460 -12.04 -16.53 3.14
C VAL B 460 -12.62 -16.24 4.51
N LYS B 461 -12.06 -15.25 5.22
CA LYS B 461 -12.60 -14.84 6.52
C LYS B 461 -14.00 -14.27 6.36
N TYR B 462 -14.22 -13.48 5.31
CA TYR B 462 -15.55 -12.95 5.04
C TYR B 462 -16.55 -14.07 4.77
N MET B 463 -16.18 -15.05 3.95
CA MET B 463 -17.11 -16.14 3.66
C MET B 463 -17.35 -17.01 4.89
N ASN B 464 -16.32 -17.19 5.73
CA ASN B 464 -16.49 -18.00 6.93
C ASN B 464 -17.37 -17.28 7.96
N PHE B 465 -17.31 -15.95 8.01
CA PHE B 465 -18.17 -15.23 8.94
C PHE B 465 -19.64 -15.32 8.55
N TYR B 466 -19.94 -15.36 7.26
CA TYR B 466 -21.32 -15.39 6.77
C TYR B 466 -21.80 -16.78 6.42
N LYS B 467 -21.04 -17.82 6.81
CA LYS B 467 -21.43 -19.22 6.64
C LYS B 467 -21.68 -19.57 5.17
N ILE B 468 -20.79 -19.11 4.30
CA ILE B 468 -20.85 -19.46 2.88
C ILE B 468 -20.53 -20.94 2.71
N PRO B 469 -21.30 -21.70 1.94
CA PRO B 469 -21.05 -23.14 1.82
C PRO B 469 -19.73 -23.45 1.13
N LYS B 470 -19.33 -24.72 1.24
CA LYS B 470 -18.01 -25.14 0.77
C LYS B 470 -17.88 -25.06 -0.75
N SER B 471 -18.98 -25.23 -1.48
CA SER B 471 -18.90 -25.17 -2.94
C SER B 471 -18.56 -23.76 -3.42
N VAL B 472 -19.26 -22.75 -2.89
CA VAL B 472 -19.02 -21.38 -3.30
C VAL B 472 -17.63 -20.92 -2.84
N GLN B 473 -17.24 -21.28 -1.62
CA GLN B 473 -15.91 -20.94 -1.13
C GLN B 473 -14.82 -21.59 -1.96
N ASN B 474 -15.02 -22.86 -2.34
CA ASN B 474 -14.03 -23.55 -3.17
C ASN B 474 -13.95 -22.93 -4.55
N ARG B 475 -15.09 -22.50 -5.11
CA ARG B 475 -15.06 -21.82 -6.40
C ARG B 475 -14.32 -20.49 -6.31
N VAL B 476 -14.53 -19.74 -5.22
CA VAL B 476 -13.83 -18.47 -5.02
C VAL B 476 -12.34 -18.70 -4.89
N LYS B 477 -11.94 -19.71 -4.12
CA LYS B 477 -10.52 -20.03 -3.97
C LYS B 477 -9.91 -20.49 -5.28
N THR B 478 -10.66 -21.28 -6.07
CA THR B 478 -10.18 -21.71 -7.37
C THR B 478 -9.96 -20.52 -8.29
N TRP B 479 -10.89 -19.58 -8.30
CA TRP B 479 -10.73 -18.38 -9.11
C TRP B 479 -9.52 -17.57 -8.65
N TYR B 480 -9.33 -17.45 -7.33
CA TYR B 480 -8.19 -16.70 -6.80
C TYR B 480 -6.87 -17.33 -7.25
N GLU B 481 -6.74 -18.65 -7.08
CA GLU B 481 -5.51 -19.33 -7.46
C GLU B 481 -5.27 -19.26 -8.96
N TYR B 482 -6.32 -19.48 -9.76
CA TYR B 482 -6.16 -19.44 -11.21
C TYR B 482 -5.77 -18.06 -11.68
N THR B 483 -6.40 -17.01 -11.14
CA THR B 483 -6.07 -15.65 -11.54
C THR B 483 -4.64 -15.30 -11.17
N TRP B 484 -4.22 -15.65 -9.95
CA TRP B 484 -2.86 -15.35 -9.52
C TRP B 484 -1.83 -16.11 -10.35
N HIS B 485 -2.12 -17.37 -10.69
CA HIS B 485 -1.18 -18.16 -11.46
C HIS B 485 -1.18 -17.79 -12.94
N SER B 486 -2.25 -17.19 -13.45
CA SER B 486 -2.33 -16.87 -14.87
C SER B 486 -1.85 -15.45 -15.16
N GLN B 487 -2.50 -14.45 -14.57
CA GLN B 487 -2.17 -13.06 -14.89
C GLN B 487 -1.32 -12.38 -13.83
N GLY B 488 -1.00 -13.07 -12.75
CA GLY B 488 -0.10 -12.53 -11.75
C GLY B 488 -0.61 -11.34 -10.97
N MET B 489 -1.90 -11.03 -11.07
CA MET B 489 -2.49 -9.92 -10.35
C MET B 489 -3.99 -10.16 -10.25
N LEU B 490 -4.59 -9.66 -9.17
CA LEU B 490 -6.01 -9.88 -8.95
C LEU B 490 -6.88 -8.97 -9.81
N ASP B 491 -6.42 -7.74 -10.08
CA ASP B 491 -7.15 -6.82 -10.93
C ASP B 491 -6.20 -6.16 -11.91
N GLU B 492 -6.65 -6.00 -13.16
CA GLU B 492 -5.87 -5.33 -14.18
C GLU B 492 -6.25 -3.87 -14.35
N SER B 493 -7.46 -3.48 -13.98
CA SER B 493 -7.86 -2.08 -14.09
C SER B 493 -7.13 -1.20 -13.08
N GLU B 494 -6.74 -1.77 -11.93
CA GLU B 494 -5.93 -1.03 -10.98
C GLU B 494 -4.58 -0.66 -11.56
N LEU B 495 -4.01 -1.56 -12.37
CA LEU B 495 -2.79 -1.25 -13.09
C LEU B 495 -3.06 -0.30 -14.25
N MET B 496 -4.20 -0.46 -14.91
CA MET B 496 -4.52 0.35 -16.09
C MET B 496 -4.69 1.82 -15.74
N VAL B 497 -5.34 2.12 -14.60
CA VAL B 497 -5.52 3.51 -14.21
C VAL B 497 -4.22 4.17 -13.79
N GLN B 498 -3.19 3.38 -13.43
CA GLN B 498 -1.90 3.95 -13.08
C GLN B 498 -1.10 4.37 -14.31
N LEU B 499 -1.40 3.82 -15.47
CA LEU B 499 -0.69 4.14 -16.69
C LEU B 499 -1.09 5.51 -17.22
N PRO B 500 -0.27 6.12 -18.07
CA PRO B 500 -0.74 7.27 -18.84
C PRO B 500 -1.91 6.89 -19.74
N ASP B 501 -2.76 7.87 -20.01
CA ASP B 501 -3.98 7.61 -20.77
C ASP B 501 -3.67 7.10 -22.17
N LYS B 502 -2.64 7.66 -22.82
CA LYS B 502 -2.24 7.18 -24.13
C LYS B 502 -1.69 5.75 -24.06
N MET B 503 -0.93 5.44 -23.00
CA MET B 503 -0.43 4.08 -22.82
C MET B 503 -1.58 3.09 -22.67
N ARG B 504 -2.55 3.42 -21.82
CA ARG B 504 -3.70 2.53 -21.61
C ARG B 504 -4.52 2.36 -22.89
N LEU B 505 -4.71 3.47 -23.62
CA LEU B 505 -5.46 3.40 -24.87
C LEU B 505 -4.74 2.53 -25.89
N ASP B 506 -3.42 2.69 -26.01
CA ASP B 506 -2.66 1.91 -26.99
C ASP B 506 -2.62 0.43 -26.60
N LEU B 507 -2.53 0.13 -25.30
CA LEU B 507 -2.58 -1.25 -24.85
C LEU B 507 -3.94 -1.88 -25.13
N ALA B 508 -5.03 -1.14 -24.87
CA ALA B 508 -6.35 -1.64 -25.18
C ALA B 508 -6.52 -1.88 -26.67
N ILE B 509 -5.96 -0.98 -27.50
CA ILE B 509 -5.98 -1.16 -28.94
C ILE B 509 -5.26 -2.45 -29.33
N ASP B 510 -4.02 -2.61 -28.84
CA ASP B 510 -3.22 -3.77 -29.19
C ASP B 510 -3.85 -5.07 -28.71
N VAL B 511 -4.67 -5.02 -27.65
CA VAL B 511 -5.30 -6.23 -27.16
C VAL B 511 -6.56 -6.56 -27.97
N ASN B 512 -7.45 -5.57 -28.19
CA ASN B 512 -8.79 -5.90 -28.68
C ASN B 512 -9.27 -5.17 -29.92
N TYR B 513 -8.44 -4.33 -30.57
CA TYR B 513 -8.96 -3.49 -31.65
C TYR B 513 -9.36 -4.31 -32.88
N ASN B 514 -8.51 -5.25 -33.29
CA ASN B 514 -8.84 -6.06 -34.46
C ASN B 514 -10.07 -6.92 -34.20
N ILE B 515 -10.19 -7.47 -32.99
CA ILE B 515 -11.33 -8.32 -32.67
C ILE B 515 -12.62 -7.50 -32.65
N VAL B 516 -12.58 -6.30 -32.08
CA VAL B 516 -13.78 -5.47 -32.02
C VAL B 516 -14.14 -4.96 -33.42
N SER B 517 -13.16 -4.55 -34.21
CA SER B 517 -13.43 -4.09 -35.57
C SER B 517 -13.89 -5.22 -36.47
N LYS B 518 -13.59 -6.48 -36.12
CA LYS B 518 -14.14 -7.60 -36.86
C LYS B 518 -15.63 -7.82 -36.61
N VAL B 519 -16.19 -7.20 -35.56
CA VAL B 519 -17.61 -7.33 -35.29
C VAL B 519 -18.39 -6.48 -36.27
N ALA B 520 -19.40 -7.09 -36.91
CA ALA B 520 -20.17 -6.38 -37.93
C ALA B 520 -21.12 -5.34 -37.35
N LEU B 521 -21.41 -5.41 -36.05
CA LEU B 521 -22.38 -4.49 -35.45
C LEU B 521 -21.82 -3.08 -35.39
N PHE B 522 -20.54 -2.93 -35.08
CA PHE B 522 -19.93 -1.63 -34.86
C PHE B 522 -19.18 -1.11 -36.08
N GLN B 523 -19.33 -1.76 -37.23
CA GLN B 523 -18.72 -1.27 -38.45
C GLN B 523 -19.38 0.03 -38.89
N GLY B 524 -18.56 0.99 -39.32
CA GLY B 524 -19.04 2.29 -39.70
C GLY B 524 -19.13 3.31 -38.58
N CYS B 525 -18.88 2.89 -37.34
CA CYS B 525 -18.90 3.81 -36.22
C CYS B 525 -17.60 4.60 -36.15
N ASP B 526 -17.61 5.65 -35.32
CA ASP B 526 -16.41 6.46 -35.14
C ASP B 526 -15.32 5.65 -34.44
N ARG B 527 -14.07 5.90 -34.85
CA ARG B 527 -12.95 5.15 -34.30
C ARG B 527 -12.73 5.46 -32.82
N GLN B 528 -12.97 6.70 -32.41
CA GLN B 528 -12.82 7.04 -30.99
C GLN B 528 -13.86 6.35 -30.13
N MET B 529 -15.05 6.09 -30.67
CA MET B 529 -16.04 5.33 -29.92
C MET B 529 -15.62 3.87 -29.77
N ILE B 530 -15.01 3.30 -30.81
CA ILE B 530 -14.40 1.99 -30.71
C ILE B 530 -13.33 1.98 -29.62
N PHE B 531 -12.50 3.03 -29.60
CA PHE B 531 -11.44 3.16 -28.61
C PHE B 531 -12.02 3.25 -27.20
N ASP B 532 -13.11 3.99 -27.04
CA ASP B 532 -13.74 4.12 -25.73
C ASP B 532 -14.31 2.79 -25.26
N MET B 533 -14.89 1.99 -26.17
CA MET B 533 -15.33 0.66 -25.75
C MET B 533 -14.14 -0.21 -25.36
N LEU B 534 -13.02 -0.08 -26.08
CA LEU B 534 -11.82 -0.81 -25.71
C LEU B 534 -11.34 -0.43 -24.32
N LYS B 535 -11.40 0.86 -23.99
CA LYS B 535 -11.02 1.32 -22.67
C LYS B 535 -11.99 0.83 -21.59
N ARG B 536 -13.27 0.71 -21.92
CA ARG B 536 -14.29 0.28 -20.96
C ARG B 536 -14.39 -1.24 -20.83
N LEU B 537 -13.61 -2.00 -21.59
CA LEU B 537 -13.66 -3.45 -21.49
C LEU B 537 -13.06 -3.92 -20.16
N ARG B 538 -13.79 -4.80 -19.48
CA ARG B 538 -13.33 -5.38 -18.22
C ARG B 538 -13.10 -6.87 -18.41
N SER B 539 -12.00 -7.38 -17.85
CA SER B 539 -11.64 -8.78 -17.97
C SER B 539 -12.27 -9.56 -16.83
N VAL B 540 -13.06 -10.57 -17.18
CA VAL B 540 -13.70 -11.45 -16.21
C VAL B 540 -13.32 -12.89 -16.54
N VAL B 541 -12.86 -13.62 -15.54
CA VAL B 541 -12.48 -15.02 -15.69
C VAL B 541 -13.67 -15.88 -15.26
N TYR B 542 -14.09 -16.77 -16.15
CA TYR B 542 -15.19 -17.69 -15.87
C TYR B 542 -14.64 -19.07 -15.58
N LEU B 543 -15.11 -19.68 -14.50
CA LEU B 543 -14.68 -21.01 -14.13
C LEU B 543 -15.24 -22.04 -15.12
N PRO B 544 -14.65 -23.24 -15.18
CA PRO B 544 -15.23 -24.29 -16.02
C PRO B 544 -16.65 -24.63 -15.60
N ASN B 545 -17.48 -24.93 -16.60
CA ASN B 545 -18.90 -25.26 -16.43
C ASN B 545 -19.68 -24.12 -15.77
N ASP B 546 -19.27 -22.89 -16.03
CA ASP B 546 -19.99 -21.71 -15.56
C ASP B 546 -20.84 -21.15 -16.70
N TYR B 547 -22.05 -20.73 -16.36
CA TYR B 547 -22.98 -20.21 -17.34
C TYR B 547 -22.66 -18.75 -17.62
N VAL B 548 -22.10 -18.47 -18.79
CA VAL B 548 -21.90 -17.09 -19.22
C VAL B 548 -23.24 -16.41 -19.48
N CYS B 549 -24.12 -17.08 -20.23
CA CYS B 549 -25.47 -16.60 -20.49
C CYS B 549 -26.44 -17.73 -20.21
N LYS B 550 -27.34 -17.52 -19.26
CA LYS B 550 -28.40 -18.47 -19.00
C LYS B 550 -29.62 -18.16 -19.85
N LYS B 551 -30.35 -19.20 -20.22
CA LYS B 551 -31.50 -19.05 -21.11
C LYS B 551 -32.62 -18.30 -20.40
N GLY B 552 -33.04 -17.17 -20.97
CA GLY B 552 -34.14 -16.40 -20.45
C GLY B 552 -33.78 -15.20 -19.61
N GLU B 553 -32.50 -15.03 -19.28
CA GLU B 553 -32.11 -13.87 -18.48
C GLU B 553 -31.89 -12.65 -19.35
N ILE B 554 -31.82 -11.48 -18.70
CA ILE B 554 -31.67 -10.22 -19.40
C ILE B 554 -30.29 -10.14 -20.03
N GLY B 555 -30.24 -9.83 -21.32
CA GLY B 555 -28.98 -9.66 -22.01
C GLY B 555 -28.52 -8.21 -22.01
N ARG B 556 -27.38 -7.96 -21.38
CA ARG B 556 -26.82 -6.63 -21.29
C ARG B 556 -25.41 -6.51 -21.83
N GLU B 557 -24.72 -7.62 -22.08
CA GLU B 557 -23.28 -7.64 -22.11
C GLU B 557 -22.76 -8.19 -23.42
N MET B 558 -21.70 -7.59 -23.93
CA MET B 558 -20.99 -8.07 -25.10
C MET B 558 -19.69 -8.74 -24.65
N TYR B 559 -19.50 -9.99 -25.08
CA TYR B 559 -18.43 -10.83 -24.59
C TYR B 559 -17.39 -11.02 -25.69
N ILE B 560 -16.12 -10.78 -25.36
CA ILE B 560 -15.01 -11.07 -26.24
C ILE B 560 -14.17 -12.15 -25.59
N ILE B 561 -14.06 -13.30 -26.24
CA ILE B 561 -13.29 -14.42 -25.70
C ILE B 561 -11.81 -14.13 -25.93
N GLN B 562 -11.13 -13.65 -24.89
CA GLN B 562 -9.68 -13.47 -24.99
C GLN B 562 -8.96 -14.80 -24.87
N ALA B 563 -9.46 -15.69 -24.03
CA ALA B 563 -8.88 -17.03 -23.86
C ALA B 563 -9.99 -17.98 -23.44
N GLY B 564 -9.73 -19.27 -23.62
CA GLY B 564 -10.69 -20.28 -23.27
C GLY B 564 -11.71 -20.53 -24.37
N GLN B 565 -12.65 -21.42 -24.06
CA GLN B 565 -13.71 -21.81 -24.97
C GLN B 565 -15.06 -21.53 -24.34
N VAL B 566 -16.04 -21.24 -25.18
CA VAL B 566 -17.42 -21.01 -24.77
C VAL B 566 -18.32 -21.90 -25.61
N GLN B 567 -19.17 -22.68 -24.95
CA GLN B 567 -20.09 -23.60 -25.61
C GLN B 567 -21.51 -23.06 -25.54
N VAL B 568 -22.17 -23.03 -26.68
CA VAL B 568 -23.58 -22.64 -26.75
C VAL B 568 -24.43 -23.92 -26.66
N LEU B 569 -25.24 -24.01 -25.62
CA LEU B 569 -26.05 -25.20 -25.39
C LEU B 569 -27.39 -25.09 -26.09
N GLY B 570 -28.06 -26.23 -26.22
CA GLY B 570 -29.34 -26.27 -26.89
C GLY B 570 -29.81 -27.69 -27.08
N GLY B 571 -30.71 -27.87 -28.05
CA GLY B 571 -31.23 -29.18 -28.37
C GLY B 571 -32.29 -29.63 -27.38
N PRO B 572 -32.75 -30.87 -27.53
CA PRO B 572 -33.76 -31.39 -26.59
C PRO B 572 -33.15 -31.67 -25.22
N ASP B 573 -33.83 -31.19 -24.18
CA ASP B 573 -33.46 -31.39 -22.77
C ASP B 573 -32.08 -30.81 -22.43
N GLY B 574 -31.57 -29.89 -23.25
CA GLY B 574 -30.29 -29.28 -22.98
C GLY B 574 -29.14 -30.26 -23.15
N LYS B 575 -28.00 -29.87 -22.56
CA LYS B 575 -26.79 -30.71 -22.49
C LYS B 575 -26.29 -31.11 -23.87
N SER B 576 -26.51 -30.28 -24.88
CA SER B 576 -26.01 -30.53 -26.22
C SER B 576 -25.26 -29.30 -26.71
N VAL B 577 -24.05 -29.51 -27.23
CA VAL B 577 -23.19 -28.43 -27.67
C VAL B 577 -23.57 -28.11 -29.11
N LEU B 578 -24.28 -27.00 -29.30
CA LEU B 578 -24.64 -26.57 -30.65
C LEU B 578 -23.41 -26.05 -31.40
N VAL B 579 -22.62 -25.20 -30.75
CA VAL B 579 -21.42 -24.64 -31.35
C VAL B 579 -20.47 -24.26 -30.22
N THR B 580 -19.17 -24.38 -30.50
CA THR B 580 -18.13 -23.99 -29.56
C THR B 580 -17.37 -22.80 -30.12
N LEU B 581 -17.26 -21.73 -29.33
CA LEU B 581 -16.58 -20.52 -29.75
C LEU B 581 -15.22 -20.44 -29.08
N LYS B 582 -14.16 -20.31 -29.88
CA LYS B 582 -12.81 -20.24 -29.36
C LYS B 582 -12.43 -18.79 -29.08
N ALA B 583 -11.16 -18.56 -28.80
CA ALA B 583 -10.69 -17.22 -28.47
C ALA B 583 -10.76 -16.30 -29.67
N GLY B 584 -11.05 -15.03 -29.41
CA GLY B 584 -11.16 -14.03 -30.45
C GLY B 584 -12.54 -13.88 -31.07
N SER B 585 -13.50 -14.67 -30.64
CA SER B 585 -14.87 -14.58 -31.16
C SER B 585 -15.74 -13.80 -30.20
N VAL B 586 -16.69 -13.06 -30.76
CA VAL B 586 -17.55 -12.15 -30.01
C VAL B 586 -18.99 -12.61 -30.15
N PHE B 587 -19.69 -12.71 -29.01
CA PHE B 587 -21.09 -13.10 -29.00
C PHE B 587 -21.84 -12.20 -28.04
N GLY B 588 -23.15 -12.07 -28.28
CA GLY B 588 -23.99 -11.26 -27.43
C GLY B 588 -23.97 -9.78 -27.70
N GLU B 589 -23.44 -9.36 -28.86
CA GLU B 589 -23.36 -7.93 -29.16
C GLU B 589 -24.71 -7.31 -29.48
N ILE B 590 -25.71 -8.12 -29.87
CA ILE B 590 -27.02 -7.59 -30.18
C ILE B 590 -27.70 -7.08 -28.91
N SER B 591 -27.40 -7.71 -27.77
CA SER B 591 -27.98 -7.29 -26.49
C SER B 591 -27.55 -5.89 -26.09
N LEU B 592 -26.44 -5.38 -26.65
CA LEU B 592 -26.01 -4.02 -26.36
C LEU B 592 -27.02 -3.00 -26.87
N LEU B 593 -27.58 -3.23 -28.06
CA LEU B 593 -28.53 -2.31 -28.68
C LEU B 593 -29.96 -2.68 -28.27
N ALA B 594 -30.24 -2.48 -26.99
CA ALA B 594 -31.56 -2.74 -26.44
C ALA B 594 -31.99 -1.56 -25.57
N VAL B 595 -33.30 -1.37 -25.46
CA VAL B 595 -33.84 -0.23 -24.72
C VAL B 595 -33.77 -0.40 -23.22
N GLY B 596 -33.44 -1.59 -22.73
CA GLY B 596 -33.46 -1.86 -21.31
C GLY B 596 -34.56 -2.81 -20.94
N GLY B 597 -34.24 -4.08 -20.76
CA GLY B 597 -35.22 -5.11 -20.58
C GLY B 597 -35.75 -5.72 -21.85
N GLY B 598 -35.34 -5.23 -23.01
CA GLY B 598 -35.82 -5.70 -24.28
C GLY B 598 -35.03 -6.82 -24.91
N ASN B 599 -34.01 -7.34 -24.24
CA ASN B 599 -33.22 -8.43 -24.77
C ASN B 599 -33.17 -9.58 -23.77
N ARG B 600 -33.40 -10.79 -24.26
CA ARG B 600 -33.29 -12.01 -23.45
C ARG B 600 -32.38 -12.99 -24.17
N ARG B 601 -31.58 -13.73 -23.41
CA ARG B 601 -30.68 -14.71 -23.99
C ARG B 601 -31.48 -15.88 -24.53
N THR B 602 -31.27 -16.20 -25.82
CA THR B 602 -32.07 -17.23 -26.46
C THR B 602 -31.63 -18.63 -26.02
N ALA B 603 -30.32 -18.86 -25.92
CA ALA B 603 -29.80 -20.20 -25.67
C ALA B 603 -28.88 -20.17 -24.46
N ASN B 604 -28.78 -21.32 -23.79
CA ASN B 604 -27.84 -21.45 -22.68
C ASN B 604 -26.41 -21.42 -23.19
N VAL B 605 -25.58 -20.63 -22.54
CA VAL B 605 -24.20 -20.43 -22.93
C VAL B 605 -23.32 -20.71 -21.72
N VAL B 606 -22.36 -21.63 -21.87
CA VAL B 606 -21.59 -22.15 -20.76
C VAL B 606 -20.10 -22.09 -21.10
N ALA B 607 -19.27 -22.04 -20.07
CA ALA B 607 -17.83 -22.01 -20.23
C ALA B 607 -17.28 -23.42 -20.16
N HIS B 608 -16.57 -23.84 -21.21
CA HIS B 608 -16.02 -25.20 -21.22
C HIS B 608 -14.87 -25.35 -20.24
N GLY B 609 -14.01 -24.35 -20.15
CA GLY B 609 -12.92 -24.37 -19.19
C GLY B 609 -12.73 -23.03 -18.53
N PHE B 610 -11.52 -22.74 -18.06
CA PHE B 610 -11.22 -21.42 -17.52
C PHE B 610 -11.11 -20.42 -18.66
N THR B 611 -12.22 -19.80 -19.05
CA THR B 611 -12.21 -18.84 -20.14
C THR B 611 -12.16 -17.43 -19.59
N ASN B 612 -11.44 -16.56 -20.29
CA ASN B 612 -11.32 -15.15 -19.94
C ASN B 612 -12.06 -14.34 -20.98
N LEU B 613 -13.09 -13.62 -20.55
CA LEU B 613 -13.94 -12.85 -21.45
C LEU B 613 -13.76 -11.36 -21.17
N PHE B 614 -13.51 -10.59 -22.23
CA PHE B 614 -13.52 -9.13 -22.15
C PHE B 614 -14.95 -8.68 -22.34
N ILE B 615 -15.51 -8.04 -21.31
CA ILE B 615 -16.95 -7.83 -21.19
C ILE B 615 -17.24 -6.34 -21.27
N LEU B 616 -18.18 -5.98 -22.14
CA LEU B 616 -18.71 -4.62 -22.24
C LEU B 616 -20.21 -4.66 -22.03
N ASP B 617 -20.68 -4.04 -20.96
CA ASP B 617 -22.10 -4.04 -20.65
C ASP B 617 -22.81 -2.92 -21.40
N LYS B 618 -24.14 -2.94 -21.34
CA LYS B 618 -24.95 -1.96 -22.06
C LYS B 618 -24.81 -0.56 -21.47
N LYS B 619 -24.66 -0.46 -20.15
CA LYS B 619 -24.55 0.85 -19.50
C LYS B 619 -23.32 1.61 -19.96
N ASP B 620 -22.16 0.92 -20.00
CA ASP B 620 -20.94 1.56 -20.47
C ASP B 620 -21.05 1.97 -21.93
N LEU B 621 -21.70 1.13 -22.75
CA LEU B 621 -21.93 1.49 -24.14
C LEU B 621 -22.78 2.74 -24.25
N ASN B 622 -23.79 2.89 -23.39
CA ASN B 622 -24.64 4.08 -23.43
C ASN B 622 -23.87 5.33 -23.02
N GLU B 623 -23.05 5.24 -21.97
CA GLU B 623 -22.24 6.40 -21.58
C GLU B 623 -21.18 6.73 -22.62
N ILE B 624 -20.73 5.76 -23.39
CA ILE B 624 -19.89 6.08 -24.55
C ILE B 624 -20.71 6.75 -25.64
N LEU B 625 -21.91 6.23 -25.91
CA LEU B 625 -22.70 6.66 -27.05
C LEU B 625 -23.24 8.07 -26.88
N VAL B 626 -23.41 8.53 -25.64
CA VAL B 626 -23.90 9.90 -25.45
C VAL B 626 -22.87 10.93 -25.92
N HIS B 627 -21.61 10.54 -26.10
CA HIS B 627 -20.59 11.45 -26.59
C HIS B 627 -20.50 11.48 -28.12
N TYR B 628 -20.90 10.41 -28.80
CA TYR B 628 -20.78 10.32 -30.25
C TYR B 628 -22.16 10.27 -30.87
N PRO B 629 -22.71 11.40 -31.34
CA PRO B 629 -24.08 11.37 -31.86
C PRO B 629 -24.23 10.62 -33.18
N GLU B 630 -23.23 10.72 -34.07
CA GLU B 630 -23.33 10.08 -35.37
C GLU B 630 -23.33 8.55 -35.23
N SER B 631 -22.40 8.02 -34.44
CA SER B 631 -22.35 6.58 -34.23
C SER B 631 -23.52 6.08 -33.40
N GLN B 632 -24.00 6.89 -32.46
CA GLN B 632 -25.21 6.52 -31.73
C GLN B 632 -26.41 6.41 -32.67
N LYS B 633 -26.55 7.38 -33.58
CA LYS B 633 -27.62 7.33 -34.57
C LYS B 633 -27.47 6.12 -35.48
N LEU B 634 -26.23 5.81 -35.89
CA LEU B 634 -26.00 4.62 -36.71
C LEU B 634 -26.38 3.34 -35.96
N LEU B 635 -26.09 3.28 -34.67
CA LEU B 635 -26.43 2.09 -33.89
C LEU B 635 -27.94 1.95 -33.72
N ARG B 636 -28.65 3.06 -33.47
CA ARG B 636 -30.12 2.99 -33.44
C ARG B 636 -30.68 2.59 -34.79
N LYS B 637 -30.08 3.08 -35.88
CA LYS B 637 -30.51 2.70 -37.22
C LYS B 637 -30.32 1.21 -37.46
N LYS B 638 -29.17 0.67 -37.02
CA LYS B 638 -28.92 -0.77 -37.19
C LYS B 638 -29.87 -1.60 -36.34
N ALA B 639 -30.15 -1.15 -35.11
CA ALA B 639 -31.08 -1.86 -34.24
C ALA B 639 -32.49 -1.86 -34.83
N ARG B 640 -32.92 -0.74 -35.40
CA ARG B 640 -34.24 -0.67 -36.03
C ARG B 640 -34.27 -1.47 -37.33
N ARG B 641 -33.14 -1.56 -38.04
CA ARG B 641 -33.08 -2.27 -39.31
C ARG B 641 -33.10 -3.78 -39.10
N MET B 642 -32.48 -4.26 -38.02
CA MET B 642 -32.41 -5.70 -37.81
C MET B 642 -33.76 -6.30 -37.45
N LEU B 643 -34.60 -5.56 -36.74
CA LEU B 643 -35.92 -6.05 -36.37
C LEU B 643 -36.93 -5.77 -37.48
N PRO B 665 -43.30 7.03 -38.32
CA PRO B 665 -43.50 8.48 -38.33
C PRO B 665 -44.41 8.89 -39.49
N LYS B 666 -43.79 9.39 -40.57
CA LYS B 666 -44.57 9.82 -41.74
C LYS B 666 -45.24 8.64 -42.42
N LEU B 667 -44.53 7.52 -42.55
CA LEU B 667 -45.12 6.33 -43.17
C LEU B 667 -46.19 5.73 -42.28
N PHE B 668 -45.96 5.71 -40.96
CA PHE B 668 -46.95 5.17 -40.03
C PHE B 668 -48.22 6.00 -40.03
N ASN B 669 -48.10 7.33 -40.06
CA ASN B 669 -49.27 8.18 -40.12
C ASN B 669 -49.97 8.08 -41.48
N ALA B 670 -49.21 7.91 -42.56
CA ALA B 670 -49.82 7.78 -43.88
C ALA B 670 -50.63 6.49 -44.01
N ALA B 671 -50.10 5.38 -43.47
CA ALA B 671 -50.83 4.12 -43.50
C ALA B 671 -52.07 4.19 -42.60
N LEU B 672 -51.95 4.85 -41.45
CA LEU B 672 -53.09 5.00 -40.55
C LEU B 672 -54.18 5.87 -41.18
N ALA B 673 -53.78 6.95 -41.86
CA ALA B 673 -54.76 7.83 -42.51
C ALA B 673 -55.44 7.12 -43.67
N MET B 674 -54.68 6.33 -44.44
CA MET B 674 -55.28 5.59 -45.56
C MET B 674 -56.26 4.54 -45.07
N THR B 675 -55.91 3.83 -43.99
CA THR B 675 -56.82 2.82 -43.43
C THR B 675 -58.05 3.46 -42.80
N GLY B 676 -57.87 4.60 -42.13
CA GLY B 676 -59.00 5.29 -41.51
C GLY B 676 -59.95 5.83 -42.56
N LYS B 677 -59.42 6.35 -43.68
CA LYS B 677 -60.27 6.86 -44.73
C LYS B 677 -61.08 5.75 -45.39
N MET B 678 -60.46 4.59 -45.61
CA MET B 678 -61.19 3.45 -46.17
C MET B 678 -62.20 2.89 -45.19
N GLY B 679 -61.87 2.88 -43.90
CA GLY B 679 -62.80 2.40 -42.89
C GLY B 679 -64.02 3.31 -42.77
N GLY B 680 -63.79 4.64 -42.80
CA GLY B 680 -64.92 5.57 -42.72
C GLY B 680 -65.76 5.52 -43.99
N LYS B 681 -65.12 5.34 -45.15
CA LYS B 681 -65.87 5.26 -46.40
C LYS B 681 -66.70 3.98 -46.48
N GLY B 682 -66.19 2.88 -45.92
CA GLY B 682 -66.94 1.63 -45.94
C GLY B 682 -68.21 1.73 -45.11
N ALA B 683 -68.13 2.35 -43.93
CA ALA B 683 -69.32 2.54 -43.10
C ALA B 683 -70.28 3.53 -43.75
N LYS B 684 -69.75 4.57 -44.39
CA LYS B 684 -70.59 5.56 -45.05
C LYS B 684 -71.29 4.97 -46.27
N GLY B 685 -70.59 4.15 -47.05
CA GLY B 685 -71.18 3.57 -48.24
C GLY B 685 -72.25 2.54 -47.88
N GLY B 686 -72.03 1.77 -46.81
CA GLY B 686 -73.01 0.78 -46.38
C GLY B 686 -74.30 1.45 -45.91
N LYS B 687 -74.18 2.57 -45.19
CA LYS B 687 -75.36 3.29 -44.74
C LYS B 687 -76.06 3.99 -45.91
N LEU B 688 -75.31 4.37 -46.95
CA LEU B 688 -75.91 5.01 -48.11
C LEU B 688 -76.77 4.02 -48.90
N ALA B 689 -76.33 2.77 -48.99
CA ALA B 689 -77.06 1.74 -49.72
C ALA B 689 -78.07 1.03 -48.81
N VAL C 25 -6.51 -41.02 -21.37
CA VAL C 25 -5.48 -41.53 -20.47
C VAL C 25 -5.65 -40.83 -19.12
N VAL C 26 -5.22 -41.49 -18.04
CA VAL C 26 -5.32 -40.90 -16.71
C VAL C 26 -4.33 -39.76 -16.59
N VAL C 27 -4.82 -38.58 -16.25
CA VAL C 27 -4.02 -37.36 -16.15
C VAL C 27 -4.15 -36.80 -14.75
N ILE C 28 -3.02 -36.51 -14.12
CA ILE C 28 -3.02 -35.96 -12.76
C ILE C 28 -3.20 -34.46 -12.84
N ASP C 29 -4.21 -33.96 -12.14
CA ASP C 29 -4.44 -32.52 -12.08
C ASP C 29 -3.42 -31.89 -11.14
N PRO C 30 -2.62 -30.92 -11.60
CA PRO C 30 -1.64 -30.29 -10.69
C PRO C 30 -2.26 -29.55 -9.52
N SER C 31 -3.53 -29.15 -9.62
CA SER C 31 -4.22 -28.50 -8.52
C SER C 31 -4.86 -29.48 -7.54
N GLY C 32 -4.87 -30.78 -7.87
CA GLY C 32 -5.53 -31.75 -7.02
C GLY C 32 -4.69 -32.19 -5.83
N ASN C 33 -5.33 -32.99 -4.97
CA ASN C 33 -4.63 -33.51 -3.80
C ASN C 33 -3.65 -34.62 -4.16
N THR C 34 -3.93 -35.36 -5.24
CA THR C 34 -3.04 -36.43 -5.66
C THR C 34 -1.68 -35.88 -6.08
N TYR C 35 -1.67 -34.75 -6.79
CA TYR C 35 -0.41 -34.13 -7.19
C TYR C 35 0.39 -33.68 -5.98
N TYR C 36 -0.29 -33.13 -4.96
CA TYR C 36 0.39 -32.73 -3.74
C TYR C 36 0.96 -33.94 -2.99
N ASN C 37 0.21 -35.03 -2.93
CA ASN C 37 0.69 -36.24 -2.29
C ASN C 37 1.92 -36.80 -3.00
N TRP C 38 1.90 -36.78 -4.33
CA TRP C 38 3.09 -37.21 -5.06
C TRP C 38 4.24 -36.23 -4.90
N LEU C 39 3.94 -34.94 -4.73
CA LEU C 39 5.00 -33.97 -4.46
C LEU C 39 5.70 -34.29 -3.15
N PHE C 40 4.93 -34.67 -2.13
CA PHE C 40 5.55 -35.13 -0.89
C PHE C 40 6.35 -36.42 -1.10
N CYS C 41 5.79 -37.36 -1.86
CA CYS C 41 6.42 -38.66 -2.07
C CYS C 41 7.68 -38.57 -2.92
N ILE C 42 7.83 -37.50 -3.71
CA ILE C 42 9.09 -37.27 -4.42
C ILE C 42 10.02 -36.37 -3.62
N THR C 43 9.48 -35.52 -2.75
CA THR C 43 10.33 -34.69 -1.90
C THR C 43 11.11 -35.52 -0.89
N LEU C 44 10.51 -36.61 -0.39
CA LEU C 44 11.23 -37.45 0.56
C LEU C 44 12.54 -38.01 0.00
N PRO C 45 12.60 -38.61 -1.20
CA PRO C 45 13.91 -39.00 -1.74
C PRO C 45 14.79 -37.82 -2.09
N VAL C 46 14.22 -36.68 -2.48
CA VAL C 46 15.05 -35.51 -2.79
C VAL C 46 15.73 -34.98 -1.54
N MET C 47 14.98 -34.87 -0.44
CA MET C 47 15.58 -34.46 0.83
C MET C 47 16.61 -35.48 1.30
N TYR C 48 16.30 -36.78 1.14
CA TYR C 48 17.24 -37.83 1.51
C TYR C 48 18.54 -37.69 0.73
N ASN C 49 18.45 -37.45 -0.58
CA ASN C 49 19.64 -37.26 -1.39
C ASN C 49 20.41 -36.03 -0.95
N TRP C 50 19.72 -34.89 -0.87
CA TRP C 50 20.35 -33.60 -0.57
C TRP C 50 21.03 -33.58 0.79
N THR C 51 20.62 -34.44 1.72
CA THR C 51 21.36 -34.55 2.97
C THR C 51 22.41 -35.68 2.93
N MET C 52 21.95 -36.90 2.72
CA MET C 52 22.79 -38.06 2.94
C MET C 52 23.83 -38.30 1.86
N VAL C 53 23.66 -37.76 0.64
CA VAL C 53 24.69 -37.94 -0.37
C VAL C 53 25.98 -37.24 0.06
N ILE C 54 25.86 -35.97 0.46
CA ILE C 54 27.04 -35.26 0.93
C ILE C 54 27.47 -35.79 2.31
N ALA C 55 26.52 -36.27 3.13
CA ALA C 55 26.88 -36.83 4.42
C ALA C 55 27.76 -38.07 4.27
N ARG C 56 27.40 -38.97 3.35
CA ARG C 56 28.19 -40.17 3.10
C ARG C 56 29.45 -39.86 2.30
N ALA C 57 29.40 -38.85 1.44
CA ALA C 57 30.59 -38.49 0.66
C ALA C 57 31.68 -37.92 1.55
N CYS C 58 31.30 -37.11 2.55
CA CYS C 58 32.32 -36.49 3.39
C CYS C 58 32.70 -37.34 4.60
N PHE C 59 31.74 -38.03 5.20
CA PHE C 59 32.00 -38.95 6.30
C PHE C 59 32.07 -40.36 5.73
N ASP C 60 33.30 -40.89 5.65
CA ASP C 60 33.49 -42.21 5.05
C ASP C 60 32.90 -43.32 5.90
N GLU C 61 32.93 -43.15 7.23
CA GLU C 61 32.38 -44.15 8.13
C GLU C 61 30.87 -44.26 7.99
N LEU C 62 30.19 -43.14 7.73
CA LEU C 62 28.75 -43.17 7.52
C LEU C 62 28.38 -43.97 6.28
N GLN C 63 29.17 -43.85 5.22
CA GLN C 63 28.92 -44.64 4.02
C GLN C 63 29.28 -46.10 4.22
N SER C 64 30.41 -46.37 4.87
CA SER C 64 30.90 -47.74 4.96
C SER C 64 30.09 -48.58 5.95
N ASP C 65 29.69 -47.98 7.08
CA ASP C 65 29.06 -48.76 8.14
C ASP C 65 27.67 -49.21 7.76
N TYR C 66 26.92 -48.38 7.03
CA TYR C 66 25.54 -48.66 6.68
C TYR C 66 25.37 -48.80 5.17
N LEU C 67 26.32 -49.48 4.53
CA LEU C 67 26.38 -49.51 3.06
C LEU C 67 25.17 -50.18 2.45
N GLU C 68 24.69 -51.28 3.06
CA GLU C 68 23.51 -51.96 2.53
C GLU C 68 22.26 -51.09 2.66
N TYR C 69 22.11 -50.40 3.79
CA TYR C 69 20.96 -49.50 3.96
C TYR C 69 21.03 -48.35 2.98
N TRP C 70 22.23 -47.79 2.75
CA TRP C 70 22.36 -46.71 1.79
C TRP C 70 22.08 -47.19 0.37
N LEU C 71 22.51 -48.40 0.03
CA LEU C 71 22.22 -48.95 -1.30
C LEU C 71 20.72 -49.15 -1.50
N ILE C 72 20.04 -49.68 -0.48
CA ILE C 72 18.59 -49.88 -0.57
C ILE C 72 17.87 -48.54 -0.72
N LEU C 73 18.29 -47.54 0.08
CA LEU C 73 17.65 -46.24 0.01
C LEU C 73 17.93 -45.55 -1.31
N ASP C 74 19.13 -45.72 -1.87
CA ASP C 74 19.43 -45.13 -3.17
C ASP C 74 18.64 -45.79 -4.28
N TYR C 75 18.46 -47.12 -4.22
CA TYR C 75 17.63 -47.81 -5.20
C TYR C 75 16.18 -47.35 -5.10
N VAL C 76 15.66 -47.19 -3.88
CA VAL C 76 14.30 -46.70 -3.70
C VAL C 76 14.16 -45.27 -4.23
N SER C 77 15.18 -44.43 -3.97
CA SER C 77 15.16 -43.06 -4.47
C SER C 77 15.16 -43.02 -5.99
N ASP C 78 15.96 -43.88 -6.62
CA ASP C 78 15.99 -43.94 -8.09
C ASP C 78 14.65 -44.43 -8.65
N ILE C 79 14.03 -45.40 -7.97
CA ILE C 79 12.71 -45.88 -8.40
C ILE C 79 11.68 -44.75 -8.32
N VAL C 80 11.70 -44.00 -7.22
CA VAL C 80 10.76 -42.90 -7.06
C VAL C 80 11.07 -41.77 -8.05
N TYR C 81 12.34 -41.59 -8.42
CA TYR C 81 12.68 -40.63 -9.47
C TYR C 81 12.11 -41.05 -10.82
N LEU C 82 12.18 -42.35 -11.13
CA LEU C 82 11.56 -42.86 -12.36
C LEU C 82 10.05 -42.64 -12.36
N ILE C 83 9.40 -42.93 -11.23
CA ILE C 83 7.96 -42.69 -11.14
C ILE C 83 7.65 -41.21 -11.22
N ASP C 84 8.55 -40.36 -10.73
CA ASP C 84 8.37 -38.91 -10.86
C ASP C 84 8.42 -38.48 -12.32
N MET C 85 9.35 -39.03 -13.10
CA MET C 85 9.37 -38.72 -14.52
C MET C 85 8.12 -39.24 -15.23
N PHE C 86 7.65 -40.43 -14.83
CA PHE C 86 6.41 -40.95 -15.41
C PHE C 86 5.22 -40.06 -15.08
N VAL C 87 5.15 -39.54 -13.85
CA VAL C 87 4.10 -38.62 -13.46
C VAL C 87 4.22 -37.32 -14.26
N ARG C 88 5.45 -36.84 -14.47
CA ARG C 88 5.66 -35.64 -15.26
C ARG C 88 5.17 -35.81 -16.69
N THR C 89 5.33 -37.01 -17.25
CA THR C 89 4.75 -37.28 -18.56
C THR C 89 3.22 -37.34 -18.51
N ARG C 90 2.64 -37.59 -17.35
CA ARG C 90 1.19 -37.70 -17.19
C ARG C 90 0.59 -36.48 -16.51
N THR C 91 1.36 -35.43 -16.28
CA THR C 91 0.89 -34.25 -15.58
C THR C 91 0.31 -33.26 -16.58
N GLY C 92 -0.98 -32.96 -16.44
CA GLY C 92 -1.63 -32.03 -17.34
C GLY C 92 -1.29 -30.59 -17.01
N TYR C 93 -1.49 -29.73 -18.02
CA TYR C 93 -1.29 -28.30 -17.88
C TYR C 93 -2.47 -27.57 -18.51
N LEU C 94 -2.78 -26.40 -17.96
CA LEU C 94 -3.92 -25.62 -18.42
C LEU C 94 -3.54 -24.89 -19.70
N GLU C 95 -4.07 -25.36 -20.83
CA GLU C 95 -3.91 -24.70 -22.11
C GLU C 95 -5.27 -24.17 -22.55
N GLN C 96 -5.37 -22.84 -22.62
CA GLN C 96 -6.63 -22.15 -22.93
C GLN C 96 -7.74 -22.56 -21.95
N GLY C 97 -7.39 -22.67 -20.67
CA GLY C 97 -8.35 -22.97 -19.64
C GLY C 97 -8.76 -24.43 -19.55
N LEU C 98 -8.16 -25.30 -20.34
CA LEU C 98 -8.48 -26.73 -20.33
C LEU C 98 -7.26 -27.52 -19.89
N LEU C 99 -7.49 -28.55 -19.09
CA LEU C 99 -6.42 -29.48 -18.75
C LEU C 99 -6.13 -30.38 -19.95
N VAL C 100 -4.87 -30.37 -20.40
CA VAL C 100 -4.49 -31.19 -21.54
C VAL C 100 -4.42 -32.65 -21.12
N LYS C 101 -5.11 -33.51 -21.87
CA LYS C 101 -5.11 -34.94 -21.62
C LYS C 101 -4.47 -35.75 -22.74
N GLU C 102 -4.01 -35.10 -23.80
CA GLU C 102 -3.35 -35.81 -24.88
C GLU C 102 -1.96 -36.23 -24.42
N GLU C 103 -1.66 -37.54 -24.48
CA GLU C 103 -0.41 -38.03 -23.92
C GLU C 103 0.79 -37.57 -24.72
N LEU C 104 0.66 -37.49 -26.06
CA LEU C 104 1.76 -37.01 -26.88
C LEU C 104 2.05 -35.54 -26.60
N LYS C 105 1.00 -34.73 -26.45
CA LYS C 105 1.19 -33.32 -26.14
C LYS C 105 1.80 -33.13 -24.76
N LEU C 106 1.37 -33.94 -23.78
CA LEU C 106 1.96 -33.87 -22.44
C LEU C 106 3.43 -34.27 -22.46
N ILE C 107 3.76 -35.32 -23.20
CA ILE C 107 5.15 -35.78 -23.30
C ILE C 107 6.01 -34.72 -23.98
N ASN C 108 5.50 -34.10 -25.05
CA ASN C 108 6.24 -33.05 -25.73
C ASN C 108 6.42 -31.83 -24.83
N LYS C 109 5.40 -31.48 -24.06
CA LYS C 109 5.50 -30.35 -23.13
C LYS C 109 6.55 -30.63 -22.06
N TYR C 110 6.57 -31.86 -21.54
CA TYR C 110 7.59 -32.24 -20.57
C TYR C 110 8.99 -32.20 -21.18
N LYS C 111 9.14 -32.72 -22.40
CA LYS C 111 10.46 -32.83 -23.02
C LYS C 111 11.02 -31.46 -23.40
N SER C 112 10.17 -30.55 -23.86
CA SER C 112 10.63 -29.21 -24.21
C SER C 112 11.09 -28.41 -22.99
N ASN C 113 10.62 -28.75 -21.80
CA ASN C 113 11.03 -28.07 -20.59
C ASN C 113 12.42 -28.52 -20.17
N LEU C 114 13.12 -27.62 -19.46
CA LEU C 114 14.44 -27.94 -18.91
C LEU C 114 14.34 -29.01 -17.82
N GLN C 115 13.16 -29.19 -17.23
CA GLN C 115 12.99 -30.20 -16.19
C GLN C 115 13.24 -31.60 -16.72
N PHE C 116 12.95 -31.87 -17.99
CA PHE C 116 13.24 -33.17 -18.57
C PHE C 116 14.74 -33.41 -18.61
N LYS C 117 15.52 -32.40 -19.01
CA LYS C 117 16.97 -32.51 -19.01
C LYS C 117 17.51 -32.70 -17.60
N LEU C 118 16.95 -31.98 -16.63
CA LEU C 118 17.39 -32.12 -15.24
C LEU C 118 17.07 -33.51 -14.70
N ASP C 119 15.90 -34.05 -15.07
CA ASP C 119 15.53 -35.39 -14.60
C ASP C 119 16.38 -36.47 -15.26
N VAL C 120 16.73 -36.27 -16.54
CA VAL C 120 17.63 -37.22 -17.21
C VAL C 120 19.01 -37.18 -16.58
N LEU C 121 19.53 -35.97 -16.31
CA LEU C 121 20.83 -35.85 -15.67
C LEU C 121 20.82 -36.39 -14.24
N SER C 122 19.69 -36.28 -13.55
CA SER C 122 19.59 -36.75 -12.17
C SER C 122 19.47 -38.25 -12.06
N LEU C 123 19.09 -38.93 -13.14
CA LEU C 123 18.99 -40.39 -13.16
C LEU C 123 20.05 -41.02 -14.06
N ILE C 124 21.13 -40.30 -14.34
CA ILE C 124 22.25 -40.89 -15.08
C ILE C 124 22.85 -42.01 -14.24
N PRO C 125 23.07 -43.21 -14.79
CA PRO C 125 23.57 -44.32 -13.97
C PRO C 125 25.03 -44.12 -13.56
N THR C 126 25.27 -43.19 -12.65
CA THR C 126 26.61 -42.98 -12.10
C THR C 126 26.97 -44.00 -11.04
N ASP C 127 26.01 -44.81 -10.60
CA ASP C 127 26.30 -45.86 -9.62
C ASP C 127 27.20 -46.94 -10.18
N LEU C 128 27.32 -47.04 -11.51
CA LEU C 128 28.27 -47.95 -12.12
C LEU C 128 29.72 -47.51 -11.93
N LEU C 129 29.95 -46.27 -11.51
CA LEU C 129 31.29 -45.80 -11.17
C LEU C 129 31.76 -46.31 -9.81
N TYR C 130 30.89 -46.98 -9.05
CA TYR C 130 31.34 -47.68 -7.85
C TYR C 130 32.31 -48.80 -8.21
N PHE C 131 32.15 -49.40 -9.39
CA PHE C 131 33.06 -50.45 -9.83
C PHE C 131 34.41 -49.89 -10.29
N LYS C 132 34.49 -48.58 -10.53
CA LYS C 132 35.73 -47.96 -10.96
C LYS C 132 36.43 -47.18 -9.85
N LEU C 133 35.69 -46.67 -8.88
CA LEU C 133 36.26 -45.85 -7.80
C LEU C 133 36.11 -46.46 -6.42
N GLY C 134 35.36 -47.54 -6.27
CA GLY C 134 35.12 -48.14 -4.97
C GLY C 134 33.93 -47.52 -4.26
N TRP C 135 33.53 -48.18 -3.17
CA TRP C 135 32.37 -47.74 -2.40
C TRP C 135 32.66 -46.50 -1.55
N ASN C 136 33.91 -46.06 -1.48
CA ASN C 136 34.28 -44.92 -0.65
C ASN C 136 34.01 -43.58 -1.32
N TYR C 137 33.46 -43.57 -2.54
CA TYR C 137 33.18 -42.34 -3.27
C TYR C 137 31.71 -42.29 -3.64
N PRO C 138 30.83 -41.85 -2.73
CA PRO C 138 29.42 -41.67 -3.08
C PRO C 138 29.11 -40.30 -3.65
N GLU C 139 30.16 -39.57 -4.07
CA GLU C 139 29.96 -38.31 -4.78
C GLU C 139 29.36 -38.51 -6.17
N ILE C 140 29.34 -39.74 -6.67
CA ILE C 140 28.78 -40.01 -7.99
C ILE C 140 27.28 -39.72 -8.01
N ARG C 141 26.61 -39.85 -6.86
CA ARG C 141 25.18 -39.60 -6.76
C ARG C 141 24.85 -38.13 -6.51
N LEU C 142 25.82 -37.23 -6.72
CA LEU C 142 25.55 -35.81 -6.60
C LEU C 142 24.63 -35.30 -7.70
N ASN C 143 24.51 -36.05 -8.81
CA ASN C 143 23.57 -35.68 -9.86
C ASN C 143 22.12 -35.81 -9.40
N ARG C 144 21.85 -36.66 -8.41
CA ARG C 144 20.49 -36.82 -7.88
C ARG C 144 19.98 -35.57 -7.18
N LEU C 145 20.86 -34.61 -6.89
CA LEU C 145 20.48 -33.35 -6.29
C LEU C 145 19.74 -32.43 -7.25
N LEU C 146 19.76 -32.73 -8.55
CA LEU C 146 19.13 -31.88 -9.55
C LEU C 146 17.60 -31.96 -9.53
N ARG C 147 17.04 -32.88 -8.74
CA ARG C 147 15.59 -32.96 -8.52
C ARG C 147 15.12 -31.99 -7.42
N PHE C 148 15.91 -30.95 -7.13
CA PHE C 148 15.55 -29.95 -6.13
C PHE C 148 14.28 -29.19 -6.49
N SER C 149 13.95 -29.10 -7.78
CA SER C 149 12.78 -28.35 -8.20
C SER C 149 11.50 -29.00 -7.68
N ARG C 150 11.46 -30.33 -7.62
CA ARG C 150 10.30 -31.02 -7.05
C ARG C 150 10.13 -30.68 -5.58
N MET C 151 11.24 -30.65 -4.83
CA MET C 151 11.21 -30.26 -3.43
C MET C 151 10.70 -28.84 -3.26
N PHE C 152 11.21 -27.91 -4.06
CA PHE C 152 10.80 -26.51 -3.96
C PHE C 152 9.33 -26.34 -4.34
N GLU C 153 8.88 -27.05 -5.37
CA GLU C 153 7.48 -27.00 -5.77
C GLU C 153 6.57 -27.55 -4.68
N PHE C 154 6.99 -28.65 -4.04
CA PHE C 154 6.18 -29.21 -2.95
C PHE C 154 6.10 -28.24 -1.77
N PHE C 155 7.21 -27.58 -1.45
CA PHE C 155 7.18 -26.64 -0.33
C PHE C 155 6.36 -25.40 -0.65
N GLN C 156 6.40 -24.92 -1.89
CA GLN C 156 5.56 -23.76 -2.21
C GLN C 156 4.08 -24.15 -2.27
N ARG C 157 3.77 -25.36 -2.73
CA ARG C 157 2.38 -25.81 -2.69
C ARG C 157 1.90 -26.01 -1.25
N THR C 158 2.79 -26.47 -0.38
CA THR C 158 2.46 -26.56 1.04
C THR C 158 2.22 -25.17 1.64
N GLU C 159 3.03 -24.20 1.24
CA GLU C 159 2.83 -22.82 1.70
C GLU C 159 1.49 -22.27 1.24
N THR C 160 1.10 -22.55 0.00
CA THR C 160 -0.19 -22.09 -0.49
C THR C 160 -1.37 -22.91 0.00
N ARG C 161 -1.13 -24.11 0.55
CA ARG C 161 -2.22 -24.98 0.99
C ARG C 161 -2.43 -24.99 2.49
N THR C 162 -1.39 -24.71 3.28
CA THR C 162 -1.51 -24.80 4.73
C THR C 162 -2.36 -23.66 5.28
N ASN C 163 -2.93 -23.89 6.46
CA ASN C 163 -3.67 -22.88 7.19
C ASN C 163 -2.78 -22.04 8.10
N TYR C 164 -1.49 -22.37 8.18
CA TYR C 164 -0.53 -21.63 9.01
C TYR C 164 0.66 -21.28 8.13
N PRO C 165 0.51 -20.28 7.26
CA PRO C 165 1.62 -19.92 6.36
C PRO C 165 2.85 -19.41 7.10
N ASN C 166 2.67 -18.71 8.22
CA ASN C 166 3.81 -18.15 8.93
C ASN C 166 4.58 -19.24 9.68
N ILE C 167 3.87 -20.16 10.33
CA ILE C 167 4.52 -21.28 11.01
C ILE C 167 5.24 -22.16 10.00
N PHE C 168 4.60 -22.42 8.86
CA PHE C 168 5.26 -23.25 7.85
C PHE C 168 6.43 -22.52 7.21
N ARG C 169 6.38 -21.20 7.10
CA ARG C 169 7.53 -20.49 6.53
C ARG C 169 8.70 -20.44 7.52
N ILE C 170 8.40 -20.33 8.83
CA ILE C 170 9.42 -20.58 9.85
C ILE C 170 10.03 -21.96 9.67
N SER C 171 9.18 -22.99 9.54
CA SER C 171 9.69 -24.35 9.44
C SER C 171 10.54 -24.54 8.18
N ASN C 172 10.09 -23.98 7.06
CA ASN C 172 10.82 -24.10 5.79
C ASN C 172 12.17 -23.40 5.88
N LEU C 173 12.19 -22.18 6.42
CA LEU C 173 13.46 -21.46 6.58
C LEU C 173 14.40 -22.20 7.51
N VAL C 174 13.88 -22.71 8.63
CA VAL C 174 14.71 -23.43 9.59
C VAL C 174 15.30 -24.69 8.96
N MET C 175 14.49 -25.45 8.22
CA MET C 175 15.04 -26.68 7.65
C MET C 175 15.99 -26.40 6.50
N TYR C 176 15.78 -25.31 5.75
CA TYR C 176 16.77 -24.93 4.75
C TYR C 176 18.10 -24.54 5.39
N ILE C 177 18.04 -23.78 6.50
CA ILE C 177 19.26 -23.40 7.19
C ILE C 177 19.93 -24.63 7.82
N VAL C 178 19.14 -25.58 8.31
CA VAL C 178 19.70 -26.82 8.84
C VAL C 178 20.38 -27.62 7.74
N ILE C 179 19.79 -27.66 6.55
CA ILE C 179 20.41 -28.36 5.41
C ILE C 179 21.72 -27.69 5.03
N ILE C 180 21.73 -26.36 4.99
CA ILE C 180 22.96 -25.64 4.64
C ILE C 180 24.02 -25.83 5.72
N ILE C 181 23.62 -25.84 6.99
CA ILE C 181 24.54 -26.07 8.10
C ILE C 181 25.12 -27.48 8.03
N HIS C 182 24.29 -28.46 7.70
CA HIS C 182 24.77 -29.83 7.54
C HIS C 182 25.74 -29.94 6.37
N TRP C 183 25.45 -29.23 5.28
CA TRP C 183 26.37 -29.19 4.14
C TRP C 183 27.71 -28.57 4.53
N ASN C 184 27.68 -27.47 5.27
CA ASN C 184 28.91 -26.84 5.71
C ASN C 184 29.65 -27.70 6.72
N ALA C 185 28.93 -28.47 7.53
CA ALA C 185 29.56 -29.43 8.42
C ALA C 185 30.31 -30.49 7.64
N CYS C 186 29.68 -31.02 6.59
CA CYS C 186 30.34 -32.00 5.73
C CYS C 186 31.54 -31.39 5.03
N VAL C 187 31.41 -30.15 4.58
CA VAL C 187 32.53 -29.46 3.91
C VAL C 187 33.69 -29.25 4.88
N PHE C 188 33.38 -28.84 6.11
CA PHE C 188 34.43 -28.64 7.12
C PHE C 188 35.12 -29.95 7.46
N TYR C 189 34.36 -31.03 7.57
CA TYR C 189 34.96 -32.34 7.83
C TYR C 189 35.85 -32.78 6.67
N SER C 190 35.40 -32.54 5.43
CA SER C 190 36.21 -32.89 4.26
C SER C 190 37.50 -32.06 4.21
N ILE C 191 37.41 -30.78 4.54
CA ILE C 191 38.59 -29.92 4.55
C ILE C 191 39.57 -30.35 5.63
N SER C 192 39.04 -30.72 6.80
CA SER C 192 39.90 -31.24 7.87
C SER C 192 40.54 -32.56 7.46
N LYS C 193 39.82 -33.40 6.74
CA LYS C 193 40.40 -34.64 6.21
C LYS C 193 41.51 -34.36 5.22
N ALA C 194 41.29 -33.40 4.32
CA ALA C 194 42.30 -33.06 3.30
C ALA C 194 43.55 -32.48 3.93
N ILE C 195 43.39 -31.55 4.89
CA ILE C 195 44.55 -30.99 5.57
C ILE C 195 45.18 -32.03 6.48
N GLY C 196 44.36 -32.82 7.17
CA GLY C 196 44.87 -33.82 8.09
C GLY C 196 44.25 -33.67 9.46
N PHE C 197 43.70 -34.75 9.99
CA PHE C 197 43.03 -34.71 11.28
C PHE C 197 44.06 -34.51 12.40
N GLY C 198 43.87 -33.47 13.20
CA GLY C 198 44.77 -33.19 14.31
C GLY C 198 46.08 -32.56 13.92
N ASN C 199 46.24 -32.12 12.67
CA ASN C 199 47.48 -31.47 12.27
C ASN C 199 47.69 -30.15 13.00
N ASP C 200 46.62 -29.38 13.17
CA ASP C 200 46.65 -28.15 13.94
C ASP C 200 45.35 -28.00 14.71
N THR C 201 45.20 -26.87 15.38
CA THR C 201 44.07 -26.69 16.29
C THR C 201 42.75 -26.50 15.56
N TRP C 202 42.78 -25.96 14.34
CA TRP C 202 41.54 -25.60 13.67
C TRP C 202 40.79 -26.81 13.13
N VAL C 203 41.51 -27.79 12.58
CA VAL C 203 40.88 -28.93 11.92
C VAL C 203 40.18 -29.81 12.94
N TYR C 204 39.37 -30.74 12.44
CA TYR C 204 38.82 -31.77 13.32
C TYR C 204 39.96 -32.58 13.92
N PRO C 205 39.88 -32.94 15.21
CA PRO C 205 40.99 -33.63 15.87
C PRO C 205 41.31 -35.01 15.28
N ASP C 206 42.35 -35.64 15.82
CA ASP C 206 42.78 -36.95 15.32
C ASP C 206 41.68 -37.97 15.51
N ILE C 207 41.36 -38.69 14.42
CA ILE C 207 40.27 -39.67 14.45
C ILE C 207 40.69 -40.99 15.07
N ASN C 208 41.97 -41.13 15.42
CA ASN C 208 42.40 -42.28 16.22
C ASN C 208 42.02 -42.12 17.69
N ASP C 209 41.55 -40.96 18.09
CA ASP C 209 41.07 -40.75 19.45
C ASP C 209 39.82 -41.59 19.70
N PRO C 210 39.71 -42.26 20.85
CA PRO C 210 38.50 -43.03 21.13
C PRO C 210 37.23 -42.19 21.19
N GLU C 211 37.33 -40.93 21.61
CA GLU C 211 36.15 -40.07 21.69
C GLU C 211 35.86 -39.36 20.38
N PHE C 212 36.88 -38.73 19.78
CA PHE C 212 36.67 -37.99 18.54
C PHE C 212 36.68 -38.88 17.30
N GLY C 213 37.00 -40.17 17.45
CA GLY C 213 36.92 -41.09 16.34
C GLY C 213 35.56 -41.66 16.07
N ARG C 214 34.59 -41.41 16.95
CA ARG C 214 33.24 -41.92 16.75
C ARG C 214 32.55 -41.15 15.63
N LEU C 215 31.78 -41.87 14.81
CA LEU C 215 31.10 -41.25 13.68
C LEU C 215 30.07 -40.23 14.16
N ALA C 216 29.32 -40.55 15.21
CA ALA C 216 28.37 -39.60 15.77
C ALA C 216 29.07 -38.37 16.30
N ARG C 217 30.20 -38.55 16.98
CA ARG C 217 30.98 -37.40 17.45
C ARG C 217 31.51 -36.58 16.29
N LYS C 218 31.99 -37.25 15.24
CA LYS C 218 32.46 -36.55 14.05
C LYS C 218 31.37 -35.66 13.47
N TYR C 219 30.20 -36.22 13.22
CA TYR C 219 29.12 -35.45 12.63
C TYR C 219 28.64 -34.34 13.55
N VAL C 220 28.56 -34.61 14.85
CA VAL C 220 27.96 -33.60 15.72
C VAL C 220 28.96 -32.47 15.99
N TYR C 221 30.26 -32.74 16.03
CA TYR C 221 31.22 -31.65 16.16
C TYR C 221 31.31 -30.85 14.87
N SER C 222 31.22 -31.52 13.72
CA SER C 222 31.17 -30.79 12.45
C SER C 222 29.93 -29.90 12.40
N LEU C 223 28.79 -30.41 12.85
CA LEU C 223 27.57 -29.62 12.89
C LEU C 223 27.69 -28.45 13.86
N TYR C 224 28.33 -28.66 15.01
CA TYR C 224 28.54 -27.60 15.98
C TYR C 224 29.41 -26.49 15.40
N TRP C 225 30.52 -26.87 14.77
CA TRP C 225 31.39 -25.89 14.13
C TRP C 225 30.66 -25.15 13.01
N SER C 226 29.91 -25.88 12.19
CA SER C 226 29.19 -25.27 11.08
C SER C 226 28.11 -24.32 11.56
N THR C 227 27.38 -24.69 12.61
CA THR C 227 26.37 -23.80 13.16
C THR C 227 27.01 -22.54 13.72
N LEU C 228 28.11 -22.69 14.46
CA LEU C 228 28.74 -21.52 15.05
C LEU C 228 29.38 -20.61 14.00
N THR C 229 29.78 -21.17 12.86
CA THR C 229 30.36 -20.34 11.81
C THR C 229 29.29 -19.70 10.91
N LEU C 230 28.24 -20.46 10.59
CA LEU C 230 27.18 -19.97 9.72
C LEU C 230 26.17 -19.09 10.44
N THR C 231 26.21 -19.03 11.77
CA THR C 231 25.39 -18.10 12.52
C THR C 231 26.16 -16.87 12.96
N THR C 232 27.40 -16.71 12.50
CA THR C 232 28.28 -15.57 12.83
C THR C 232 28.43 -15.41 14.33
N ILE C 233 28.58 -16.53 15.03
CA ILE C 233 28.75 -16.54 16.47
C ILE C 233 30.22 -16.73 16.87
N GLY C 234 30.93 -17.58 16.14
CA GLY C 234 32.34 -17.80 16.42
C GLY C 234 32.51 -18.89 17.44
N GLU C 235 33.34 -18.62 18.47
CA GLU C 235 33.58 -19.53 19.58
C GLU C 235 34.05 -20.90 19.10
N THR C 236 34.91 -20.89 18.09
CA THR C 236 35.52 -22.05 17.48
C THR C 236 37.02 -21.84 17.47
N PRO C 237 37.81 -22.91 17.39
CA PRO C 237 39.26 -22.76 17.26
C PRO C 237 39.62 -21.92 16.04
N PRO C 238 40.48 -20.91 16.21
CA PRO C 238 40.81 -20.05 15.07
C PRO C 238 41.64 -20.80 14.04
N PRO C 239 41.58 -20.39 12.77
CA PRO C 239 42.41 -21.04 11.75
C PRO C 239 43.89 -20.79 11.98
N VAL C 240 44.69 -21.71 11.47
CA VAL C 240 46.15 -21.65 11.58
C VAL C 240 46.80 -21.49 10.21
N ARG C 241 46.37 -22.27 9.23
CA ARG C 241 46.90 -22.21 7.89
C ARG C 241 46.13 -21.19 7.05
N ASP C 242 46.80 -20.69 6.00
CA ASP C 242 46.20 -19.67 5.14
C ASP C 242 44.97 -20.20 4.42
N SER C 243 45.00 -21.46 4.00
CA SER C 243 43.82 -22.06 3.38
C SER C 243 42.66 -22.13 4.37
N GLU C 244 42.97 -22.46 5.63
CA GLU C 244 41.96 -22.45 6.68
C GLU C 244 41.41 -21.06 6.90
N TYR C 245 42.28 -20.04 6.85
CA TYR C 245 41.84 -18.65 6.99
C TYR C 245 40.90 -18.28 5.84
N VAL C 246 41.24 -18.67 4.62
CA VAL C 246 40.40 -18.36 3.46
C VAL C 246 39.04 -19.04 3.61
N PHE C 247 39.03 -20.32 3.99
CA PHE C 247 37.77 -21.03 4.15
C PHE C 247 36.94 -20.45 5.28
N VAL C 248 37.57 -20.05 6.38
CA VAL C 248 36.85 -19.46 7.50
C VAL C 248 36.24 -18.13 7.09
N VAL C 249 36.99 -17.30 6.35
CA VAL C 249 36.46 -16.01 5.89
C VAL C 249 35.27 -16.22 4.96
N VAL C 250 35.43 -17.13 3.99
CA VAL C 250 34.36 -17.38 3.02
C VAL C 250 33.12 -17.95 3.71
N ASP C 251 33.32 -18.88 4.65
CA ASP C 251 32.19 -19.51 5.30
C ASP C 251 31.52 -18.57 6.29
N PHE C 252 32.27 -17.66 6.89
CA PHE C 252 31.65 -16.62 7.71
C PHE C 252 30.87 -15.63 6.85
N LEU C 253 31.33 -15.35 5.64
CA LEU C 253 30.56 -14.50 4.73
C LEU C 253 29.26 -15.18 4.30
N ILE C 254 29.34 -16.49 4.01
CA ILE C 254 28.14 -17.27 3.74
C ILE C 254 27.22 -17.25 4.95
N GLY C 255 27.78 -17.30 6.15
CA GLY C 255 26.99 -17.17 7.35
C GLY C 255 26.37 -15.80 7.53
N VAL C 256 27.06 -14.74 7.10
CA VAL C 256 26.49 -13.40 7.12
C VAL C 256 25.28 -13.33 6.21
N LEU C 257 25.40 -13.90 5.01
CA LEU C 257 24.29 -13.95 4.08
C LEU C 257 23.14 -14.75 4.66
N ILE C 258 23.44 -15.88 5.30
CA ILE C 258 22.42 -16.74 5.89
C ILE C 258 21.70 -16.03 7.02
N PHE C 259 22.47 -15.37 7.90
CA PHE C 259 21.88 -14.67 9.04
C PHE C 259 21.02 -13.51 8.58
N ALA C 260 21.51 -12.74 7.60
CA ALA C 260 20.71 -11.64 7.05
C ALA C 260 19.43 -12.17 6.40
N THR C 261 19.52 -13.30 5.70
CA THR C 261 18.32 -13.90 5.10
C THR C 261 17.32 -14.34 6.16
N ILE C 262 17.81 -14.98 7.23
CA ILE C 262 16.92 -15.46 8.30
C ILE C 262 16.22 -14.28 8.95
N VAL C 263 16.99 -13.27 9.36
CA VAL C 263 16.42 -12.14 10.08
C VAL C 263 15.49 -11.34 9.17
N GLY C 264 15.87 -11.19 7.89
CA GLY C 264 15.01 -10.48 6.96
C GLY C 264 13.71 -11.20 6.68
N ASN C 265 13.76 -12.53 6.53
CA ASN C 265 12.54 -13.30 6.30
C ASN C 265 11.61 -13.25 7.50
N ILE C 266 12.17 -13.39 8.71
CA ILE C 266 11.34 -13.36 9.91
C ILE C 266 10.80 -11.95 10.16
N GLY C 267 11.60 -10.92 9.87
CA GLY C 267 11.09 -9.56 9.98
C GLY C 267 10.00 -9.25 8.97
N SER C 268 10.15 -9.74 7.74
CA SER C 268 9.11 -9.58 6.74
C SER C 268 7.83 -10.30 7.16
N MET C 269 7.96 -11.50 7.70
CA MET C 269 6.79 -12.22 8.19
C MET C 269 6.12 -11.48 9.34
N ILE C 270 6.91 -10.93 10.27
CA ILE C 270 6.35 -10.20 11.39
C ILE C 270 5.63 -8.94 10.91
N SER C 271 6.22 -8.25 9.93
CA SER C 271 5.56 -7.09 9.33
C SER C 271 4.26 -7.48 8.63
N ASN C 272 4.26 -8.63 7.95
CA ASN C 272 3.04 -9.10 7.29
C ASN C 272 1.96 -9.43 8.31
N MET C 273 2.33 -10.07 9.41
CA MET C 273 1.35 -10.43 10.43
C MET C 273 0.84 -9.20 11.18
N ASN C 274 1.67 -8.17 11.30
CA ASN C 274 1.28 -6.95 12.00
C ASN C 274 0.76 -5.88 11.06
N ALA C 275 0.67 -6.15 9.74
CA ALA C 275 0.23 -5.13 8.79
C ALA C 275 -1.22 -4.72 9.03
N ALA C 276 -2.10 -5.68 9.29
CA ALA C 276 -3.51 -5.35 9.54
C ALA C 276 -3.66 -4.51 10.79
N ARG C 277 -2.98 -4.91 11.87
CA ARG C 277 -3.01 -4.13 13.11
C ARG C 277 -2.42 -2.74 12.91
N ALA C 278 -1.33 -2.64 12.15
CA ALA C 278 -0.69 -1.34 11.91
C ALA C 278 -1.60 -0.43 11.10
N GLU C 279 -2.27 -0.96 10.08
CA GLU C 279 -3.19 -0.15 9.29
C GLU C 279 -4.40 0.29 10.12
N PHE C 280 -4.96 -0.62 10.92
CA PHE C 280 -6.09 -0.26 11.76
C PHE C 280 -5.69 0.78 12.80
N GLN C 281 -4.51 0.63 13.40
CA GLN C 281 -4.04 1.61 14.37
C GLN C 281 -3.73 2.94 13.71
N ALA C 282 -3.21 2.92 12.48
CA ALA C 282 -2.98 4.16 11.76
C ALA C 282 -4.28 4.89 11.50
N ARG C 283 -5.33 4.15 11.11
CA ARG C 283 -6.64 4.77 10.94
C ARG C 283 -7.18 5.31 12.26
N ILE C 284 -7.01 4.56 13.35
CA ILE C 284 -7.50 4.99 14.65
C ILE C 284 -6.82 6.28 15.10
N ASP C 285 -5.48 6.32 15.00
CA ASP C 285 -4.76 7.52 15.41
C ASP C 285 -4.99 8.69 14.45
N ALA C 286 -5.24 8.43 13.17
CA ALA C 286 -5.60 9.51 12.26
C ALA C 286 -6.94 10.11 12.65
N ILE C 287 -7.91 9.28 12.99
CA ILE C 287 -9.21 9.78 13.43
C ILE C 287 -9.10 10.48 14.78
N LYS C 288 -8.24 9.98 15.67
CA LYS C 288 -7.99 10.66 16.94
C LYS C 288 -7.36 12.03 16.72
N GLN C 289 -6.40 12.12 15.80
CA GLN C 289 -5.78 13.41 15.47
C GLN C 289 -6.79 14.37 14.88
N TYR C 290 -7.67 13.87 14.00
CA TYR C 290 -8.74 14.69 13.46
C TYR C 290 -9.68 15.17 14.56
N MET C 291 -10.02 14.29 15.50
CA MET C 291 -10.98 14.64 16.54
C MET C 291 -10.39 15.66 17.51
N HIS C 292 -9.09 15.57 17.77
CA HIS C 292 -8.41 16.58 18.57
C HIS C 292 -8.27 17.88 17.79
N PHE C 293 -8.13 17.79 16.46
CA PHE C 293 -7.92 18.96 15.62
C PHE C 293 -9.20 19.76 15.42
N ARG C 294 -10.36 19.09 15.39
CA ARG C 294 -11.66 19.73 15.24
C ARG C 294 -12.41 19.92 16.55
N ASN C 295 -11.76 19.62 17.68
CA ASN C 295 -12.31 19.85 19.02
C ASN C 295 -13.66 19.15 19.21
N VAL C 296 -13.69 17.87 18.82
CA VAL C 296 -14.89 17.06 19.03
C VAL C 296 -15.06 16.78 20.51
N SER C 297 -16.32 16.70 20.94
CA SER C 297 -16.66 16.52 22.35
C SER C 297 -16.15 15.18 22.86
N LYS C 298 -15.92 15.13 24.18
CA LYS C 298 -15.33 13.95 24.80
C LYS C 298 -16.25 12.74 24.71
N ASP C 299 -17.56 12.96 24.81
CA ASP C 299 -18.51 11.86 24.69
C ASP C 299 -18.47 11.26 23.30
N MET C 300 -18.41 12.10 22.27
CA MET C 300 -18.33 11.60 20.90
C MET C 300 -17.00 10.88 20.64
N GLU C 301 -15.92 11.40 21.22
CA GLU C 301 -14.62 10.72 21.12
C GLU C 301 -14.68 9.34 21.78
N LYS C 302 -15.31 9.25 22.95
CA LYS C 302 -15.44 7.97 23.63
C LYS C 302 -16.32 7.00 22.83
N ARG C 303 -17.36 7.51 22.18
CA ARG C 303 -18.18 6.66 21.31
C ARG C 303 -17.37 6.12 20.15
N VAL C 304 -16.54 6.96 19.53
CA VAL C 304 -15.70 6.50 18.42
C VAL C 304 -14.70 5.46 18.90
N ILE C 305 -14.08 5.69 20.05
CA ILE C 305 -13.09 4.74 20.57
C ILE C 305 -13.75 3.42 20.94
N LYS C 306 -14.94 3.48 21.53
CA LYS C 306 -15.69 2.25 21.83
C LYS C 306 -16.05 1.51 20.56
N TRP C 307 -16.43 2.24 19.51
CA TRP C 307 -16.75 1.61 18.24
C TRP C 307 -15.54 0.90 17.65
N PHE C 308 -14.36 1.51 17.74
CA PHE C 308 -13.17 0.87 17.19
C PHE C 308 -12.70 -0.30 18.05
N ASP C 309 -12.88 -0.21 19.37
CA ASP C 309 -12.62 -1.37 20.22
C ASP C 309 -13.55 -2.52 19.87
N TYR C 310 -14.82 -2.23 19.58
CA TYR C 310 -15.75 -3.25 19.13
C TYR C 310 -15.33 -3.82 17.79
N LEU C 311 -14.84 -2.97 16.89
CA LEU C 311 -14.41 -3.43 15.56
C LEU C 311 -13.24 -4.39 15.65
N TRP C 312 -12.22 -4.03 16.44
CA TRP C 312 -11.06 -4.89 16.54
C TRP C 312 -11.33 -6.13 17.38
N THR C 313 -12.17 -6.03 18.41
CA THR C 313 -12.45 -7.17 19.26
C THR C 313 -13.24 -8.25 18.52
N ASN C 314 -14.21 -7.84 17.72
CA ASN C 314 -15.08 -8.77 17.02
C ASN C 314 -14.59 -9.10 15.62
N LYS C 315 -13.40 -8.62 15.24
CA LYS C 315 -12.78 -8.88 13.94
C LYS C 315 -13.69 -8.44 12.78
N LYS C 316 -14.35 -7.30 12.96
CA LYS C 316 -15.23 -6.73 11.95
C LYS C 316 -14.60 -5.54 11.23
N THR C 317 -13.29 -5.35 11.36
CA THR C 317 -12.62 -4.22 10.73
C THR C 317 -12.58 -4.32 9.21
N VAL C 318 -12.82 -5.50 8.65
CA VAL C 318 -12.78 -5.67 7.20
C VAL C 318 -13.97 -4.96 6.57
N ASP C 319 -13.75 -4.44 5.36
CA ASP C 319 -14.78 -3.79 4.58
C ASP C 319 -15.25 -4.75 3.50
N GLU C 320 -16.57 -4.97 3.42
CA GLU C 320 -17.12 -5.89 2.44
C GLU C 320 -16.82 -5.45 1.01
N LYS C 321 -16.96 -4.15 0.74
CA LYS C 321 -16.68 -3.64 -0.60
C LYS C 321 -15.21 -3.81 -0.95
N GLU C 322 -14.31 -3.56 0.01
CA GLU C 322 -12.88 -3.73 -0.25
C GLU C 322 -12.50 -5.19 -0.33
N VAL C 323 -13.14 -6.06 0.45
CA VAL C 323 -12.80 -7.48 0.44
C VAL C 323 -13.25 -8.12 -0.88
N LEU C 324 -14.46 -7.80 -1.34
CA LEU C 324 -15.05 -8.46 -2.48
C LEU C 324 -14.84 -7.71 -3.80
N LYS C 325 -13.98 -6.69 -3.82
CA LYS C 325 -13.85 -5.86 -5.01
C LYS C 325 -13.19 -6.62 -6.17
N TYR C 326 -12.24 -7.50 -5.87
CA TYR C 326 -11.52 -8.21 -6.93
C TYR C 326 -12.36 -9.31 -7.57
N LEU C 327 -13.34 -9.83 -6.85
CA LEU C 327 -14.12 -10.96 -7.32
C LEU C 327 -14.94 -10.59 -8.55
N PRO C 328 -15.15 -11.53 -9.47
CA PRO C 328 -16.00 -11.25 -10.63
C PRO C 328 -17.46 -11.13 -10.23
N ASP C 329 -18.27 -10.69 -11.19
CA ASP C 329 -19.69 -10.46 -10.93
C ASP C 329 -20.41 -11.75 -10.57
N LYS C 330 -20.05 -12.86 -11.21
CA LYS C 330 -20.71 -14.13 -10.94
C LYS C 330 -20.40 -14.63 -9.54
N LEU C 331 -19.13 -14.59 -9.13
CA LEU C 331 -18.77 -15.14 -7.83
C LEU C 331 -19.22 -14.22 -6.69
N ARG C 332 -19.06 -12.90 -6.87
CA ARG C 332 -19.59 -11.97 -5.88
C ARG C 332 -21.10 -12.08 -5.79
N ALA C 333 -21.77 -12.28 -6.92
CA ALA C 333 -23.21 -12.50 -6.92
C ALA C 333 -23.57 -13.78 -6.18
N GLU C 334 -22.80 -14.85 -6.36
CA GLU C 334 -23.08 -16.11 -5.68
C GLU C 334 -22.92 -15.97 -4.17
N ILE C 335 -21.84 -15.31 -3.72
CA ILE C 335 -21.64 -15.09 -2.30
C ILE C 335 -22.76 -14.23 -1.72
N ALA C 336 -23.08 -13.14 -2.41
CA ALA C 336 -24.11 -12.22 -1.94
C ALA C 336 -25.47 -12.90 -1.91
N ILE C 337 -25.75 -13.76 -2.89
CA ILE C 337 -27.00 -14.53 -2.90
C ILE C 337 -27.05 -15.46 -1.71
N ASN C 338 -25.97 -16.20 -1.45
CA ASN C 338 -25.94 -17.11 -0.31
C ASN C 338 -26.06 -16.38 1.02
N VAL C 339 -25.73 -15.09 1.05
CA VAL C 339 -25.92 -14.31 2.27
C VAL C 339 -27.35 -13.75 2.36
N HIS C 340 -27.90 -13.20 1.27
CA HIS C 340 -29.05 -12.31 1.36
C HIS C 340 -30.32 -12.79 0.65
N LEU C 341 -30.29 -13.90 -0.10
CA LEU C 341 -31.40 -14.20 -1.00
C LEU C 341 -32.66 -14.57 -0.24
N ASP C 342 -32.53 -15.39 0.81
CA ASP C 342 -33.72 -15.80 1.56
C ASP C 342 -34.39 -14.61 2.23
N THR C 343 -33.59 -13.72 2.81
CA THR C 343 -34.18 -12.57 3.50
C THR C 343 -34.76 -11.56 2.52
N LEU C 344 -34.14 -11.38 1.35
CA LEU C 344 -34.72 -10.47 0.37
C LEU C 344 -35.97 -11.07 -0.28
N LYS C 345 -36.03 -12.39 -0.42
CA LYS C 345 -37.24 -13.04 -0.90
C LYS C 345 -38.34 -12.98 0.15
N LYS C 346 -37.99 -12.91 1.44
CA LYS C 346 -39.00 -12.76 2.48
C LYS C 346 -39.67 -11.40 2.43
N VAL C 347 -39.07 -10.41 1.76
CA VAL C 347 -39.70 -9.11 1.60
C VAL C 347 -40.91 -9.26 0.68
N ARG C 348 -42.03 -8.62 1.08
CA ARG C 348 -43.30 -8.84 0.39
C ARG C 348 -43.27 -8.32 -1.04
N ILE C 349 -42.66 -7.16 -1.28
CA ILE C 349 -42.63 -6.61 -2.63
C ILE C 349 -41.71 -7.43 -3.53
N PHE C 350 -40.59 -7.92 -2.99
CA PHE C 350 -39.62 -8.69 -3.76
C PHE C 350 -39.89 -10.18 -3.73
N ALA C 351 -41.06 -10.60 -3.24
CA ALA C 351 -41.38 -12.02 -3.18
C ALA C 351 -41.58 -12.60 -4.58
N ASP C 352 -42.22 -11.84 -5.47
CA ASP C 352 -42.54 -12.32 -6.80
C ASP C 352 -41.57 -11.80 -7.87
N CYS C 353 -40.46 -11.20 -7.47
CA CYS C 353 -39.53 -10.64 -8.43
C CYS C 353 -38.73 -11.73 -9.13
N GLU C 354 -38.23 -11.40 -10.31
CA GLU C 354 -37.44 -12.33 -11.11
C GLU C 354 -36.11 -12.63 -10.41
N ALA C 355 -35.56 -13.81 -10.72
CA ALA C 355 -34.32 -14.25 -10.09
C ALA C 355 -33.16 -13.31 -10.43
N GLY C 356 -33.08 -12.86 -11.68
CA GLY C 356 -32.01 -11.94 -12.06
C GLY C 356 -32.14 -10.59 -11.39
N LEU C 357 -33.37 -10.09 -11.26
CA LEU C 357 -33.59 -8.85 -10.53
C LEU C 357 -33.23 -9.01 -9.06
N LEU C 358 -33.55 -10.16 -8.48
CA LEU C 358 -33.16 -10.42 -7.09
C LEU C 358 -31.65 -10.47 -6.95
N VAL C 359 -30.95 -11.07 -7.92
CA VAL C 359 -29.49 -11.09 -7.90
C VAL C 359 -28.92 -9.69 -7.94
N GLU C 360 -29.47 -8.84 -8.82
CA GLU C 360 -28.99 -7.46 -8.91
C GLU C 360 -29.26 -6.67 -7.63
N LEU C 361 -30.46 -6.83 -7.06
CA LEU C 361 -30.81 -6.13 -5.84
C LEU C 361 -29.95 -6.59 -4.67
N VAL C 362 -29.67 -7.89 -4.60
CA VAL C 362 -28.80 -8.43 -3.57
C VAL C 362 -27.38 -7.89 -3.73
N LEU C 363 -26.90 -7.80 -4.98
CA LEU C 363 -25.57 -7.25 -5.23
C LEU C 363 -25.48 -5.78 -4.87
N LYS C 364 -26.59 -5.05 -4.95
CA LYS C 364 -26.58 -3.63 -4.65
C LYS C 364 -26.80 -3.32 -3.17
N LEU C 365 -26.86 -4.33 -2.32
CA LEU C 365 -26.99 -4.11 -0.89
C LEU C 365 -25.67 -3.64 -0.30
N GLN C 366 -25.74 -2.64 0.59
CA GLN C 366 -24.57 -2.07 1.23
C GLN C 366 -24.63 -2.28 2.74
N PRO C 367 -23.58 -2.79 3.36
CA PRO C 367 -23.63 -3.07 4.80
C PRO C 367 -23.60 -1.78 5.63
N GLN C 368 -24.41 -1.77 6.68
CA GLN C 368 -24.43 -0.67 7.64
C GLN C 368 -24.44 -1.26 9.04
N VAL C 369 -23.54 -0.78 9.90
CA VAL C 369 -23.40 -1.26 11.26
C VAL C 369 -23.69 -0.11 12.21
N TYR C 370 -24.54 -0.37 13.20
CA TYR C 370 -24.99 0.66 14.14
C TYR C 370 -24.65 0.27 15.56
N SER C 371 -24.18 1.25 16.34
CA SER C 371 -23.88 1.04 17.74
C SER C 371 -25.18 0.90 18.54
N PRO C 372 -25.11 0.33 19.74
CA PRO C 372 -26.29 0.33 20.62
C PRO C 372 -26.72 1.74 20.96
N GLY C 373 -28.02 2.00 20.85
CA GLY C 373 -28.57 3.31 21.09
C GLY C 373 -28.62 4.21 19.89
N ASP C 374 -28.00 3.82 18.78
CA ASP C 374 -28.06 4.61 17.57
C ASP C 374 -29.46 4.58 16.98
N TYR C 375 -29.83 5.66 16.29
CA TYR C 375 -31.11 5.76 15.61
C TYR C 375 -30.87 5.56 14.12
N ILE C 376 -31.46 4.50 13.57
CA ILE C 376 -31.36 4.26 12.14
C ILE C 376 -32.10 5.34 11.36
N CYS C 377 -33.29 5.71 11.83
CA CYS C 377 -34.04 6.81 11.23
C CYS C 377 -34.93 7.42 12.29
N LYS C 378 -35.39 8.63 12.01
CA LYS C 378 -36.28 9.37 12.88
C LYS C 378 -37.54 9.74 12.11
N LYS C 379 -38.61 10.01 12.85
CA LYS C 379 -39.85 10.46 12.22
C LYS C 379 -39.63 11.81 11.55
N GLY C 380 -39.98 11.90 10.27
CA GLY C 380 -39.72 13.08 9.48
C GLY C 380 -38.41 13.09 8.74
N ASP C 381 -37.57 12.07 8.93
CA ASP C 381 -36.34 11.97 8.15
C ASP C 381 -36.64 11.46 6.76
N ILE C 382 -35.80 11.86 5.80
CA ILE C 382 -35.99 11.44 4.42
C ILE C 382 -35.59 9.98 4.28
N GLY C 383 -36.50 9.17 3.74
CA GLY C 383 -36.23 7.76 3.54
C GLY C 383 -35.86 7.43 2.11
N ARG C 384 -34.57 7.20 1.87
CA ARG C 384 -34.08 6.85 0.55
C ARG C 384 -33.61 5.40 0.44
N GLU C 385 -33.43 4.71 1.55
CA GLU C 385 -32.92 3.34 1.53
C GLU C 385 -33.82 2.43 2.34
N MET C 386 -33.81 1.16 1.97
CA MET C 386 -34.55 0.11 2.66
C MET C 386 -33.58 -0.82 3.37
N TYR C 387 -33.78 -1.00 4.67
CA TYR C 387 -32.82 -1.69 5.53
C TYR C 387 -33.20 -3.15 5.71
N ILE C 388 -32.19 -4.01 5.65
CA ILE C 388 -32.31 -5.44 5.91
C ILE C 388 -31.51 -5.77 7.15
N ILE C 389 -32.15 -6.35 8.15
CA ILE C 389 -31.49 -6.73 9.39
C ILE C 389 -30.86 -8.10 9.19
N LYS C 390 -29.53 -8.14 9.09
CA LYS C 390 -28.80 -9.40 8.98
C LYS C 390 -28.46 -9.94 10.36
N GLU C 391 -27.89 -9.11 11.21
CA GLU C 391 -27.53 -9.48 12.57
C GLU C 391 -27.86 -8.31 13.49
N GLY C 392 -28.47 -8.60 14.63
CA GLY C 392 -28.85 -7.59 15.59
C GLY C 392 -30.35 -7.45 15.71
N LYS C 393 -30.75 -6.55 16.60
CA LYS C 393 -32.15 -6.30 16.89
C LYS C 393 -32.43 -4.80 16.85
N LEU C 394 -33.56 -4.43 16.25
CA LEU C 394 -33.98 -3.05 16.17
C LEU C 394 -35.32 -2.88 16.89
N ALA C 395 -35.58 -1.66 17.35
CA ALA C 395 -36.78 -1.36 18.10
C ALA C 395 -37.47 -0.13 17.54
N VAL C 396 -38.79 -0.19 17.44
CA VAL C 396 -39.60 0.96 17.05
C VAL C 396 -39.98 1.70 18.33
N VAL C 397 -39.50 2.93 18.47
CA VAL C 397 -39.70 3.70 19.69
C VAL C 397 -40.51 4.95 19.35
N ALA C 398 -41.02 5.58 20.40
CA ALA C 398 -41.79 6.81 20.26
C ALA C 398 -40.84 8.00 20.16
N ASP C 399 -41.39 9.21 20.30
CA ASP C 399 -40.57 10.42 20.22
C ASP C 399 -39.56 10.48 21.38
N ASP C 400 -39.98 10.10 22.59
CA ASP C 400 -39.06 10.11 23.72
C ASP C 400 -38.04 8.99 23.61
N GLY C 401 -38.43 7.84 23.06
CA GLY C 401 -37.53 6.71 22.91
C GLY C 401 -37.51 5.74 24.08
N VAL C 402 -38.21 6.04 25.17
CA VAL C 402 -38.21 5.16 26.33
C VAL C 402 -39.00 3.89 26.03
N THR C 403 -40.18 4.04 25.43
CA THR C 403 -41.05 2.91 25.15
C THR C 403 -40.71 2.30 23.78
N GLN C 404 -41.09 1.04 23.62
CA GLN C 404 -40.89 0.31 22.36
C GLN C 404 -42.21 -0.27 21.91
N PHE C 405 -42.49 -0.14 20.61
CA PHE C 405 -43.72 -0.70 20.04
C PHE C 405 -43.53 -2.13 19.58
N VAL C 406 -42.50 -2.39 18.79
CA VAL C 406 -42.20 -3.74 18.32
C VAL C 406 -40.70 -3.86 18.16
N VAL C 407 -40.18 -5.07 18.40
CA VAL C 407 -38.75 -5.36 18.28
C VAL C 407 -38.56 -6.18 17.02
N LEU C 408 -37.72 -5.68 16.11
CA LEU C 408 -37.41 -6.34 14.85
C LEU C 408 -36.11 -7.12 15.02
N SER C 409 -36.18 -8.43 14.82
CA SER C 409 -35.02 -9.29 14.94
C SER C 409 -34.33 -9.42 13.58
N ASP C 410 -33.40 -10.36 13.47
CA ASP C 410 -32.73 -10.59 12.20
C ASP C 410 -33.70 -11.11 11.14
N GLY C 411 -33.40 -10.79 9.88
CA GLY C 411 -34.26 -11.17 8.78
C GLY C 411 -35.44 -10.27 8.54
N SER C 412 -35.67 -9.28 9.40
CA SER C 412 -36.76 -8.33 9.22
C SER C 412 -36.32 -7.20 8.30
N TYR C 413 -37.27 -6.32 7.98
CA TYR C 413 -37.00 -5.21 7.07
C TYR C 413 -37.96 -4.08 7.37
N PHE C 414 -37.60 -2.89 6.90
CA PHE C 414 -38.49 -1.73 6.96
C PHE C 414 -38.05 -0.75 5.88
N GLY C 415 -38.95 0.16 5.55
CA GLY C 415 -38.67 1.13 4.52
C GLY C 415 -38.75 0.60 3.11
N GLU C 416 -39.44 -0.51 2.90
CA GLU C 416 -39.58 -1.07 1.55
C GLU C 416 -40.49 -0.22 0.67
N ILE C 417 -41.38 0.57 1.27
CA ILE C 417 -42.28 1.41 0.50
C ILE C 417 -41.62 2.73 0.12
N SER C 418 -40.70 3.23 0.96
CA SER C 418 -40.04 4.50 0.69
C SER C 418 -39.19 4.44 -0.57
N ILE C 419 -38.50 3.33 -0.80
CA ILE C 419 -37.67 3.22 -2.00
C ILE C 419 -38.51 3.07 -3.25
N LEU C 420 -39.75 2.59 -3.13
CA LEU C 420 -40.58 2.39 -4.32
C LEU C 420 -41.03 3.70 -4.93
N ASN C 421 -41.18 4.74 -4.11
CA ASN C 421 -41.63 6.06 -4.54
C ASN C 421 -42.99 5.97 -5.21
N ILE C 422 -43.98 5.56 -4.43
CA ILE C 422 -45.35 5.47 -4.92
C ILE C 422 -45.98 6.85 -4.92
N LYS C 423 -46.49 7.27 -6.08
CA LYS C 423 -47.13 8.58 -6.18
C LYS C 423 -48.44 8.58 -5.41
N GLY C 424 -48.69 9.66 -4.68
CA GLY C 424 -49.84 9.74 -3.82
C GLY C 424 -49.62 9.29 -2.39
N SER C 425 -48.37 9.18 -1.95
CA SER C 425 -48.06 8.75 -0.60
C SER C 425 -48.21 9.92 0.37
N LYS C 426 -48.77 9.64 1.55
CA LYS C 426 -48.83 10.66 2.59
C LYS C 426 -47.45 10.99 3.13
N ALA C 427 -46.60 9.98 3.29
CA ALA C 427 -45.26 10.21 3.83
C ALA C 427 -44.40 11.00 2.86
N GLY C 428 -44.36 10.59 1.60
CA GLY C 428 -43.51 11.23 0.62
C GLY C 428 -42.04 10.98 0.91
N ASN C 429 -41.61 9.72 0.74
CA ASN C 429 -40.30 9.17 1.06
C ASN C 429 -39.75 9.67 2.39
N ARG C 430 -40.63 9.79 3.39
CA ARG C 430 -40.26 10.23 4.72
C ARG C 430 -40.58 9.14 5.73
N ARG C 431 -39.73 9.01 6.73
CA ARG C 431 -39.92 7.98 7.75
C ARG C 431 -41.08 8.34 8.67
N THR C 432 -41.91 7.33 8.98
CA THR C 432 -43.04 7.51 9.88
C THR C 432 -42.84 6.88 11.24
N ALA C 433 -41.68 6.28 11.49
CA ALA C 433 -41.39 5.65 12.77
C ALA C 433 -39.92 5.86 13.12
N ASN C 434 -39.62 5.78 14.41
CA ASN C 434 -38.25 5.89 14.91
C ASN C 434 -37.69 4.49 15.12
N ILE C 435 -36.62 4.16 14.41
CA ILE C 435 -35.97 2.87 14.52
C ILE C 435 -34.67 3.06 15.29
N LYS C 436 -34.55 2.36 16.42
CA LYS C 436 -33.38 2.45 17.26
C LYS C 436 -32.71 1.09 17.35
N SER C 437 -31.38 1.09 17.30
CA SER C 437 -30.62 -0.14 17.44
C SER C 437 -30.45 -0.46 18.92
N ILE C 438 -31.04 -1.58 19.35
CA ILE C 438 -30.91 -2.00 20.75
C ILE C 438 -29.46 -2.37 21.05
N GLY C 439 -28.84 -3.15 20.16
CA GLY C 439 -27.45 -3.50 20.30
C GLY C 439 -26.68 -3.19 19.03
N TYR C 440 -25.54 -3.85 18.83
CA TYR C 440 -24.79 -3.71 17.59
C TYR C 440 -25.54 -4.42 16.47
N SER C 441 -26.05 -3.66 15.51
CA SER C 441 -26.90 -4.20 14.46
C SER C 441 -26.17 -4.12 13.13
N ASP C 442 -26.07 -5.26 12.44
CA ASP C 442 -25.50 -5.32 11.10
C ASP C 442 -26.65 -5.25 10.11
N LEU C 443 -26.84 -4.09 9.50
CA LEU C 443 -27.92 -3.89 8.54
C LEU C 443 -27.37 -3.77 7.13
N PHE C 444 -28.24 -4.05 6.16
CA PHE C 444 -27.91 -3.95 4.74
C PHE C 444 -28.96 -3.06 4.09
N CYS C 445 -28.55 -1.86 3.68
CA CYS C 445 -29.48 -0.90 3.10
C CYS C 445 -29.50 -1.03 1.58
N LEU C 446 -30.69 -0.92 1.01
CA LEU C 446 -30.89 -0.91 -0.44
C LEU C 446 -31.44 0.46 -0.81
N SER C 447 -30.57 1.31 -1.36
CA SER C 447 -30.95 2.68 -1.64
C SER C 447 -31.93 2.76 -2.81
N LYS C 448 -32.64 3.89 -2.89
CA LYS C 448 -33.60 4.11 -3.97
C LYS C 448 -32.93 4.14 -5.33
N ASP C 449 -31.79 4.83 -5.43
CA ASP C 449 -31.09 4.92 -6.71
C ASP C 449 -30.58 3.54 -7.15
N ASP C 450 -30.09 2.74 -6.20
CA ASP C 450 -29.69 1.38 -6.51
C ASP C 450 -30.89 0.55 -7.00
N LEU C 451 -32.06 0.78 -6.40
CA LEU C 451 -33.25 0.03 -6.81
C LEU C 451 -33.66 0.38 -8.24
N MET C 452 -33.66 1.67 -8.61
CA MET C 452 -33.94 2.01 -10.00
C MET C 452 -32.85 1.56 -10.95
N GLU C 453 -31.59 1.57 -10.51
CA GLU C 453 -30.52 1.06 -11.37
C GLU C 453 -30.69 -0.43 -11.64
N ALA C 454 -31.15 -1.18 -10.64
CA ALA C 454 -31.47 -2.59 -10.86
C ALA C 454 -32.71 -2.76 -11.73
N LEU C 455 -33.69 -1.86 -11.58
CA LEU C 455 -34.95 -1.96 -12.30
C LEU C 455 -34.88 -1.42 -13.72
N THR C 456 -33.78 -0.80 -14.12
CA THR C 456 -33.64 -0.34 -15.51
C THR C 456 -33.82 -1.48 -16.50
N GLU C 457 -33.32 -2.67 -16.18
CA GLU C 457 -33.44 -3.82 -17.05
C GLU C 457 -34.69 -4.65 -16.79
N TYR C 458 -35.53 -4.23 -15.85
CA TYR C 458 -36.76 -4.95 -15.51
C TYR C 458 -37.91 -3.95 -15.42
N PRO C 459 -38.41 -3.48 -16.56
CA PRO C 459 -39.53 -2.51 -16.50
C PRO C 459 -40.84 -3.14 -16.05
N ASP C 460 -41.13 -4.37 -16.49
CA ASP C 460 -42.33 -5.06 -16.02
C ASP C 460 -42.28 -5.32 -14.53
N ALA C 461 -41.11 -5.72 -14.02
CA ALA C 461 -40.95 -5.90 -12.59
C ALA C 461 -41.03 -4.58 -11.85
N LYS C 462 -40.55 -3.49 -12.45
CA LYS C 462 -40.72 -2.17 -11.85
C LYS C 462 -42.20 -1.80 -11.73
N THR C 463 -42.97 -2.04 -12.79
CA THR C 463 -44.40 -1.76 -12.75
C THR C 463 -45.09 -2.63 -11.71
N MET C 464 -44.69 -3.90 -11.61
CA MET C 464 -45.24 -4.78 -10.58
C MET C 464 -44.91 -4.29 -9.19
N LEU C 465 -43.69 -3.77 -8.99
CA LEU C 465 -43.30 -3.23 -7.69
C LEU C 465 -44.12 -2.00 -7.33
N GLU C 466 -44.34 -1.10 -8.29
CA GLU C 466 -45.18 0.07 -8.03
C GLU C 466 -46.62 -0.33 -7.73
N GLU C 467 -47.15 -1.32 -8.45
CA GLU C 467 -48.50 -1.80 -8.18
C GLU C 467 -48.60 -2.45 -6.80
N LYS C 468 -47.58 -3.22 -6.42
CA LYS C 468 -47.57 -3.83 -5.09
C LYS C 468 -47.53 -2.77 -4.00
N GLY C 469 -46.67 -1.76 -4.16
CA GLY C 469 -46.61 -0.69 -3.19
C GLY C 469 -47.90 0.10 -3.09
N LYS C 470 -48.55 0.32 -4.24
CA LYS C 470 -49.85 0.98 -4.25
C LYS C 470 -50.89 0.15 -3.51
N GLN C 471 -50.87 -1.17 -3.70
CA GLN C 471 -51.81 -2.04 -2.97
C GLN C 471 -51.56 -2.02 -1.47
N ILE C 472 -50.28 -2.03 -1.05
CA ILE C 472 -49.99 -1.95 0.38
C ILE C 472 -50.44 -0.62 0.96
N LEU C 473 -50.23 0.47 0.22
CA LEU C 473 -50.65 1.79 0.71
C LEU C 473 -52.16 1.91 0.75
N MET C 474 -52.86 1.29 -0.21
CA MET C 474 -54.31 1.28 -0.19
C MET C 474 -54.85 0.48 0.98
N LYS C 475 -54.22 -0.67 1.28
CA LYS C 475 -54.62 -1.44 2.46
C LYS C 475 -54.36 -0.67 3.74
N ASP C 476 -53.24 0.05 3.80
CA ASP C 476 -52.92 0.89 4.95
C ASP C 476 -53.66 2.22 4.94
N GLY C 477 -54.32 2.58 3.85
CA GLY C 477 -55.01 3.85 3.78
C GLY C 477 -54.12 5.05 3.58
N LEU C 478 -52.89 4.85 3.10
CA LEU C 478 -51.92 5.91 2.92
C LEU C 478 -51.89 6.46 1.50
N LEU C 479 -52.86 6.09 0.67
CA LEU C 479 -52.91 6.55 -0.71
C LEU C 479 -54.19 7.35 -0.94
N ASP C 480 -54.06 8.50 -1.61
CA ASP C 480 -55.21 9.30 -1.97
C ASP C 480 -55.26 9.55 -3.49
N GLU C 495 -40.71 18.35 -20.41
CA GLU C 495 -41.26 19.57 -21.00
C GLU C 495 -40.42 20.01 -22.20
N LYS C 496 -39.11 20.20 -21.97
CA LYS C 496 -38.23 20.63 -23.05
C LYS C 496 -38.04 19.52 -24.08
N VAL C 497 -38.14 18.26 -23.67
CA VAL C 497 -38.02 17.15 -24.61
C VAL C 497 -39.16 17.15 -25.63
N THR C 498 -40.38 17.48 -25.19
CA THR C 498 -41.50 17.59 -26.12
C THR C 498 -41.38 18.82 -27.00
N ARG C 499 -40.80 19.90 -26.48
CA ARG C 499 -40.66 21.12 -27.26
C ARG C 499 -39.73 20.93 -28.45
N MET C 500 -38.61 20.23 -28.24
CA MET C 500 -37.71 19.93 -29.35
C MET C 500 -38.27 18.84 -30.26
N GLU C 501 -39.13 17.98 -29.72
CA GLU C 501 -39.69 16.88 -30.51
C GLU C 501 -40.62 17.41 -31.60
N GLY C 502 -41.39 18.47 -31.30
CA GLY C 502 -42.30 19.03 -32.29
C GLY C 502 -41.56 19.61 -33.48
N SER C 503 -40.46 20.32 -33.22
CA SER C 503 -39.66 20.87 -34.31
C SER C 503 -38.95 19.77 -35.09
N VAL C 504 -38.44 18.75 -34.39
CA VAL C 504 -37.74 17.66 -35.05
C VAL C 504 -38.68 16.82 -35.91
N ASP C 505 -39.90 16.57 -35.42
CA ASP C 505 -40.89 15.84 -36.20
C ASP C 505 -41.33 16.64 -37.41
N LEU C 506 -41.48 17.96 -37.26
CA LEU C 506 -41.84 18.81 -38.38
C LEU C 506 -40.75 18.83 -39.43
N LEU C 507 -39.48 18.89 -39.00
CA LEU C 507 -38.36 18.85 -39.94
C LEU C 507 -38.30 17.51 -40.66
N GLN C 508 -38.54 16.41 -39.94
CA GLN C 508 -38.55 15.10 -40.57
C GLN C 508 -39.75 14.94 -41.50
N THR C 509 -40.91 15.47 -41.10
CA THR C 509 -42.10 15.40 -41.96
C THR C 509 -41.95 16.28 -43.19
N ARG C 510 -41.26 17.41 -43.07
CA ARG C 510 -41.06 18.30 -44.22
C ARG C 510 -40.21 17.62 -45.28
N PHE C 511 -39.19 16.87 -44.87
CA PHE C 511 -38.39 16.12 -45.83
C PHE C 511 -39.20 15.04 -46.51
N ALA C 512 -40.06 14.35 -45.75
CA ALA C 512 -40.94 13.34 -46.34
C ALA C 512 -41.98 13.98 -47.25
N ARG C 513 -42.53 15.12 -46.85
CA ARG C 513 -43.51 15.81 -47.68
C ARG C 513 -42.87 16.35 -48.95
N ILE C 514 -41.64 16.85 -48.86
CA ILE C 514 -40.91 17.25 -50.06
C ILE C 514 -40.61 16.05 -50.94
N LEU C 515 -40.25 14.92 -50.34
CA LEU C 515 -40.02 13.70 -51.11
C LEU C 515 -41.30 13.17 -51.74
N ALA C 516 -42.41 13.24 -51.00
CA ALA C 516 -43.69 12.79 -51.53
C ALA C 516 -44.17 13.67 -52.67
N GLU C 517 -43.97 14.99 -52.56
CA GLU C 517 -44.35 15.89 -53.63
C GLU C 517 -43.48 15.68 -54.87
N TYR C 518 -42.19 15.42 -54.67
CA TYR C 518 -41.30 15.15 -55.80
C TYR C 518 -41.67 13.85 -56.51
N GLU C 519 -42.03 12.81 -55.73
CA GLU C 519 -42.49 11.56 -56.33
C GLU C 519 -43.81 11.76 -57.06
N SER C 520 -44.72 12.54 -56.49
CA SER C 520 -45.98 12.82 -57.16
C SER C 520 -45.79 13.70 -58.38
N MET C 521 -44.73 14.52 -58.40
CA MET C 521 -44.45 15.35 -59.56
C MET C 521 -44.05 14.51 -60.77
N GLN C 522 -43.42 13.34 -60.54
CA GLN C 522 -43.10 12.45 -61.64
C GLN C 522 -44.35 11.90 -62.29
N GLN C 523 -45.38 11.57 -61.50
CA GLN C 523 -46.64 11.13 -62.06
C GLN C 523 -47.35 12.26 -62.81
N LYS C 524 -47.26 13.49 -62.28
CA LYS C 524 -47.83 14.63 -62.99
C LYS C 524 -47.09 14.92 -64.28
N LEU C 525 -45.76 14.79 -64.27
CA LEU C 525 -45.00 14.97 -65.50
C LEU C 525 -45.29 13.86 -66.51
N LYS C 526 -45.45 12.63 -66.02
CA LYS C 526 -45.79 11.53 -66.92
C LYS C 526 -47.20 11.69 -67.48
N GLN C 527 -48.12 12.23 -66.68
CA GLN C 527 -49.47 12.48 -67.16
C GLN C 527 -49.49 13.54 -68.26
N ARG C 528 -48.68 14.59 -68.10
CA ARG C 528 -48.56 15.60 -69.15
C ARG C 528 -47.94 15.02 -70.41
N LEU C 529 -46.94 14.16 -70.25
CA LEU C 529 -46.32 13.51 -71.40
C LEU C 529 -47.22 12.44 -72.01
N THR C 530 -48.16 11.90 -71.24
CA THR C 530 -49.07 10.88 -71.77
C THR C 530 -50.00 11.46 -72.83
N LYS C 531 -50.50 12.67 -72.62
CA LYS C 531 -51.38 13.31 -73.58
C LYS C 531 -50.59 13.85 -74.76
N VAL D 26 -25.40 -10.59 37.97
CA VAL D 26 -24.47 -9.72 37.26
C VAL D 26 -23.66 -10.53 36.25
N VAL D 27 -23.49 -9.96 35.06
CA VAL D 27 -22.70 -10.58 33.98
C VAL D 27 -21.61 -9.59 33.60
N ILE D 28 -20.36 -10.06 33.60
CA ILE D 28 -19.22 -9.20 33.33
C ILE D 28 -19.15 -8.93 31.83
N ASP D 29 -19.13 -7.66 31.46
CA ASP D 29 -18.97 -7.25 30.07
C ASP D 29 -17.51 -7.45 29.68
N PRO D 30 -17.21 -8.24 28.65
CA PRO D 30 -15.80 -8.44 28.24
C PRO D 30 -15.12 -7.18 27.74
N SER D 31 -15.87 -6.16 27.32
CA SER D 31 -15.29 -4.91 26.84
C SER D 31 -15.15 -3.86 27.94
N GLY D 32 -15.51 -4.19 29.18
CA GLY D 32 -15.47 -3.24 30.26
C GLY D 32 -14.12 -3.18 30.97
N ASN D 33 -14.04 -2.27 31.94
CA ASN D 33 -12.82 -2.13 32.73
C ASN D 33 -12.70 -3.23 33.77
N THR D 34 -13.83 -3.73 34.28
CA THR D 34 -13.80 -4.82 35.25
C THR D 34 -13.19 -6.08 34.65
N TYR D 35 -13.52 -6.37 33.39
CA TYR D 35 -12.95 -7.52 32.71
C TYR D 35 -11.44 -7.36 32.54
N TYR D 36 -10.98 -6.15 32.21
CA TYR D 36 -9.55 -5.89 32.12
C TYR D 36 -8.85 -6.06 33.46
N ASN D 37 -9.45 -5.56 34.54
CA ASN D 37 -8.86 -5.72 35.86
C ASN D 37 -8.77 -7.20 36.23
N TRP D 38 -9.80 -7.98 35.91
CA TRP D 38 -9.73 -9.40 36.18
C TRP D 38 -8.70 -10.09 35.27
N LEU D 39 -8.52 -9.60 34.04
CA LEU D 39 -7.50 -10.15 33.17
C LEU D 39 -6.11 -9.99 33.77
N PHE D 40 -5.84 -8.80 34.34
CA PHE D 40 -4.57 -8.63 35.06
C PHE D 40 -4.50 -9.54 36.28
N CYS D 41 -5.60 -9.64 37.02
CA CYS D 41 -5.62 -10.43 38.26
C CYS D 41 -5.45 -11.92 38.01
N ILE D 42 -5.79 -12.40 36.81
CA ILE D 42 -5.55 -13.79 36.47
C ILE D 42 -4.22 -13.96 35.73
N THR D 43 -3.73 -12.91 35.07
CA THR D 43 -2.44 -12.98 34.41
C THR D 43 -1.30 -13.10 35.42
N LEU D 44 -1.47 -12.50 36.60
CA LEU D 44 -0.43 -12.61 37.63
C LEU D 44 -0.15 -14.06 38.05
N PRO D 45 -1.15 -14.90 38.39
CA PRO D 45 -0.83 -16.31 38.66
C PRO D 45 -0.33 -17.07 37.45
N VAL D 46 -0.77 -16.71 36.24
CA VAL D 46 -0.29 -17.40 35.04
C VAL D 46 1.19 -17.14 34.83
N MET D 47 1.62 -15.88 34.97
CA MET D 47 3.05 -15.58 34.87
C MET D 47 3.84 -16.24 36.00
N TYR D 48 3.27 -16.23 37.22
CA TYR D 48 3.92 -16.89 38.34
C TYR D 48 4.14 -18.37 38.05
N ASN D 49 3.12 -19.04 37.51
CA ASN D 49 3.27 -20.46 37.16
C ASN D 49 4.31 -20.63 36.06
N TRP D 50 4.17 -19.89 34.97
CA TRP D 50 5.01 -20.08 33.79
C TRP D 50 6.49 -19.83 34.08
N THR D 51 6.80 -19.01 35.07
CA THR D 51 8.19 -18.87 35.47
C THR D 51 8.57 -19.86 36.56
N MET D 52 7.87 -19.80 37.69
CA MET D 52 8.42 -20.40 38.88
C MET D 52 8.17 -21.90 38.95
N VAL D 53 7.22 -22.43 38.17
CA VAL D 53 7.04 -23.89 38.15
C VAL D 53 8.26 -24.56 37.56
N ILE D 54 8.73 -24.08 36.40
CA ILE D 54 9.95 -24.64 35.82
C ILE D 54 11.17 -24.24 36.64
N ALA D 55 11.14 -23.06 37.29
CA ALA D 55 12.25 -22.67 38.15
C ALA D 55 12.41 -23.64 39.33
N ARG D 56 11.30 -24.03 39.95
CA ARG D 56 11.35 -24.97 41.06
C ARG D 56 11.61 -26.40 40.58
N ALA D 57 11.12 -26.75 39.39
CA ALA D 57 11.33 -28.11 38.88
C ALA D 57 12.80 -28.34 38.55
N CYS D 58 13.46 -27.35 37.94
CA CYS D 58 14.85 -27.56 37.53
C CYS D 58 15.82 -27.29 38.66
N PHE D 59 15.54 -26.29 39.51
CA PHE D 59 16.36 -26.00 40.67
C PHE D 59 15.67 -26.61 41.89
N ASP D 60 16.23 -27.73 42.37
CA ASP D 60 15.62 -28.45 43.49
C ASP D 60 15.68 -27.63 44.77
N GLU D 61 16.77 -26.88 44.97
CA GLU D 61 16.94 -26.08 46.17
C GLU D 61 15.93 -24.94 46.24
N LEU D 62 15.54 -24.40 45.08
CA LEU D 62 14.52 -23.35 45.07
C LEU D 62 13.18 -23.88 45.55
N GLN D 63 12.83 -25.11 45.15
CA GLN D 63 11.58 -25.70 45.61
C GLN D 63 11.66 -26.09 47.09
N SER D 64 12.78 -26.68 47.51
CA SER D 64 12.87 -27.22 48.85
C SER D 64 13.08 -26.15 49.92
N ASP D 65 13.78 -25.07 49.59
CA ASP D 65 14.13 -24.08 50.61
C ASP D 65 12.94 -23.21 51.02
N TYR D 66 12.03 -22.94 50.09
CA TYR D 66 10.89 -22.05 50.33
C TYR D 66 9.59 -22.81 50.12
N LEU D 67 9.52 -24.05 50.61
CA LEU D 67 8.43 -24.95 50.28
C LEU D 67 7.08 -24.45 50.78
N GLU D 68 7.05 -23.91 52.01
CA GLU D 68 5.79 -23.39 52.55
C GLU D 68 5.30 -22.20 51.75
N TYR D 69 6.21 -21.30 51.37
CA TYR D 69 5.85 -20.18 50.52
C TYR D 69 5.34 -20.65 49.17
N TRP D 70 5.98 -21.67 48.61
CA TRP D 70 5.58 -22.23 47.33
C TRP D 70 4.17 -22.81 47.42
N LEU D 71 3.91 -23.54 48.49
CA LEU D 71 2.59 -24.14 48.69
C LEU D 71 1.51 -23.08 48.84
N ILE D 72 1.80 -22.02 49.60
CA ILE D 72 0.83 -20.94 49.77
C ILE D 72 0.54 -20.26 48.44
N LEU D 73 1.60 -19.96 47.67
CA LEU D 73 1.43 -19.30 46.38
C LEU D 73 0.70 -20.20 45.39
N ASP D 74 0.99 -21.50 45.41
CA ASP D 74 0.31 -22.43 44.51
C ASP D 74 -1.18 -22.54 44.85
N TYR D 75 -1.51 -22.60 46.14
CA TYR D 75 -2.91 -22.65 46.54
C TYR D 75 -3.64 -21.36 46.15
N VAL D 76 -2.97 -20.21 46.33
CA VAL D 76 -3.57 -18.94 45.92
C VAL D 76 -3.78 -18.91 44.41
N SER D 77 -2.80 -19.40 43.65
CA SER D 77 -2.93 -19.42 42.19
C SER D 77 -4.06 -20.35 41.74
N ASP D 78 -4.21 -21.50 42.41
CA ASP D 78 -5.32 -22.39 42.09
C ASP D 78 -6.66 -21.75 42.41
N ILE D 79 -6.72 -20.99 43.51
CA ILE D 79 -7.95 -20.27 43.86
C ILE D 79 -8.29 -19.24 42.79
N VAL D 80 -7.28 -18.49 42.35
CA VAL D 80 -7.51 -17.49 41.30
C VAL D 80 -7.90 -18.17 39.99
N TYR D 81 -7.36 -19.35 39.72
CA TYR D 81 -7.77 -20.13 38.54
C TYR D 81 -9.24 -20.53 38.63
N LEU D 82 -9.67 -20.96 39.82
CA LEU D 82 -11.08 -21.31 40.01
C LEU D 82 -11.99 -20.09 39.82
N ILE D 83 -11.57 -18.94 40.36
CA ILE D 83 -12.35 -17.71 40.15
C ILE D 83 -12.35 -17.32 38.67
N ASP D 84 -11.27 -17.60 37.95
CA ASP D 84 -11.24 -17.35 36.52
C ASP D 84 -12.22 -18.24 35.77
N MET D 85 -12.33 -19.50 36.17
CA MET D 85 -13.35 -20.37 35.57
C MET D 85 -14.75 -19.86 35.87
N PHE D 86 -14.98 -19.39 37.10
CA PHE D 86 -16.26 -18.80 37.46
C PHE D 86 -16.57 -17.56 36.62
N VAL D 87 -15.55 -16.73 36.38
CA VAL D 87 -15.71 -15.55 35.54
C VAL D 87 -16.01 -15.95 34.10
N ARG D 88 -15.38 -17.02 33.62
CA ARG D 88 -15.68 -17.56 32.30
C ARG D 88 -17.15 -17.97 32.20
N THR D 89 -17.67 -18.61 33.26
CA THR D 89 -19.10 -18.91 33.30
C THR D 89 -19.95 -17.66 33.42
N ARG D 90 -19.37 -16.54 33.85
CA ARG D 90 -20.11 -15.30 34.05
C ARG D 90 -19.75 -14.21 33.04
N THR D 91 -19.05 -14.55 31.97
CA THR D 91 -18.64 -13.57 30.97
C THR D 91 -19.63 -13.64 29.80
N GLY D 92 -20.24 -12.49 29.49
CA GLY D 92 -21.18 -12.44 28.39
C GLY D 92 -20.50 -12.41 27.03
N TYR D 93 -21.27 -12.74 26.01
CA TYR D 93 -20.80 -12.66 24.63
C TYR D 93 -21.88 -12.03 23.77
N LEU D 94 -21.45 -11.41 22.67
CA LEU D 94 -22.35 -10.65 21.81
C LEU D 94 -23.09 -11.60 20.88
N GLU D 95 -24.35 -11.87 21.18
CA GLU D 95 -25.23 -12.62 20.30
C GLU D 95 -26.37 -11.71 19.87
N GLN D 96 -26.55 -11.56 18.55
CA GLN D 96 -27.46 -10.59 17.96
C GLN D 96 -27.17 -9.18 18.45
N GLY D 97 -25.90 -8.87 18.62
CA GLY D 97 -25.47 -7.54 19.02
C GLY D 97 -25.72 -7.18 20.46
N LEU D 98 -26.21 -8.11 21.27
CA LEU D 98 -26.52 -7.84 22.66
C LEU D 98 -25.76 -8.81 23.56
N LEU D 99 -25.36 -8.32 24.72
CA LEU D 99 -24.67 -9.15 25.70
C LEU D 99 -25.63 -10.19 26.25
N VAL D 100 -25.20 -11.45 26.26
CA VAL D 100 -26.04 -12.54 26.75
C VAL D 100 -25.95 -12.57 28.27
N LYS D 101 -27.09 -12.40 28.93
CA LYS D 101 -27.14 -12.37 30.39
C LYS D 101 -27.76 -13.61 31.01
N GLU D 102 -28.11 -14.61 30.21
CA GLU D 102 -28.65 -15.85 30.75
C GLU D 102 -27.52 -16.76 31.20
N GLU D 103 -27.62 -17.25 32.44
CA GLU D 103 -26.52 -18.01 33.04
C GLU D 103 -26.30 -19.32 32.30
N LEU D 104 -27.37 -20.03 31.94
CA LEU D 104 -27.24 -21.31 31.25
C LEU D 104 -26.60 -21.14 29.88
N LYS D 105 -26.96 -20.08 29.16
CA LYS D 105 -26.37 -19.83 27.85
C LYS D 105 -24.88 -19.56 27.95
N LEU D 106 -24.47 -18.76 28.94
CA LEU D 106 -23.04 -18.48 29.14
C LEU D 106 -22.29 -19.74 29.54
N ILE D 107 -22.87 -20.56 30.41
CA ILE D 107 -22.23 -21.80 30.84
C ILE D 107 -22.06 -22.74 29.66
N ASN D 108 -23.10 -22.87 28.83
CA ASN D 108 -23.02 -23.73 27.65
C ASN D 108 -22.02 -23.22 26.64
N LYS D 109 -21.96 -21.89 26.45
CA LYS D 109 -20.98 -21.30 25.53
C LYS D 109 -19.55 -21.54 26.01
N TYR D 110 -19.34 -21.45 27.32
CA TYR D 110 -18.01 -21.70 27.87
C TYR D 110 -17.63 -23.17 27.74
N LYS D 111 -18.54 -24.08 28.13
CA LYS D 111 -18.22 -25.51 28.09
C LYS D 111 -18.14 -26.05 26.67
N SER D 112 -18.72 -25.35 25.68
CA SER D 112 -18.57 -25.78 24.30
C SER D 112 -17.20 -25.45 23.74
N ASN D 113 -16.51 -24.46 24.31
CA ASN D 113 -15.23 -24.00 23.78
C ASN D 113 -14.09 -24.87 24.30
N LEU D 114 -12.96 -24.81 23.59
CA LEU D 114 -11.74 -25.48 24.03
C LEU D 114 -11.20 -24.90 25.33
N GLN D 115 -11.54 -23.64 25.63
CA GLN D 115 -11.03 -23.00 26.84
C GLN D 115 -11.50 -23.71 28.10
N PHE D 116 -12.71 -24.28 28.08
CA PHE D 116 -13.19 -25.04 29.24
C PHE D 116 -12.32 -26.28 29.47
N LYS D 117 -11.99 -27.00 28.40
CA LYS D 117 -11.13 -28.16 28.54
C LYS D 117 -9.73 -27.75 29.01
N LEU D 118 -9.20 -26.65 28.48
CA LEU D 118 -7.89 -26.18 28.91
C LEU D 118 -7.88 -25.76 30.38
N ASP D 119 -8.96 -25.13 30.83
CA ASP D 119 -9.05 -24.70 32.23
C ASP D 119 -9.24 -25.89 33.16
N VAL D 120 -10.00 -26.90 32.73
CA VAL D 120 -10.17 -28.11 33.53
C VAL D 120 -8.84 -28.85 33.64
N LEU D 121 -8.11 -28.98 32.54
CA LEU D 121 -6.78 -29.58 32.58
C LEU D 121 -5.81 -28.74 33.40
N SER D 122 -6.00 -27.43 33.45
CA SER D 122 -5.15 -26.57 34.28
C SER D 122 -5.36 -26.84 35.75
N LEU D 123 -6.59 -27.11 36.16
CA LEU D 123 -6.94 -27.30 37.56
C LEU D 123 -7.13 -28.76 37.94
N ILE D 124 -6.49 -29.67 37.21
CA ILE D 124 -6.47 -31.08 37.64
C ILE D 124 -5.68 -31.18 38.94
N PRO D 125 -6.23 -31.79 40.00
CA PRO D 125 -5.50 -31.86 41.26
C PRO D 125 -4.32 -32.81 41.20
N THR D 126 -3.27 -32.40 40.48
CA THR D 126 -2.05 -33.20 40.38
C THR D 126 -1.20 -33.11 41.63
N ASP D 127 -1.51 -32.19 42.55
CA ASP D 127 -0.72 -32.01 43.77
C ASP D 127 -0.78 -33.20 44.71
N LEU D 128 -1.72 -34.13 44.50
CA LEU D 128 -1.73 -35.37 45.26
C LEU D 128 -0.55 -36.27 44.91
N LEU D 129 0.13 -36.00 43.80
CA LEU D 129 1.34 -36.72 43.44
C LEU D 129 2.57 -36.25 44.21
N TYR D 130 2.44 -35.19 45.02
CA TYR D 130 3.49 -34.86 45.98
C TYR D 130 3.68 -35.99 47.00
N PHE D 131 2.61 -36.71 47.32
CA PHE D 131 2.69 -37.81 48.26
C PHE D 131 3.28 -39.07 47.65
N LYS D 132 3.35 -39.15 46.31
CA LYS D 132 3.88 -40.31 45.62
C LYS D 132 5.29 -40.07 45.12
N LEU D 133 5.49 -39.05 44.29
CA LEU D 133 6.81 -38.75 43.74
C LEU D 133 7.71 -38.06 44.76
N GLY D 134 7.14 -37.21 45.59
CA GLY D 134 7.90 -36.46 46.57
C GLY D 134 7.69 -34.95 46.42
N TRP D 135 8.22 -34.23 47.40
CA TRP D 135 8.10 -32.77 47.42
C TRP D 135 9.05 -32.09 46.45
N ASN D 136 10.01 -32.81 45.89
CA ASN D 136 10.98 -32.23 44.96
C ASN D 136 10.65 -32.52 43.50
N TYR D 137 9.37 -32.66 43.18
CA TYR D 137 8.92 -32.88 41.80
C TYR D 137 7.79 -31.93 41.46
N PRO D 138 8.09 -30.64 41.24
CA PRO D 138 7.04 -29.68 40.87
C PRO D 138 6.65 -29.71 39.40
N GLU D 139 7.11 -30.70 38.62
CA GLU D 139 6.69 -30.80 37.23
C GLU D 139 5.22 -31.18 37.10
N ILE D 140 4.61 -31.69 38.17
CA ILE D 140 3.19 -32.03 38.15
C ILE D 140 2.31 -30.80 38.03
N ARG D 141 2.84 -29.62 38.35
CA ARG D 141 2.12 -28.37 38.22
C ARG D 141 2.34 -27.70 36.87
N LEU D 142 2.92 -28.43 35.90
CA LEU D 142 3.08 -27.89 34.55
C LEU D 142 1.75 -27.76 33.82
N ASN D 143 0.71 -28.46 34.28
CA ASN D 143 -0.62 -28.30 33.69
C ASN D 143 -1.20 -26.91 33.93
N ARG D 144 -0.73 -26.20 34.96
CA ARG D 144 -1.16 -24.84 35.23
C ARG D 144 -0.71 -23.86 34.15
N LEU D 145 0.24 -24.26 33.30
CA LEU D 145 0.69 -23.45 32.18
C LEU D 145 -0.34 -23.36 31.08
N LEU D 146 -1.36 -24.21 31.09
CA LEU D 146 -2.39 -24.21 30.05
C LEU D 146 -3.34 -23.02 30.15
N ARG D 147 -3.23 -22.22 31.21
CA ARG D 147 -4.00 -21.00 31.36
C ARG D 147 -3.31 -19.82 30.67
N PHE D 148 -2.45 -20.09 29.69
CA PHE D 148 -1.77 -19.07 28.91
C PHE D 148 -2.74 -18.20 28.11
N SER D 149 -3.96 -18.68 27.88
CA SER D 149 -4.93 -17.91 27.11
C SER D 149 -5.29 -16.61 27.80
N ARG D 150 -5.46 -16.65 29.12
CA ARG D 150 -5.75 -15.43 29.87
C ARG D 150 -4.60 -14.43 29.79
N MET D 151 -3.36 -14.93 29.89
CA MET D 151 -2.18 -14.07 29.79
C MET D 151 -2.09 -13.41 28.42
N PHE D 152 -2.31 -14.17 27.36
CA PHE D 152 -2.19 -13.62 26.01
C PHE D 152 -3.32 -12.66 25.71
N GLU D 153 -4.56 -13.03 26.11
CA GLU D 153 -5.71 -12.16 25.94
C GLU D 153 -5.53 -10.85 26.68
N PHE D 154 -4.97 -10.91 27.90
CA PHE D 154 -4.71 -9.69 28.65
C PHE D 154 -3.66 -8.82 27.95
N PHE D 155 -2.62 -9.44 27.39
CA PHE D 155 -1.62 -8.64 26.67
C PHE D 155 -2.20 -7.99 25.42
N GLN D 156 -3.05 -8.72 24.70
CA GLN D 156 -3.71 -8.12 23.53
C GLN D 156 -4.64 -6.99 23.94
N ARG D 157 -5.37 -7.16 25.04
CA ARG D 157 -6.27 -6.10 25.51
C ARG D 157 -5.50 -4.89 25.97
N THR D 158 -4.34 -5.09 26.62
CA THR D 158 -3.47 -3.97 26.98
C THR D 158 -2.92 -3.28 25.74
N GLU D 159 -2.55 -4.05 24.72
CA GLU D 159 -2.04 -3.45 23.49
C GLU D 159 -3.10 -2.60 22.81
N THR D 160 -4.36 -3.05 22.84
CA THR D 160 -5.45 -2.28 22.27
C THR D 160 -6.02 -1.25 23.22
N ARG D 161 -5.56 -1.20 24.46
CA ARG D 161 -6.11 -0.32 25.49
C ARG D 161 -5.22 0.85 25.85
N THR D 162 -3.93 0.61 26.09
CA THR D 162 -3.07 1.64 26.65
C THR D 162 -2.80 2.76 25.65
N ASN D 163 -2.44 3.93 26.19
CA ASN D 163 -2.13 5.09 25.37
C ASN D 163 -0.70 5.06 24.82
N TYR D 164 0.13 4.12 25.30
CA TYR D 164 1.53 3.99 24.89
C TYR D 164 1.70 2.60 24.28
N PRO D 165 1.32 2.41 23.01
CA PRO D 165 1.42 1.07 22.42
C PRO D 165 2.85 0.60 22.22
N ASN D 166 3.76 1.51 21.84
CA ASN D 166 5.14 1.10 21.58
C ASN D 166 5.86 0.75 22.86
N ILE D 167 5.65 1.53 23.92
CA ILE D 167 6.29 1.24 25.21
C ILE D 167 5.82 -0.09 25.76
N PHE D 168 4.50 -0.33 25.71
CA PHE D 168 3.98 -1.61 26.19
C PHE D 168 4.44 -2.77 25.31
N ARG D 169 4.52 -2.56 24.00
CA ARG D 169 4.97 -3.64 23.12
C ARG D 169 6.44 -3.97 23.37
N ILE D 170 7.27 -2.96 23.63
CA ILE D 170 8.66 -3.19 24.02
C ILE D 170 8.71 -3.97 25.33
N SER D 171 7.91 -3.54 26.31
CA SER D 171 7.91 -4.21 27.61
C SER D 171 7.44 -5.66 27.50
N ASN D 172 6.42 -5.90 26.68
CA ASN D 172 5.92 -7.25 26.48
C ASN D 172 6.94 -8.12 25.79
N LEU D 173 7.61 -7.60 24.76
CA LEU D 173 8.66 -8.36 24.08
C LEU D 173 9.81 -8.68 25.03
N VAL D 174 10.18 -7.70 25.87
CA VAL D 174 11.24 -7.93 26.86
C VAL D 174 10.82 -9.02 27.83
N MET D 175 9.58 -8.99 28.29
CA MET D 175 9.10 -10.02 29.21
C MET D 175 9.07 -11.39 28.56
N TYR D 176 8.67 -11.46 27.28
CA TYR D 176 8.68 -12.73 26.56
C TYR D 176 10.09 -13.29 26.47
N ILE D 177 11.06 -12.43 26.15
CA ILE D 177 12.45 -12.88 26.02
C ILE D 177 13.01 -13.28 27.38
N VAL D 178 12.66 -12.55 28.43
CA VAL D 178 13.10 -12.91 29.78
C VAL D 178 12.54 -14.26 30.18
N ILE D 179 11.27 -14.51 29.88
CA ILE D 179 10.66 -15.80 30.20
C ILE D 179 11.33 -16.93 29.42
N ILE D 180 11.60 -16.70 28.13
CA ILE D 180 12.22 -17.73 27.30
C ILE D 180 13.64 -18.01 27.78
N ILE D 181 14.41 -16.97 28.07
CA ILE D 181 15.78 -17.12 28.54
C ILE D 181 15.81 -17.78 29.91
N HIS D 182 14.84 -17.46 30.78
CA HIS D 182 14.72 -18.13 32.07
C HIS D 182 14.42 -19.62 31.90
N TRP D 183 13.52 -19.96 30.98
CA TRP D 183 13.21 -21.35 30.70
C TRP D 183 14.42 -22.09 30.17
N ASN D 184 15.17 -21.44 29.27
CA ASN D 184 16.39 -22.04 28.74
C ASN D 184 17.44 -22.22 29.82
N ALA D 185 17.54 -21.26 30.75
CA ALA D 185 18.45 -21.40 31.88
C ALA D 185 18.08 -22.60 32.73
N CYS D 186 16.78 -22.77 33.00
CA CYS D 186 16.31 -23.93 33.75
C CYS D 186 16.62 -25.23 33.01
N VAL D 187 16.44 -25.21 31.68
CA VAL D 187 16.74 -26.39 30.87
C VAL D 187 18.22 -26.73 30.92
N PHE D 188 19.09 -25.71 30.83
CA PHE D 188 20.53 -25.92 30.90
C PHE D 188 20.93 -26.49 32.26
N TYR D 189 20.36 -25.94 33.34
CA TYR D 189 20.67 -26.47 34.67
C TYR D 189 20.18 -27.90 34.82
N SER D 190 19.00 -28.22 34.28
CA SER D 190 18.48 -29.58 34.36
C SER D 190 19.32 -30.55 33.55
N ILE D 191 19.81 -30.11 32.38
CA ILE D 191 20.69 -30.95 31.58
C ILE D 191 22.01 -31.19 32.32
N SER D 192 22.54 -30.16 32.96
CA SER D 192 23.75 -30.32 33.77
C SER D 192 23.51 -31.28 34.93
N LYS D 193 22.32 -31.20 35.55
CA LYS D 193 21.98 -32.13 36.62
C LYS D 193 21.89 -33.56 36.11
N ALA D 194 21.27 -33.76 34.96
CA ALA D 194 21.12 -35.11 34.41
C ALA D 194 22.47 -35.70 34.01
N ILE D 195 23.32 -34.90 33.38
CA ILE D 195 24.66 -35.38 33.04
C ILE D 195 25.50 -35.52 34.30
N GLY D 196 25.43 -34.55 35.20
CA GLY D 196 26.22 -34.57 36.40
C GLY D 196 26.98 -33.26 36.58
N PHE D 197 26.83 -32.63 37.73
CA PHE D 197 27.52 -31.37 37.98
C PHE D 197 29.01 -31.59 38.08
N GLY D 198 29.77 -30.82 37.30
CA GLY D 198 31.21 -30.91 37.33
C GLY D 198 31.80 -32.09 36.60
N ASN D 199 30.98 -32.86 35.87
CA ASN D 199 31.51 -34.00 35.13
C ASN D 199 32.40 -33.57 33.98
N ASP D 200 32.13 -32.41 33.39
CA ASP D 200 32.98 -31.83 32.37
C ASP D 200 32.83 -30.31 32.41
N THR D 201 33.51 -29.64 31.49
CA THR D 201 33.60 -28.19 31.52
C THR D 201 32.30 -27.52 31.08
N TRP D 202 31.50 -28.19 30.24
CA TRP D 202 30.32 -27.53 29.68
C TRP D 202 29.20 -27.40 30.70
N VAL D 203 28.97 -28.43 31.51
CA VAL D 203 27.85 -28.45 32.45
C VAL D 203 28.07 -27.44 33.56
N TYR D 204 27.04 -27.18 34.35
CA TYR D 204 27.20 -26.40 35.56
C TYR D 204 28.19 -27.10 36.49
N PRO D 205 29.10 -26.36 37.12
CA PRO D 205 30.14 -27.01 37.94
C PRO D 205 29.60 -27.72 39.18
N ASP D 206 30.50 -28.36 39.92
CA ASP D 206 30.11 -29.16 41.07
C ASP D 206 29.44 -28.30 42.15
N ILE D 207 28.31 -28.76 42.65
CA ILE D 207 27.45 -27.94 43.52
C ILE D 207 27.81 -28.13 44.98
N ASN D 208 28.89 -28.85 45.26
CA ASN D 208 29.47 -28.85 46.60
C ASN D 208 30.47 -27.71 46.79
N ASP D 209 30.69 -26.90 45.76
CA ASP D 209 31.54 -25.73 45.88
C ASP D 209 30.88 -24.70 46.80
N PRO D 210 31.65 -23.98 47.61
CA PRO D 210 31.06 -22.90 48.42
C PRO D 210 30.45 -21.78 47.59
N GLU D 211 31.01 -21.49 46.41
CA GLU D 211 30.50 -20.41 45.58
C GLU D 211 29.41 -20.88 44.63
N PHE D 212 29.69 -21.90 43.82
CA PHE D 212 28.73 -22.36 42.83
C PHE D 212 27.64 -23.25 43.43
N GLY D 213 27.76 -23.64 44.69
CA GLY D 213 26.72 -24.41 45.33
C GLY D 213 25.56 -23.60 45.85
N ARG D 214 25.66 -22.28 45.82
CA ARG D 214 24.58 -21.42 46.27
C ARG D 214 23.49 -21.36 45.20
N LEU D 215 22.24 -21.35 45.65
CA LEU D 215 21.11 -21.34 44.73
C LEU D 215 21.09 -20.07 43.89
N ALA D 216 21.39 -18.93 44.50
CA ALA D 216 21.45 -17.68 43.75
C ALA D 216 22.53 -17.73 42.68
N ARG D 217 23.70 -18.27 43.01
CA ARG D 217 24.76 -18.41 42.02
C ARG D 217 24.35 -19.38 40.92
N LYS D 218 23.67 -20.48 41.28
CA LYS D 218 23.17 -21.42 40.29
C LYS D 218 22.26 -20.73 39.29
N TYR D 219 21.28 -19.97 39.79
CA TYR D 219 20.33 -19.34 38.87
C TYR D 219 20.99 -18.25 38.04
N VAL D 220 21.86 -17.42 38.66
CA VAL D 220 22.45 -16.32 37.88
C VAL D 220 23.41 -16.87 36.83
N TYR D 221 24.15 -17.94 37.13
CA TYR D 221 25.04 -18.50 36.12
C TYR D 221 24.24 -19.18 35.02
N SER D 222 23.16 -19.88 35.38
CA SER D 222 22.32 -20.50 34.35
C SER D 222 21.70 -19.44 33.46
N LEU D 223 21.22 -18.35 34.06
CA LEU D 223 20.65 -17.24 33.29
C LEU D 223 21.70 -16.59 32.40
N TYR D 224 22.93 -16.45 32.91
CA TYR D 224 24.03 -15.92 32.12
C TYR D 224 24.33 -16.82 30.93
N TRP D 225 24.41 -18.13 31.15
CA TRP D 225 24.63 -19.07 30.06
C TRP D 225 23.51 -18.99 29.03
N SER D 226 22.27 -18.91 29.50
CA SER D 226 21.11 -18.85 28.60
C SER D 226 21.11 -17.55 27.80
N THR D 227 21.47 -16.43 28.43
CA THR D 227 21.55 -15.16 27.72
C THR D 227 22.68 -15.18 26.70
N LEU D 228 23.80 -15.80 27.05
CA LEU D 228 24.91 -15.94 26.11
C LEU D 228 24.51 -16.76 24.89
N THR D 229 23.78 -17.85 25.11
CA THR D 229 23.51 -18.78 24.02
C THR D 229 22.31 -18.34 23.18
N LEU D 230 21.29 -17.74 23.82
CA LEU D 230 20.07 -17.36 23.12
C LEU D 230 20.15 -15.99 22.44
N THR D 231 21.24 -15.26 22.61
CA THR D 231 21.40 -13.94 21.99
C THR D 231 22.54 -13.93 20.99
N THR D 232 22.90 -15.11 20.47
CA THR D 232 23.91 -15.27 19.40
C THR D 232 25.26 -14.65 19.79
N ILE D 233 25.63 -14.82 21.05
CA ILE D 233 26.91 -14.32 21.56
C ILE D 233 27.90 -15.47 21.77
N GLY D 234 27.45 -16.55 22.39
CA GLY D 234 28.34 -17.66 22.67
C GLY D 234 29.16 -17.37 23.90
N GLU D 235 30.47 -17.62 23.81
CA GLU D 235 31.43 -17.40 24.90
C GLU D 235 31.08 -18.20 26.14
N THR D 236 30.42 -19.33 25.95
CA THR D 236 30.22 -20.34 26.97
C THR D 236 31.33 -21.37 26.89
N PRO D 237 31.55 -22.15 27.94
CA PRO D 237 32.45 -23.30 27.83
C PRO D 237 31.99 -24.24 26.74
N PRO D 238 32.91 -24.71 25.90
CA PRO D 238 32.50 -25.52 24.75
C PRO D 238 31.97 -26.87 25.19
N PRO D 239 31.07 -27.48 24.42
CA PRO D 239 30.52 -28.78 24.80
C PRO D 239 31.57 -29.88 24.73
N VAL D 240 31.34 -30.92 25.52
CA VAL D 240 32.23 -32.08 25.59
C VAL D 240 31.53 -33.33 25.06
N ARG D 241 30.34 -33.62 25.56
CA ARG D 241 29.60 -34.81 25.18
C ARG D 241 28.75 -34.54 23.93
N ASP D 242 28.35 -35.63 23.28
CA ASP D 242 27.55 -35.53 22.06
C ASP D 242 26.19 -34.88 22.34
N SER D 243 25.56 -35.25 23.46
CA SER D 243 24.29 -34.64 23.83
C SER D 243 24.44 -33.15 24.07
N GLU D 244 25.56 -32.74 24.69
CA GLU D 244 25.81 -31.32 24.90
C GLU D 244 26.01 -30.59 23.57
N TYR D 245 26.71 -31.22 22.62
CA TYR D 245 26.87 -30.62 21.30
C TYR D 245 25.53 -30.46 20.60
N VAL D 246 24.67 -31.49 20.68
CA VAL D 246 23.35 -31.42 20.06
C VAL D 246 22.52 -30.31 20.68
N PHE D 247 22.52 -30.25 22.02
CA PHE D 247 21.73 -29.24 22.70
C PHE D 247 22.24 -27.84 22.40
N VAL D 248 23.56 -27.67 22.29
CA VAL D 248 24.13 -26.37 21.98
C VAL D 248 23.78 -25.95 20.55
N VAL D 249 23.80 -26.89 19.60
CA VAL D 249 23.42 -26.58 18.23
C VAL D 249 21.96 -26.15 18.17
N VAL D 250 21.08 -26.95 18.78
CA VAL D 250 19.64 -26.65 18.77
C VAL D 250 19.37 -25.33 19.48
N ASP D 251 20.05 -25.09 20.61
CA ASP D 251 19.82 -23.90 21.40
C ASP D 251 20.35 -22.65 20.71
N PHE D 252 21.47 -22.77 19.97
CA PHE D 252 21.96 -21.62 19.22
C PHE D 252 21.05 -21.32 18.04
N LEU D 253 20.50 -22.35 17.39
CA LEU D 253 19.53 -22.10 16.33
C LEU D 253 18.26 -21.45 16.87
N ILE D 254 17.81 -21.92 18.04
CA ILE D 254 16.64 -21.32 18.69
C ILE D 254 16.94 -19.88 19.09
N GLY D 255 18.16 -19.60 19.55
CA GLY D 255 18.54 -18.25 19.86
C GLY D 255 18.63 -17.35 18.64
N VAL D 256 19.08 -17.91 17.51
CA VAL D 256 19.07 -17.15 16.26
C VAL D 256 17.65 -16.79 15.86
N LEU D 257 16.73 -17.75 15.98
CA LEU D 257 15.32 -17.47 15.71
C LEU D 257 14.76 -16.43 16.67
N ILE D 258 15.14 -16.51 17.95
CA ILE D 258 14.66 -15.56 18.96
C ILE D 258 15.17 -14.16 18.66
N PHE D 259 16.45 -14.05 18.32
CA PHE D 259 17.03 -12.76 17.98
C PHE D 259 16.42 -12.18 16.72
N ALA D 260 16.17 -13.02 15.72
CA ALA D 260 15.50 -12.55 14.51
C ALA D 260 14.08 -12.10 14.80
N THR D 261 13.40 -12.78 15.72
CA THR D 261 12.06 -12.35 16.12
C THR D 261 12.10 -11.02 16.85
N ILE D 262 13.10 -10.82 17.72
CA ILE D 262 13.27 -9.54 18.41
C ILE D 262 13.49 -8.43 17.40
N VAL D 263 14.39 -8.66 16.44
CA VAL D 263 14.72 -7.66 15.44
C VAL D 263 13.51 -7.37 14.56
N GLY D 264 12.77 -8.41 14.18
CA GLY D 264 11.59 -8.23 13.36
C GLY D 264 10.50 -7.44 14.06
N ASN D 265 10.25 -7.75 15.34
CA ASN D 265 9.24 -7.02 16.09
C ASN D 265 9.64 -5.56 16.29
N ILE D 266 10.90 -5.32 16.63
CA ILE D 266 11.37 -3.96 16.87
C ILE D 266 11.39 -3.16 15.56
N GLY D 267 11.80 -3.81 14.47
CA GLY D 267 11.79 -3.12 13.18
C GLY D 267 10.39 -2.83 12.67
N SER D 268 9.45 -3.76 12.91
CA SER D 268 8.05 -3.50 12.58
C SER D 268 7.51 -2.34 13.38
N MET D 269 7.83 -2.28 14.68
CA MET D 269 7.42 -1.16 15.52
C MET D 269 8.02 0.15 15.03
N ILE D 270 9.31 0.14 14.68
CA ILE D 270 9.97 1.35 14.19
C ILE D 270 9.36 1.81 12.87
N SER D 271 9.06 0.87 11.98
CA SER D 271 8.40 1.21 10.72
C SER D 271 7.01 1.78 10.97
N ASN D 272 6.30 1.25 11.96
CA ASN D 272 4.97 1.77 12.27
C ASN D 272 5.04 3.18 12.87
N MET D 273 6.05 3.47 13.68
CA MET D 273 6.17 4.81 14.28
C MET D 273 6.41 5.87 13.22
N ASN D 274 7.32 5.63 12.27
CA ASN D 274 7.65 6.61 11.26
C ASN D 274 6.93 6.36 9.94
N ALA D 275 5.89 5.53 9.94
CA ALA D 275 5.11 5.34 8.74
C ALA D 275 4.42 6.62 8.31
N ALA D 276 3.85 7.36 9.27
CA ALA D 276 3.24 8.64 8.96
C ALA D 276 4.27 9.65 8.47
N ARG D 277 5.43 9.70 9.13
CA ARG D 277 6.49 10.60 8.68
C ARG D 277 7.02 10.21 7.32
N ALA D 278 7.18 8.91 7.07
CA ALA D 278 7.67 8.45 5.77
C ALA D 278 6.68 8.78 4.66
N GLU D 279 5.39 8.58 4.90
CA GLU D 279 4.41 8.89 3.87
C GLU D 279 4.28 10.39 3.65
N PHE D 280 4.36 11.19 4.72
CA PHE D 280 4.34 12.65 4.57
C PHE D 280 5.54 13.13 3.80
N GLN D 281 6.72 12.57 4.08
CA GLN D 281 7.92 12.89 3.31
C GLN D 281 7.79 12.44 1.86
N ALA D 282 7.08 11.34 1.61
CA ALA D 282 6.82 10.92 0.24
C ALA D 282 5.95 11.95 -0.49
N ARG D 283 4.91 12.45 0.17
CA ARG D 283 4.08 13.48 -0.45
C ARG D 283 4.89 14.75 -0.72
N ILE D 284 5.71 15.16 0.24
CA ILE D 284 6.52 16.37 0.06
C ILE D 284 7.53 16.17 -1.07
N ASP D 285 8.15 14.99 -1.14
CA ASP D 285 9.13 14.72 -2.20
C ASP D 285 8.47 14.67 -3.57
N ALA D 286 7.26 14.12 -3.65
CA ALA D 286 6.54 14.13 -4.92
C ALA D 286 6.17 15.55 -5.33
N ILE D 287 5.76 16.39 -4.37
CA ILE D 287 5.45 17.78 -4.67
C ILE D 287 6.71 18.52 -5.14
N LYS D 288 7.84 18.28 -4.48
CA LYS D 288 9.10 18.89 -4.90
C LYS D 288 9.51 18.43 -6.29
N GLN D 289 9.31 17.14 -6.58
CA GLN D 289 9.59 16.62 -7.91
C GLN D 289 8.73 17.31 -8.97
N TYR D 290 7.44 17.51 -8.66
CA TYR D 290 6.56 18.20 -9.60
C TYR D 290 6.97 19.66 -9.78
N MET D 291 7.36 20.32 -8.70
CA MET D 291 7.71 21.74 -8.78
C MET D 291 9.03 21.95 -9.51
N HIS D 292 10.00 21.05 -9.33
CA HIS D 292 11.22 21.10 -10.14
C HIS D 292 10.93 20.75 -11.59
N PHE D 293 9.99 19.83 -11.83
CA PHE D 293 9.57 19.50 -13.18
C PHE D 293 8.96 20.70 -13.88
N ARG D 294 8.03 21.38 -13.21
CA ARG D 294 7.24 22.42 -13.86
C ARG D 294 7.93 23.79 -13.86
N ASN D 295 9.16 23.88 -13.35
CA ASN D 295 9.88 25.14 -13.22
C ASN D 295 9.07 26.17 -12.44
N VAL D 296 8.46 25.72 -11.34
CA VAL D 296 7.69 26.60 -10.49
C VAL D 296 8.61 27.61 -9.82
N SER D 297 8.10 28.82 -9.63
CA SER D 297 8.88 29.90 -9.03
C SER D 297 9.30 29.54 -7.61
N LYS D 298 10.45 30.08 -7.21
CA LYS D 298 11.05 29.70 -5.93
C LYS D 298 10.21 30.16 -4.74
N ASP D 299 9.54 31.31 -4.86
CA ASP D 299 8.68 31.78 -3.78
C ASP D 299 7.51 30.84 -3.56
N MET D 300 6.93 30.31 -4.65
CA MET D 300 5.84 29.36 -4.53
C MET D 300 6.30 28.07 -3.86
N GLU D 301 7.50 27.60 -4.22
CA GLU D 301 8.07 26.42 -3.57
C GLU D 301 8.31 26.67 -2.09
N LYS D 302 8.78 27.86 -1.73
CA LYS D 302 8.97 28.20 -0.33
C LYS D 302 7.66 28.22 0.42
N ARG D 303 6.60 28.75 -0.19
CA ARG D 303 5.29 28.75 0.44
C ARG D 303 4.77 27.33 0.62
N VAL D 304 5.00 26.46 -0.38
CA VAL D 304 4.56 25.07 -0.27
C VAL D 304 5.30 24.36 0.85
N ILE D 305 6.62 24.58 0.95
CA ILE D 305 7.43 23.98 2.01
C ILE D 305 6.95 24.48 3.38
N LYS D 306 6.70 25.78 3.50
CA LYS D 306 6.21 26.35 4.75
C LYS D 306 4.85 25.79 5.13
N TRP D 307 3.98 25.61 4.14
CA TRP D 307 2.65 25.04 4.40
C TRP D 307 2.76 23.61 4.89
N PHE D 308 3.63 22.81 4.28
CA PHE D 308 3.78 21.43 4.71
C PHE D 308 4.43 21.34 6.09
N ASP D 309 5.36 22.25 6.39
CA ASP D 309 5.93 22.33 7.73
C ASP D 309 4.87 22.71 8.75
N TYR D 310 3.98 23.62 8.38
CA TYR D 310 2.85 23.98 9.27
C TYR D 310 1.94 22.78 9.49
N LEU D 311 1.69 22.00 8.43
CA LEU D 311 0.85 20.82 8.56
C LEU D 311 1.48 19.79 9.50
N TRP D 312 2.79 19.58 9.38
CA TRP D 312 3.43 18.58 10.22
C TRP D 312 3.57 19.05 11.67
N THR D 313 3.95 20.31 11.86
CA THR D 313 4.16 20.82 13.22
C THR D 313 2.86 20.86 14.01
N ASN D 314 1.77 21.29 13.39
CA ASN D 314 0.49 21.45 14.06
C ASN D 314 -0.39 20.21 13.95
N LYS D 315 0.17 19.08 13.48
CA LYS D 315 -0.53 17.79 13.42
C LYS D 315 -1.79 17.88 12.57
N LYS D 316 -1.66 18.46 11.39
CA LYS D 316 -2.75 18.62 10.45
C LYS D 316 -2.45 17.92 9.13
N THR D 317 -1.60 16.88 9.18
CA THR D 317 -1.14 16.23 7.96
C THR D 317 -2.25 15.45 7.27
N VAL D 318 -3.06 14.73 8.04
CA VAL D 318 -4.10 13.89 7.46
C VAL D 318 -5.25 14.77 6.97
N ASP D 319 -5.73 14.47 5.77
CA ASP D 319 -6.88 15.18 5.21
C ASP D 319 -8.16 14.65 5.83
N GLU D 320 -9.13 15.56 5.99
CA GLU D 320 -10.35 15.22 6.71
C GLU D 320 -11.22 14.22 5.96
N LYS D 321 -11.24 14.29 4.63
CA LYS D 321 -12.12 13.41 3.85
C LYS D 321 -11.70 11.95 3.98
N GLU D 322 -10.42 11.66 3.73
CA GLU D 322 -9.93 10.29 3.81
C GLU D 322 -9.99 9.74 5.23
N VAL D 323 -9.76 10.60 6.23
CA VAL D 323 -9.89 10.18 7.61
C VAL D 323 -11.34 9.82 7.94
N LEU D 324 -12.28 10.65 7.50
CA LEU D 324 -13.69 10.38 7.78
C LEU D 324 -14.23 9.20 6.99
N LYS D 325 -13.58 8.83 5.87
CA LYS D 325 -14.04 7.65 5.14
C LYS D 325 -13.86 6.37 5.96
N TYR D 326 -12.94 6.35 6.91
CA TYR D 326 -12.77 5.15 7.74
C TYR D 326 -13.96 4.95 8.67
N LEU D 327 -14.57 6.04 9.15
CA LEU D 327 -15.72 5.94 10.02
C LEU D 327 -16.95 5.46 9.23
N PRO D 328 -17.88 4.77 9.89
CA PRO D 328 -19.14 4.41 9.24
C PRO D 328 -19.99 5.65 8.99
N ASP D 329 -21.02 5.46 8.15
CA ASP D 329 -21.85 6.58 7.74
C ASP D 329 -22.56 7.22 8.94
N LYS D 330 -23.07 6.41 9.86
CA LYS D 330 -23.71 6.96 11.05
C LYS D 330 -22.71 7.67 11.95
N LEU D 331 -21.55 7.05 12.18
CA LEU D 331 -20.55 7.67 13.04
C LEU D 331 -19.93 8.90 12.39
N ARG D 332 -19.71 8.86 11.08
CA ARG D 332 -19.23 10.03 10.36
C ARG D 332 -20.25 11.16 10.42
N ALA D 333 -21.55 10.83 10.29
CA ALA D 333 -22.59 11.83 10.39
C ALA D 333 -22.63 12.43 11.79
N GLU D 334 -22.47 11.60 12.83
CA GLU D 334 -22.45 12.12 14.19
C GLU D 334 -21.24 13.02 14.43
N ILE D 335 -20.07 12.62 13.92
CA ILE D 335 -18.88 13.46 14.04
C ILE D 335 -19.10 14.80 13.35
N ALA D 336 -19.63 14.78 12.13
CA ALA D 336 -19.87 16.00 11.39
C ALA D 336 -20.89 16.90 12.10
N ILE D 337 -21.94 16.29 12.66
CA ILE D 337 -22.93 17.05 13.41
C ILE D 337 -22.28 17.73 14.61
N ASN D 338 -21.51 16.97 15.39
CA ASN D 338 -20.84 17.49 16.57
C ASN D 338 -19.89 18.63 16.21
N VAL D 339 -19.26 18.56 15.03
CA VAL D 339 -18.32 19.59 14.64
C VAL D 339 -19.03 20.84 14.13
N HIS D 340 -20.06 20.69 13.30
CA HIS D 340 -20.57 21.82 12.51
C HIS D 340 -22.01 22.25 12.78
N LEU D 341 -22.77 21.55 13.63
CA LEU D 341 -24.21 21.81 13.69
C LEU D 341 -24.52 23.17 14.29
N ASP D 342 -23.84 23.55 15.37
CA ASP D 342 -24.10 24.84 16.00
C ASP D 342 -23.76 25.99 15.07
N THR D 343 -22.58 25.92 14.43
CA THR D 343 -22.17 27.01 13.57
C THR D 343 -22.96 27.04 12.26
N LEU D 344 -23.57 25.91 11.85
CA LEU D 344 -24.50 25.98 10.73
C LEU D 344 -25.84 26.57 11.14
N LYS D 345 -26.29 26.26 12.36
CA LYS D 345 -27.54 26.83 12.85
C LYS D 345 -27.43 28.33 13.09
N LYS D 346 -26.21 28.83 13.39
CA LYS D 346 -26.03 30.26 13.54
C LYS D 346 -26.15 31.04 12.24
N VAL D 347 -26.08 30.35 11.09
CA VAL D 347 -26.30 31.02 9.81
C VAL D 347 -27.77 31.41 9.69
N ARG D 348 -28.03 32.64 9.23
CA ARG D 348 -29.37 33.18 9.29
C ARG D 348 -30.33 32.50 8.30
N ILE D 349 -29.83 32.08 7.14
CA ILE D 349 -30.71 31.39 6.19
C ILE D 349 -31.04 29.98 6.70
N PHE D 350 -30.10 29.33 7.36
CA PHE D 350 -30.28 27.97 7.85
C PHE D 350 -30.74 27.93 9.31
N ALA D 351 -31.10 29.07 9.88
CA ALA D 351 -31.48 29.10 11.30
C ALA D 351 -32.76 28.33 11.54
N ASP D 352 -33.82 28.65 10.78
CA ASP D 352 -35.09 27.94 10.89
C ASP D 352 -35.22 26.95 9.73
N CYS D 353 -34.50 25.84 9.83
CA CYS D 353 -34.57 24.78 8.84
C CYS D 353 -34.73 23.44 9.54
N GLU D 354 -35.20 22.46 8.75
CA GLU D 354 -35.43 21.13 9.28
C GLU D 354 -34.11 20.48 9.68
N ALA D 355 -34.18 19.60 10.68
CA ALA D 355 -32.98 18.97 11.22
C ALA D 355 -32.28 18.11 10.18
N GLY D 356 -33.05 17.36 9.39
CA GLY D 356 -32.44 16.50 8.37
C GLY D 356 -31.72 17.29 7.31
N LEU D 357 -32.30 18.42 6.87
CA LEU D 357 -31.64 19.27 5.90
C LEU D 357 -30.35 19.85 6.46
N LEU D 358 -30.38 20.27 7.73
CA LEU D 358 -29.17 20.78 8.37
C LEU D 358 -28.09 19.70 8.45
N VAL D 359 -28.48 18.47 8.78
CA VAL D 359 -27.52 17.37 8.84
C VAL D 359 -26.91 17.10 7.47
N GLU D 360 -27.75 17.11 6.42
CA GLU D 360 -27.25 16.91 5.07
C GLU D 360 -26.31 18.01 4.65
N LEU D 361 -26.63 19.26 5.00
CA LEU D 361 -25.76 20.38 4.65
C LEU D 361 -24.43 20.30 5.41
N VAL D 362 -24.47 19.84 6.66
CA VAL D 362 -23.24 19.62 7.41
C VAL D 362 -22.40 18.54 6.74
N LEU D 363 -23.02 17.44 6.32
CA LEU D 363 -22.31 16.40 5.61
C LEU D 363 -21.78 16.88 4.26
N LYS D 364 -22.38 17.91 3.69
CA LYS D 364 -21.93 18.48 2.42
C LYS D 364 -20.83 19.53 2.57
N LEU D 365 -20.37 19.79 3.79
CA LEU D 365 -19.33 20.79 4.00
C LEU D 365 -17.96 20.23 3.66
N GLN D 366 -17.16 21.03 2.97
CA GLN D 366 -15.81 20.67 2.59
C GLN D 366 -14.80 21.59 3.25
N PRO D 367 -13.81 21.06 3.95
CA PRO D 367 -12.81 21.92 4.61
C PRO D 367 -11.92 22.62 3.60
N GLN D 368 -11.47 23.82 3.99
CA GLN D 368 -10.47 24.56 3.23
C GLN D 368 -9.58 25.32 4.21
N VAL D 369 -8.28 25.17 4.06
CA VAL D 369 -7.30 25.80 4.95
C VAL D 369 -6.48 26.79 4.13
N TYR D 370 -6.30 27.99 4.67
CA TYR D 370 -5.62 29.07 3.96
C TYR D 370 -4.44 29.57 4.79
N SER D 371 -3.32 29.80 4.11
CA SER D 371 -2.13 30.36 4.73
C SER D 371 -2.36 31.84 5.04
N PRO D 372 -1.57 32.42 5.95
CA PRO D 372 -1.66 33.87 6.18
C PRO D 372 -1.33 34.65 4.92
N GLY D 373 -2.09 35.71 4.68
CA GLY D 373 -1.93 36.53 3.50
C GLY D 373 -2.65 36.00 2.27
N ASP D 374 -3.25 34.82 2.35
CA ASP D 374 -4.02 34.28 1.24
C ASP D 374 -5.34 35.01 1.12
N TYR D 375 -5.91 34.98 -0.08
CA TYR D 375 -7.19 35.62 -0.36
C TYR D 375 -8.25 34.54 -0.51
N ILE D 376 -9.30 34.63 0.31
CA ILE D 376 -10.42 33.70 0.20
C ILE D 376 -11.16 33.94 -1.10
N CYS D 377 -11.46 35.21 -1.40
CA CYS D 377 -12.10 35.61 -2.64
C CYS D 377 -11.83 37.10 -2.85
N LYS D 378 -11.69 37.47 -4.12
CA LYS D 378 -11.52 38.86 -4.51
C LYS D 378 -12.77 39.37 -5.20
N LYS D 379 -12.86 40.69 -5.35
CA LYS D 379 -13.99 41.29 -6.03
C LYS D 379 -14.00 40.89 -7.50
N GLY D 380 -15.18 40.53 -8.00
CA GLY D 380 -15.32 40.04 -9.35
C GLY D 380 -15.19 38.54 -9.50
N ASP D 381 -14.81 37.83 -8.44
CA ASP D 381 -14.73 36.38 -8.50
C ASP D 381 -16.14 35.79 -8.51
N ILE D 382 -16.22 34.53 -8.94
CA ILE D 382 -17.49 33.83 -8.99
C ILE D 382 -17.81 33.28 -7.60
N GLY D 383 -18.93 33.72 -7.05
CA GLY D 383 -19.38 33.21 -5.77
C GLY D 383 -20.33 32.05 -5.91
N ARG D 384 -19.82 30.83 -5.77
CA ARG D 384 -20.63 29.62 -5.85
C ARG D 384 -20.62 28.82 -4.57
N GLU D 385 -20.01 29.33 -3.50
CA GLU D 385 -19.90 28.59 -2.25
C GLU D 385 -19.96 29.54 -1.08
N MET D 386 -20.41 29.03 0.06
CA MET D 386 -20.56 29.80 1.29
C MET D 386 -19.63 29.23 2.36
N TYR D 387 -18.77 30.08 2.90
CA TYR D 387 -17.70 29.69 3.79
C TYR D 387 -18.12 29.85 5.25
N ILE D 388 -17.76 28.88 6.08
CA ILE D 388 -17.96 28.92 7.53
C ILE D 388 -16.58 28.99 8.18
N ILE D 389 -16.39 29.97 9.06
CA ILE D 389 -15.12 30.16 9.73
C ILE D 389 -15.13 29.29 10.99
N LYS D 390 -14.55 28.11 10.90
CA LYS D 390 -14.37 27.27 12.08
C LYS D 390 -13.34 27.86 13.03
N GLU D 391 -12.18 28.23 12.49
CA GLU D 391 -11.15 28.90 13.27
C GLU D 391 -10.31 29.75 12.33
N GLY D 392 -9.67 30.76 12.90
CA GLY D 392 -8.94 31.75 12.14
C GLY D 392 -9.69 33.08 12.06
N LYS D 393 -9.00 34.05 11.48
CA LYS D 393 -9.56 35.39 11.30
C LYS D 393 -9.48 35.78 9.84
N LEU D 394 -10.59 36.27 9.30
CA LEU D 394 -10.68 36.71 7.91
C LEU D 394 -10.92 38.21 7.91
N ALA D 395 -10.18 38.92 7.07
CA ALA D 395 -10.25 40.37 6.99
C ALA D 395 -10.93 40.79 5.69
N VAL D 396 -11.86 41.73 5.79
CA VAL D 396 -12.47 42.36 4.62
C VAL D 396 -11.58 43.55 4.27
N VAL D 397 -10.86 43.45 3.16
CA VAL D 397 -9.88 44.45 2.78
C VAL D 397 -10.34 45.17 1.53
N ALA D 398 -9.74 46.33 1.28
CA ALA D 398 -10.02 47.12 0.09
C ALA D 398 -9.13 46.63 -1.06
N ASP D 399 -9.07 47.42 -2.13
CA ASP D 399 -8.27 47.02 -3.30
C ASP D 399 -6.78 47.03 -2.98
N ASP D 400 -6.33 47.96 -2.15
CA ASP D 400 -4.91 48.00 -1.78
C ASP D 400 -4.54 46.85 -0.85
N GLY D 401 -5.48 46.38 -0.03
CA GLY D 401 -5.24 45.28 0.88
C GLY D 401 -4.62 45.68 2.21
N VAL D 402 -4.30 46.95 2.41
CA VAL D 402 -3.72 47.39 3.68
C VAL D 402 -4.78 47.90 4.65
N THR D 403 -5.94 48.32 4.15
CA THR D 403 -7.02 48.82 4.99
C THR D 403 -8.02 47.71 5.25
N GLN D 404 -8.38 47.54 6.53
CA GLN D 404 -9.28 46.48 6.94
C GLN D 404 -10.62 47.09 7.36
N PHE D 405 -11.70 46.58 6.76
CA PHE D 405 -13.03 47.08 7.09
C PHE D 405 -13.55 46.44 8.37
N VAL D 406 -13.64 45.12 8.39
CA VAL D 406 -14.09 44.38 9.58
C VAL D 406 -13.36 43.05 9.61
N VAL D 407 -13.08 42.56 10.82
CA VAL D 407 -12.41 41.29 11.02
C VAL D 407 -13.45 40.25 11.39
N LEU D 408 -13.49 39.15 10.65
CA LEU D 408 -14.43 38.06 10.88
C LEU D 408 -13.75 36.98 11.70
N SER D 409 -14.31 36.70 12.87
CA SER D 409 -13.74 35.70 13.79
C SER D 409 -14.37 34.34 13.51
N ASP D 410 -14.08 33.38 14.39
CA ASP D 410 -14.59 32.02 14.21
C ASP D 410 -16.09 31.96 14.41
N GLY D 411 -16.75 31.10 13.64
CA GLY D 411 -18.19 31.02 13.65
C GLY D 411 -18.89 31.96 12.69
N SER D 412 -18.19 32.96 12.17
CA SER D 412 -18.77 33.88 11.21
C SER D 412 -18.84 33.23 9.83
N TYR D 413 -19.57 33.88 8.94
CA TYR D 413 -19.82 33.32 7.61
C TYR D 413 -20.04 34.46 6.63
N PHE D 414 -19.89 34.13 5.35
CA PHE D 414 -20.16 35.07 4.28
C PHE D 414 -20.42 34.28 2.99
N GLY D 415 -21.04 34.95 2.03
CA GLY D 415 -21.42 34.29 0.79
C GLY D 415 -22.67 33.46 0.86
N GLU D 416 -23.55 33.72 1.83
CA GLU D 416 -24.77 32.92 1.97
C GLU D 416 -25.79 33.25 0.89
N ILE D 417 -25.78 34.48 0.38
CA ILE D 417 -26.71 34.85 -0.68
C ILE D 417 -26.32 34.20 -2.00
N SER D 418 -25.01 34.05 -2.23
CA SER D 418 -24.52 33.56 -3.53
C SER D 418 -24.97 32.13 -3.81
N ILE D 419 -25.00 31.28 -2.78
CA ILE D 419 -25.39 29.88 -2.97
C ILE D 419 -26.88 29.71 -3.20
N LEU D 420 -27.68 30.75 -2.95
CA LEU D 420 -29.11 30.72 -3.27
C LEU D 420 -29.30 31.35 -4.65
N ASN D 421 -29.85 30.57 -5.58
CA ASN D 421 -30.10 31.05 -6.94
C ASN D 421 -31.39 31.85 -6.92
N ILE D 422 -31.27 33.15 -6.62
CA ILE D 422 -32.41 34.04 -6.49
C ILE D 422 -32.50 34.91 -7.73
N LYS D 423 -33.68 34.91 -8.36
CA LYS D 423 -33.91 35.73 -9.54
C LYS D 423 -33.95 37.21 -9.15
N GLY D 424 -33.44 38.05 -10.05
CA GLY D 424 -33.51 39.49 -9.87
C GLY D 424 -32.42 40.08 -9.01
N SER D 425 -31.43 39.28 -8.61
CA SER D 425 -30.33 39.81 -7.80
C SER D 425 -29.45 40.71 -8.65
N LYS D 426 -29.16 41.91 -8.14
CA LYS D 426 -28.27 42.82 -8.86
C LYS D 426 -26.85 42.30 -8.88
N ALA D 427 -26.39 41.72 -7.77
CA ALA D 427 -25.04 41.14 -7.69
C ALA D 427 -25.16 39.63 -7.89
N GLY D 428 -25.23 39.23 -9.16
CA GLY D 428 -25.35 37.83 -9.50
C GLY D 428 -24.00 37.13 -9.54
N ASN D 429 -23.87 36.08 -8.74
CA ASN D 429 -22.70 35.20 -8.58
C ASN D 429 -21.36 35.92 -8.63
N ARG D 430 -21.28 37.11 -8.04
CA ARG D 430 -20.05 37.88 -7.99
C ARG D 430 -19.76 38.26 -6.54
N ARG D 431 -18.47 38.26 -6.20
CA ARG D 431 -18.03 38.63 -4.87
C ARG D 431 -17.92 40.15 -4.78
N THR D 432 -18.59 40.74 -3.81
CA THR D 432 -18.61 42.18 -3.63
C THR D 432 -17.55 42.68 -2.65
N ALA D 433 -16.75 41.78 -2.08
CA ALA D 433 -15.74 42.17 -1.11
C ALA D 433 -14.53 41.27 -1.25
N ASN D 434 -13.38 41.79 -0.84
CA ASN D 434 -12.13 41.05 -0.83
C ASN D 434 -11.90 40.49 0.57
N ILE D 435 -11.81 39.17 0.68
CA ILE D 435 -11.65 38.50 1.96
C ILE D 435 -10.23 37.93 2.00
N LYS D 436 -9.46 38.36 2.99
CA LYS D 436 -8.07 37.95 3.14
C LYS D 436 -7.89 37.22 4.47
N SER D 437 -7.15 36.13 4.44
CA SER D 437 -6.86 35.36 5.64
C SER D 437 -5.70 36.01 6.39
N ILE D 438 -5.99 36.54 7.58
CA ILE D 438 -4.94 37.15 8.39
C ILE D 438 -3.94 36.09 8.85
N GLY D 439 -4.43 34.94 9.30
CA GLY D 439 -3.56 33.86 9.72
C GLY D 439 -3.91 32.54 9.06
N TYR D 440 -3.55 31.44 9.72
CA TYR D 440 -3.88 30.10 9.22
C TYR D 440 -5.33 29.81 9.56
N SER D 441 -6.23 30.20 8.66
CA SER D 441 -7.66 30.03 8.87
C SER D 441 -8.12 28.70 8.28
N ASP D 442 -8.84 27.92 9.08
CA ASP D 442 -9.49 26.71 8.62
C ASP D 442 -10.96 27.02 8.36
N LEU D 443 -11.41 26.82 7.13
CA LEU D 443 -12.77 27.17 6.74
C LEU D 443 -13.47 25.95 6.17
N PHE D 444 -14.79 25.98 6.22
CA PHE D 444 -15.63 24.95 5.62
C PHE D 444 -16.59 25.63 4.65
N CYS D 445 -16.64 25.11 3.43
CA CYS D 445 -17.41 25.73 2.35
C CYS D 445 -18.60 24.85 2.00
N LEU D 446 -19.72 25.50 1.68
CA LEU D 446 -20.93 24.83 1.20
C LEU D 446 -21.20 25.37 -0.21
N SER D 447 -20.90 24.56 -1.22
CA SER D 447 -21.06 25.01 -2.59
C SER D 447 -22.53 25.07 -2.98
N LYS D 448 -22.79 25.78 -4.08
CA LYS D 448 -24.16 25.88 -4.58
C LYS D 448 -24.69 24.54 -5.05
N ASP D 449 -23.84 23.73 -5.69
CA ASP D 449 -24.26 22.41 -6.15
C ASP D 449 -24.58 21.49 -4.98
N ASP D 450 -23.78 21.55 -3.91
CA ASP D 450 -24.05 20.73 -2.73
C ASP D 450 -25.36 21.15 -2.05
N LEU D 451 -25.61 22.45 -1.96
CA LEU D 451 -26.87 22.92 -1.39
C LEU D 451 -28.05 22.51 -2.25
N MET D 452 -27.91 22.60 -3.57
CA MET D 452 -28.98 22.15 -4.47
C MET D 452 -29.26 20.66 -4.32
N GLU D 453 -28.20 19.85 -4.24
CA GLU D 453 -28.37 18.41 -4.10
C GLU D 453 -29.03 18.07 -2.77
N ALA D 454 -28.66 18.76 -1.70
CA ALA D 454 -29.31 18.54 -0.42
C ALA D 454 -30.76 19.02 -0.44
N LEU D 455 -31.06 20.06 -1.21
CA LEU D 455 -32.41 20.60 -1.28
C LEU D 455 -33.32 19.87 -2.26
N THR D 456 -32.77 18.94 -3.06
CA THR D 456 -33.61 18.11 -3.93
C THR D 456 -34.66 17.35 -3.13
N GLU D 457 -34.29 16.83 -1.96
CA GLU D 457 -35.22 16.08 -1.13
C GLU D 457 -36.01 16.97 -0.18
N TYR D 458 -35.78 18.27 -0.19
CA TYR D 458 -36.46 19.22 0.68
C TYR D 458 -37.00 20.36 -0.18
N PRO D 459 -38.12 20.15 -0.87
CA PRO D 459 -38.62 21.20 -1.76
C PRO D 459 -39.20 22.40 -1.03
N ASP D 460 -39.97 22.16 0.05
CA ASP D 460 -40.52 23.26 0.82
C ASP D 460 -39.40 24.05 1.51
N ALA D 461 -38.38 23.35 1.99
CA ALA D 461 -37.22 24.03 2.57
C ALA D 461 -36.49 24.86 1.53
N LYS D 462 -36.37 24.34 0.30
CA LYS D 462 -35.76 25.11 -0.78
C LYS D 462 -36.56 26.36 -1.10
N THR D 463 -37.89 26.23 -1.15
CA THR D 463 -38.74 27.38 -1.44
C THR D 463 -38.64 28.44 -0.35
N MET D 464 -38.64 28.03 0.91
CA MET D 464 -38.56 29.02 1.97
C MET D 464 -37.15 29.60 2.09
N LEU D 465 -36.13 28.84 1.71
CA LEU D 465 -34.77 29.38 1.63
C LEU D 465 -34.68 30.47 0.57
N GLU D 466 -35.27 30.22 -0.60
CA GLU D 466 -35.29 31.24 -1.66
C GLU D 466 -36.09 32.46 -1.22
N GLU D 467 -37.21 32.24 -0.53
CA GLU D 467 -38.02 33.37 -0.05
C GLU D 467 -37.26 34.18 0.99
N LYS D 468 -36.55 33.52 1.91
CA LYS D 468 -35.77 34.23 2.91
C LYS D 468 -34.61 35.00 2.27
N GLY D 469 -33.96 34.40 1.27
CA GLY D 469 -32.90 35.11 0.57
C GLY D 469 -33.42 36.32 -0.18
N LYS D 470 -34.60 36.19 -0.79
CA LYS D 470 -35.23 37.34 -1.45
C LYS D 470 -35.56 38.43 -0.43
N GLN D 471 -36.06 38.04 0.74
CA GLN D 471 -36.36 39.01 1.79
C GLN D 471 -35.10 39.71 2.27
N ILE D 472 -34.00 38.97 2.42
CA ILE D 472 -32.72 39.57 2.82
C ILE D 472 -32.24 40.55 1.76
N LEU D 473 -32.35 40.17 0.48
CA LEU D 473 -31.94 41.07 -0.60
C LEU D 473 -32.77 42.34 -0.62
N MET D 474 -34.09 42.23 -0.41
CA MET D 474 -34.94 43.42 -0.37
C MET D 474 -34.62 44.29 0.85
N LYS D 475 -34.35 43.66 2.00
CA LYS D 475 -34.04 44.41 3.20
C LYS D 475 -32.71 45.13 3.09
N ASP D 476 -31.75 44.52 2.40
CA ASP D 476 -30.41 45.10 2.25
C ASP D 476 -30.31 46.06 1.07
N GLY D 477 -31.42 46.35 0.40
CA GLY D 477 -31.41 47.28 -0.71
C GLY D 477 -31.09 46.67 -2.06
N LEU D 478 -30.78 45.38 -2.11
CA LEU D 478 -30.47 44.71 -3.37
C LEU D 478 -31.78 44.36 -4.09
N LEU D 479 -31.65 43.52 -5.13
CA LEU D 479 -32.78 43.04 -5.92
C LEU D 479 -33.59 44.18 -6.53
N GLU D 495 -49.40 25.17 -20.51
CA GLU D 495 -49.41 23.95 -21.30
C GLU D 495 -49.74 24.26 -22.76
N LYS D 496 -49.29 25.42 -23.23
CA LYS D 496 -49.51 25.79 -24.62
C LYS D 496 -48.69 24.93 -25.57
N VAL D 497 -47.51 24.46 -25.12
CA VAL D 497 -46.69 23.60 -25.95
C VAL D 497 -47.39 22.27 -26.22
N THR D 498 -48.05 21.71 -25.20
CA THR D 498 -48.82 20.48 -25.40
C THR D 498 -50.02 20.72 -26.28
N ARG D 499 -50.66 21.88 -26.14
CA ARG D 499 -51.78 22.24 -27.03
C ARG D 499 -51.31 22.39 -28.47
N MET D 500 -50.14 23.02 -28.67
CA MET D 500 -49.59 23.13 -30.01
C MET D 500 -49.07 21.78 -30.51
N GLU D 501 -48.68 20.89 -29.59
CA GLU D 501 -48.27 19.54 -29.98
C GLU D 501 -49.45 18.75 -30.54
N GLY D 502 -50.64 18.94 -29.97
CA GLY D 502 -51.83 18.32 -30.52
C GLY D 502 -52.15 18.88 -31.91
N SER D 503 -51.95 20.19 -32.09
CA SER D 503 -52.08 20.77 -33.42
C SER D 503 -51.00 20.24 -34.36
N VAL D 504 -49.78 20.07 -33.84
CA VAL D 504 -48.71 19.47 -34.63
C VAL D 504 -49.01 18.00 -34.95
N ASP D 505 -49.66 17.29 -34.02
CA ASP D 505 -50.11 15.94 -34.32
C ASP D 505 -51.16 15.94 -35.42
N LEU D 506 -52.08 16.90 -35.38
CA LEU D 506 -53.06 17.02 -36.44
C LEU D 506 -52.44 17.52 -37.74
N LEU D 507 -51.40 18.35 -37.64
CA LEU D 507 -50.72 18.84 -38.84
C LEU D 507 -50.03 17.71 -39.60
N GLN D 508 -49.39 16.79 -38.87
CA GLN D 508 -48.72 15.66 -39.51
C GLN D 508 -49.73 14.71 -40.14
N THR D 509 -50.85 14.46 -39.46
CA THR D 509 -51.87 13.59 -40.01
C THR D 509 -52.53 14.20 -41.25
N ARG D 510 -52.75 15.51 -41.23
CA ARG D 510 -53.30 16.19 -42.41
C ARG D 510 -52.30 16.22 -43.55
N PHE D 511 -51.00 16.35 -43.24
CA PHE D 511 -49.98 16.33 -44.27
C PHE D 511 -49.85 14.95 -44.92
N ALA D 512 -50.04 13.89 -44.15
CA ALA D 512 -50.01 12.54 -44.70
C ALA D 512 -51.26 12.20 -45.49
N ARG D 513 -52.34 12.96 -45.31
CA ARG D 513 -53.56 12.72 -46.08
C ARG D 513 -53.36 13.00 -47.56
N ILE D 514 -52.64 14.08 -47.89
CA ILE D 514 -52.36 14.39 -49.29
C ILE D 514 -51.40 13.38 -49.90
N LEU D 515 -50.48 12.83 -49.12
CA LEU D 515 -49.58 11.80 -49.63
C LEU D 515 -50.34 10.53 -49.99
N ALA D 516 -51.31 10.14 -49.16
CA ALA D 516 -52.15 8.99 -49.49
C ALA D 516 -53.06 9.31 -50.68
N GLU D 517 -53.56 10.55 -50.75
CA GLU D 517 -54.38 10.95 -51.89
C GLU D 517 -53.56 11.01 -53.17
N TYR D 518 -52.29 11.41 -53.08
CA TYR D 518 -51.42 11.40 -54.25
C TYR D 518 -51.18 9.99 -54.75
N GLU D 519 -51.01 9.03 -53.84
CA GLU D 519 -50.87 7.63 -54.25
C GLU D 519 -52.15 7.12 -54.89
N SER D 520 -53.31 7.50 -54.35
CA SER D 520 -54.58 7.10 -54.95
C SER D 520 -54.77 7.75 -56.32
N MET D 521 -54.40 9.02 -56.45
CA MET D 521 -54.50 9.70 -57.74
C MET D 521 -53.53 9.12 -58.76
N GLN D 522 -52.32 8.74 -58.32
CA GLN D 522 -51.35 8.16 -59.24
C GLN D 522 -51.81 6.79 -59.73
N GLN D 523 -52.44 6.00 -58.86
CA GLN D 523 -52.98 4.71 -59.29
C GLN D 523 -54.11 4.88 -60.28
N LYS D 524 -54.99 5.86 -60.05
CA LYS D 524 -56.09 6.11 -60.97
C LYS D 524 -55.59 6.65 -62.31
N LEU D 525 -54.58 7.52 -62.29
CA LEU D 525 -54.04 8.06 -63.52
C LEU D 525 -53.30 6.99 -64.32
N LYS D 526 -52.54 6.14 -63.64
CA LYS D 526 -51.84 5.06 -64.32
C LYS D 526 -52.81 4.05 -64.92
N GLN D 527 -53.89 3.74 -64.18
CA GLN D 527 -54.91 2.83 -64.70
C GLN D 527 -55.64 3.45 -65.89
N ARG D 528 -55.88 4.77 -65.84
CA ARG D 528 -56.52 5.45 -66.96
C ARG D 528 -55.64 5.41 -68.21
N LEU D 529 -54.33 5.60 -68.03
CA LEU D 529 -53.41 5.47 -69.16
C LEU D 529 -53.33 4.03 -69.65
N THR D 530 -53.35 3.07 -68.72
CA THR D 530 -53.29 1.66 -69.11
C THR D 530 -54.56 1.24 -69.84
N LYS D 531 -55.72 1.72 -69.40
CA LYS D 531 -56.97 1.42 -70.08
C LYS D 531 -56.99 2.03 -71.48
N VAL D 532 -56.46 3.25 -71.63
CA VAL D 532 -56.40 3.89 -72.94
C VAL D 532 -55.37 3.25 -73.85
N GLU D 533 -54.42 2.48 -73.31
CA GLU D 533 -53.41 1.82 -74.11
C GLU D 533 -53.97 0.59 -74.81
#